data_1BY2
# 
_entry.id   1BY2 
# 
_audit_conform.dict_name       mmcif_pdbx.dic 
_audit_conform.dict_version    5.399 
_audit_conform.dict_location   http://mmcif.pdb.org/dictionaries/ascii/mmcif_pdbx.dic 
# 
loop_
_database_2.database_id 
_database_2.database_code 
_database_2.pdbx_database_accession 
_database_2.pdbx_DOI 
PDB   1BY2         pdb_00001by2 10.2210/pdb1by2/pdb 
WWPDB D_1000172143 ?            ?                   
# 
loop_
_pdbx_audit_revision_history.ordinal 
_pdbx_audit_revision_history.data_content_type 
_pdbx_audit_revision_history.major_revision 
_pdbx_audit_revision_history.minor_revision 
_pdbx_audit_revision_history.revision_date 
1 'Structure model' 1 0 1999-05-18 
2 'Structure model' 1 1 2008-03-24 
3 'Structure model' 1 2 2011-07-13 
4 'Structure model' 1 3 2020-07-29 
5 'Structure model' 1 4 2024-11-20 
# 
loop_
_pdbx_audit_revision_details.ordinal 
_pdbx_audit_revision_details.revision_ordinal 
_pdbx_audit_revision_details.data_content_type 
_pdbx_audit_revision_details.provider 
_pdbx_audit_revision_details.type 
_pdbx_audit_revision_details.description 
_pdbx_audit_revision_details.details 
1 1 'Structure model' repository 'Initial release' ?                          ? 
2 4 'Structure model' repository Remediation       'Carbohydrate remediation' ? 
# 
loop_
_pdbx_audit_revision_group.ordinal 
_pdbx_audit_revision_group.revision_ordinal 
_pdbx_audit_revision_group.data_content_type 
_pdbx_audit_revision_group.group 
1  2 'Structure model' 'Version format compliance' 
2  3 'Structure model' 'Non-polymer description'   
3  3 'Structure model' 'Version format compliance' 
4  4 'Structure model' Advisory                    
5  4 'Structure model' 'Data collection'           
6  4 'Structure model' 'Derived calculations'      
7  4 'Structure model' 'Structure summary'         
8  5 'Structure model' Advisory                    
9  5 'Structure model' 'Data collection'           
10 5 'Structure model' 'Database references'       
11 5 'Structure model' 'Structure summary'         
# 
loop_
_pdbx_audit_revision_category.ordinal 
_pdbx_audit_revision_category.revision_ordinal 
_pdbx_audit_revision_category.data_content_type 
_pdbx_audit_revision_category.category 
1  4 'Structure model' chem_comp                    
2  4 'Structure model' entity                       
3  4 'Structure model' pdbx_chem_comp_identifier    
4  4 'Structure model' pdbx_entity_nonpoly          
5  4 'Structure model' pdbx_unobs_or_zero_occ_atoms 
6  4 'Structure model' struct_conn                  
7  4 'Structure model' struct_site                  
8  4 'Structure model' struct_site_gen              
9  5 'Structure model' chem_comp                    
10 5 'Structure model' chem_comp_atom               
11 5 'Structure model' chem_comp_bond               
12 5 'Structure model' database_2                   
13 5 'Structure model' pdbx_entry_details           
14 5 'Structure model' pdbx_modification_feature    
15 5 'Structure model' pdbx_unobs_or_zero_occ_atoms 
# 
loop_
_pdbx_audit_revision_item.ordinal 
_pdbx_audit_revision_item.revision_ordinal 
_pdbx_audit_revision_item.data_content_type 
_pdbx_audit_revision_item.item 
1  4 'Structure model' '_chem_comp.name'                     
2  4 'Structure model' '_chem_comp.type'                     
3  4 'Structure model' '_entity.pdbx_description'            
4  4 'Structure model' '_pdbx_entity_nonpoly.name'           
5  4 'Structure model' '_struct_conn.pdbx_leaving_atom_flag' 
6  4 'Structure model' '_struct_conn.pdbx_role'              
7  4 'Structure model' '_struct_conn.ptnr1_auth_comp_id'     
8  4 'Structure model' '_struct_conn.ptnr1_auth_seq_id'      
9  4 'Structure model' '_struct_conn.ptnr1_label_asym_id'    
10 4 'Structure model' '_struct_conn.ptnr1_label_atom_id'    
11 4 'Structure model' '_struct_conn.ptnr1_label_comp_id'    
12 4 'Structure model' '_struct_conn.ptnr1_label_seq_id'     
13 4 'Structure model' '_struct_conn.ptnr2_auth_comp_id'     
14 4 'Structure model' '_struct_conn.ptnr2_auth_seq_id'      
15 4 'Structure model' '_struct_conn.ptnr2_label_asym_id'    
16 4 'Structure model' '_struct_conn.ptnr2_label_atom_id'    
17 4 'Structure model' '_struct_conn.ptnr2_label_comp_id'    
18 4 'Structure model' '_struct_conn.ptnr2_label_seq_id'     
19 5 'Structure model' '_chem_comp.pdbx_synonyms'            
20 5 'Structure model' '_database_2.pdbx_DOI'                
21 5 'Structure model' '_database_2.pdbx_database_accession' 
# 
_pdbx_database_status.status_code                     REL 
_pdbx_database_status.entry_id                        1BY2 
_pdbx_database_status.recvd_initial_deposition_date   1998-10-23 
_pdbx_database_status.deposit_site                    ? 
_pdbx_database_status.process_site                    BNL 
_pdbx_database_status.SG_entry                        . 
_pdbx_database_status.pdb_format_compatible           Y 
_pdbx_database_status.status_code_mr                  ? 
_pdbx_database_status.status_code_sf                  ? 
_pdbx_database_status.status_code_cs                  ? 
_pdbx_database_status.status_code_nmr_data            ? 
_pdbx_database_status.methods_development_category    ? 
# 
loop_
_audit_author.name 
_audit_author.pdbx_ordinal 
'Hohenester, E.' 1 
'Sasaki, T.'     2 
'Timpl, R.'      3 
# 
loop_
_citation.id 
_citation.title 
_citation.journal_abbrev 
_citation.journal_volume 
_citation.page_first 
_citation.page_last 
_citation.year 
_citation.journal_id_ASTM 
_citation.country 
_citation.journal_id_ISSN 
_citation.journal_id_CSD 
_citation.book_publisher 
_citation.pdbx_database_id_PubMed 
_citation.pdbx_database_id_DOI 
primary 'Crystal structure of a scavenger receptor cysteine-rich domain sheds light on an ancient superfamily.' Nat.Struct.Biol. 6 
228  232 1999 NSBIEW US 1072-8368 2024 ? 10074941 10.1038/6669 
1       
;Mac-2 Binding Protein is a Cell-Adhesive Protein of the Extracellular Matrix which Self-Assembles Into Ring-Like Structures and Binds Beta1 Integrins, Collagens and Fibronectin
;
'Embo J.'             17 1606 ?   1998 EMJODG UK 0261-4189 0897 ? ?        ?            
2       'The Srcr Superfamily: A Family Reminiscent of the Ig Superfamily' 'Trends Biochem.Sci.' 19 5    ?   1994 TBSCDB NE 
0968-0004 0946 ? ?        ?            
# 
loop_
_citation_author.citation_id 
_citation_author.name 
_citation_author.ordinal 
_citation_author.identifier_ORCID 
primary 'Hohenester, E.' 1  ? 
primary 'Sasaki, T.'     2  ? 
primary 'Timpl, R.'      3  ? 
1       'Sasaki, T.'     4  ? 
1       'Brakebusch, C.' 5  ? 
1       'Engel, J.'      6  ? 
1       'Timpl, R.'      7  ? 
2       'Resnick, D.'    8  ? 
2       'Pearson, A.'    9  ? 
2       'Krieger, M.'    10 ? 
# 
loop_
_entity.id 
_entity.type 
_entity.src_method 
_entity.pdbx_description 
_entity.formula_weight 
_entity.pdbx_number_of_molecules 
_entity.pdbx_ec 
_entity.pdbx_mutation 
_entity.pdbx_fragment 
_entity.details 
1 polymer     man 'MAC-2 BINDING PROTEIN'                  12705.093 1  ? 'N-TERMINAL APLA' 
'SCAVENGER RECEPTOR CYSTEINE-RICH (SRCR) DOMAIN' ? 
2 non-polymer man 2-acetamido-2-deoxy-beta-D-glucopyranose 221.208   1  ? ?                 ? ? 
3 water       nat water                                    18.015    57 ? ?                 ? ? 
# 
_entity_name_com.entity_id   1 
_entity_name_com.name        'TUMOR-ASSOCIATED ANTIGEN 90K' 
# 
_entity_poly.entity_id                      1 
_entity_poly.type                           'polypeptide(L)' 
_entity_poly.nstd_linkage                   no 
_entity_poly.nstd_monomer                   no 
_entity_poly.pdbx_seq_one_letter_code       
;APLAVNDGDMRLADGGATNQGRVEIFYRGQWGTVCDNLWDLTDASVVCRALGFENATQALGRAAFGQGSGPIMLDEVQCT
GTEASLADCKSLGWLKSNCRHERDAGVVCTNETRSTHTL
;
_entity_poly.pdbx_seq_one_letter_code_can   
;APLAVNDGDMRLADGGATNQGRVEIFYRGQWGTVCDNLWDLTDASVVCRALGFENATQALGRAAFGQGSGPIMLDEVQCT
GTEASLADCKSLGWLKSNCRHERDAGVVCTNETRSTHTL
;
_entity_poly.pdbx_strand_id                 A 
_entity_poly.pdbx_target_identifier         ? 
# 
loop_
_pdbx_entity_nonpoly.entity_id 
_pdbx_entity_nonpoly.name 
_pdbx_entity_nonpoly.comp_id 
2 2-acetamido-2-deoxy-beta-D-glucopyranose NAG 
3 water                                    HOH 
# 
loop_
_entity_poly_seq.entity_id 
_entity_poly_seq.num 
_entity_poly_seq.mon_id 
_entity_poly_seq.hetero 
1 1   ALA n 
1 2   PRO n 
1 3   LEU n 
1 4   ALA n 
1 5   VAL n 
1 6   ASN n 
1 7   ASP n 
1 8   GLY n 
1 9   ASP n 
1 10  MET n 
1 11  ARG n 
1 12  LEU n 
1 13  ALA n 
1 14  ASP n 
1 15  GLY n 
1 16  GLY n 
1 17  ALA n 
1 18  THR n 
1 19  ASN n 
1 20  GLN n 
1 21  GLY n 
1 22  ARG n 
1 23  VAL n 
1 24  GLU n 
1 25  ILE n 
1 26  PHE n 
1 27  TYR n 
1 28  ARG n 
1 29  GLY n 
1 30  GLN n 
1 31  TRP n 
1 32  GLY n 
1 33  THR n 
1 34  VAL n 
1 35  CYS n 
1 36  ASP n 
1 37  ASN n 
1 38  LEU n 
1 39  TRP n 
1 40  ASP n 
1 41  LEU n 
1 42  THR n 
1 43  ASP n 
1 44  ALA n 
1 45  SER n 
1 46  VAL n 
1 47  VAL n 
1 48  CYS n 
1 49  ARG n 
1 50  ALA n 
1 51  LEU n 
1 52  GLY n 
1 53  PHE n 
1 54  GLU n 
1 55  ASN n 
1 56  ALA n 
1 57  THR n 
1 58  GLN n 
1 59  ALA n 
1 60  LEU n 
1 61  GLY n 
1 62  ARG n 
1 63  ALA n 
1 64  ALA n 
1 65  PHE n 
1 66  GLY n 
1 67  GLN n 
1 68  GLY n 
1 69  SER n 
1 70  GLY n 
1 71  PRO n 
1 72  ILE n 
1 73  MET n 
1 74  LEU n 
1 75  ASP n 
1 76  GLU n 
1 77  VAL n 
1 78  GLN n 
1 79  CYS n 
1 80  THR n 
1 81  GLY n 
1 82  THR n 
1 83  GLU n 
1 84  ALA n 
1 85  SER n 
1 86  LEU n 
1 87  ALA n 
1 88  ASP n 
1 89  CYS n 
1 90  LYS n 
1 91  SER n 
1 92  LEU n 
1 93  GLY n 
1 94  TRP n 
1 95  LEU n 
1 96  LYS n 
1 97  SER n 
1 98  ASN n 
1 99  CYS n 
1 100 ARG n 
1 101 HIS n 
1 102 GLU n 
1 103 ARG n 
1 104 ASP n 
1 105 ALA n 
1 106 GLY n 
1 107 VAL n 
1 108 VAL n 
1 109 CYS n 
1 110 THR n 
1 111 ASN n 
1 112 GLU n 
1 113 THR n 
1 114 ARG n 
1 115 SER n 
1 116 THR n 
1 117 HIS n 
1 118 THR n 
1 119 LEU n 
# 
_entity_src_gen.entity_id                          1 
_entity_src_gen.pdbx_src_id                        1 
_entity_src_gen.pdbx_alt_source_flag               sample 
_entity_src_gen.pdbx_seq_type                      ? 
_entity_src_gen.pdbx_beg_seq_num                   ? 
_entity_src_gen.pdbx_end_seq_num                   ? 
_entity_src_gen.gene_src_common_name               human 
_entity_src_gen.gene_src_genus                     Homo 
_entity_src_gen.pdbx_gene_src_gene                 ? 
_entity_src_gen.gene_src_species                   ? 
_entity_src_gen.gene_src_strain                    ? 
_entity_src_gen.gene_src_tissue                    ? 
_entity_src_gen.gene_src_tissue_fraction           ? 
_entity_src_gen.gene_src_details                   ? 
_entity_src_gen.pdbx_gene_src_fragment             ? 
_entity_src_gen.pdbx_gene_src_scientific_name      'Homo sapiens' 
_entity_src_gen.pdbx_gene_src_ncbi_taxonomy_id     9606 
_entity_src_gen.pdbx_gene_src_variant              ? 
_entity_src_gen.pdbx_gene_src_cell_line            293-EBNA 
_entity_src_gen.pdbx_gene_src_atcc                 ? 
_entity_src_gen.pdbx_gene_src_organ                KIDNEY 
_entity_src_gen.pdbx_gene_src_organelle            ? 
_entity_src_gen.pdbx_gene_src_cell                 ? 
_entity_src_gen.pdbx_gene_src_cellular_location    ? 
_entity_src_gen.host_org_common_name               human 
_entity_src_gen.pdbx_host_org_scientific_name      'Homo sapiens' 
_entity_src_gen.pdbx_host_org_ncbi_taxonomy_id     9606 
_entity_src_gen.host_org_genus                     Homo 
_entity_src_gen.pdbx_host_org_gene                 ? 
_entity_src_gen.pdbx_host_org_organ                ? 
_entity_src_gen.host_org_species                   ? 
_entity_src_gen.pdbx_host_org_tissue               ? 
_entity_src_gen.pdbx_host_org_tissue_fraction      ? 
_entity_src_gen.pdbx_host_org_strain               ? 
_entity_src_gen.pdbx_host_org_variant              ? 
_entity_src_gen.pdbx_host_org_cell_line            293-EBNA 
_entity_src_gen.pdbx_host_org_atcc                 ? 
_entity_src_gen.pdbx_host_org_culture_collection   ? 
_entity_src_gen.pdbx_host_org_cell                 ? 
_entity_src_gen.pdbx_host_org_organelle            ? 
_entity_src_gen.pdbx_host_org_cellular_location    ? 
_entity_src_gen.pdbx_host_org_vector_type          PCEP-PU 
_entity_src_gen.pdbx_host_org_vector               ? 
_entity_src_gen.host_org_details                   ? 
_entity_src_gen.expression_system_id               ? 
_entity_src_gen.plasmid_name                       ? 
_entity_src_gen.plasmid_details                    ? 
_entity_src_gen.pdbx_description                   ? 
# 
loop_
_chem_comp.id 
_chem_comp.type 
_chem_comp.mon_nstd_flag 
_chem_comp.name 
_chem_comp.pdbx_synonyms 
_chem_comp.formula 
_chem_comp.formula_weight 
ALA 'L-peptide linking'          y ALANINE                                  ? 'C3 H7 N O2'     89.093  
ARG 'L-peptide linking'          y ARGININE                                 ? 'C6 H15 N4 O2 1' 175.209 
ASN 'L-peptide linking'          y ASPARAGINE                               ? 'C4 H8 N2 O3'    132.118 
ASP 'L-peptide linking'          y 'ASPARTIC ACID'                          ? 'C4 H7 N O4'     133.103 
CYS 'L-peptide linking'          y CYSTEINE                                 ? 'C3 H7 N O2 S'   121.158 
GLN 'L-peptide linking'          y GLUTAMINE                                ? 'C5 H10 N2 O3'   146.144 
GLU 'L-peptide linking'          y 'GLUTAMIC ACID'                          ? 'C5 H9 N O4'     147.129 
GLY 'peptide linking'            y GLYCINE                                  ? 'C2 H5 N O2'     75.067  
HIS 'L-peptide linking'          y HISTIDINE                                ? 'C6 H10 N3 O2 1' 156.162 
HOH non-polymer                  . WATER                                    ? 'H2 O'           18.015  
ILE 'L-peptide linking'          y ISOLEUCINE                               ? 'C6 H13 N O2'    131.173 
LEU 'L-peptide linking'          y LEUCINE                                  ? 'C6 H13 N O2'    131.173 
LYS 'L-peptide linking'          y LYSINE                                   ? 'C6 H15 N2 O2 1' 147.195 
MET 'L-peptide linking'          y METHIONINE                               ? 'C5 H11 N O2 S'  149.211 
NAG 'D-saccharide, beta linking' . 2-acetamido-2-deoxy-beta-D-glucopyranose 
;N-acetyl-beta-D-glucosamine; 2-acetamido-2-deoxy-beta-D-glucose; 2-acetamido-2-deoxy-D-glucose; 2-acetamido-2-deoxy-glucose; N-ACETYL-D-GLUCOSAMINE
;
'C8 H15 N O6'    221.208 
PHE 'L-peptide linking'          y PHENYLALANINE                            ? 'C9 H11 N O2'    165.189 
PRO 'L-peptide linking'          y PROLINE                                  ? 'C5 H9 N O2'     115.130 
SER 'L-peptide linking'          y SERINE                                   ? 'C3 H7 N O3'     105.093 
THR 'L-peptide linking'          y THREONINE                                ? 'C4 H9 N O3'     119.119 
TRP 'L-peptide linking'          y TRYPTOPHAN                               ? 'C11 H12 N2 O2'  204.225 
TYR 'L-peptide linking'          y TYROSINE                                 ? 'C9 H11 N O3'    181.189 
VAL 'L-peptide linking'          y VALINE                                   ? 'C5 H11 N O2'    117.146 
# 
loop_
_pdbx_chem_comp_identifier.comp_id 
_pdbx_chem_comp_identifier.type 
_pdbx_chem_comp_identifier.program 
_pdbx_chem_comp_identifier.program_version 
_pdbx_chem_comp_identifier.identifier 
NAG 'CONDENSED IUPAC CARBOHYDRATE SYMBOL' GMML     1.0 DGlcpNAcb                      
NAG 'COMMON NAME'                         GMML     1.0 N-acetyl-b-D-glucopyranosamine 
NAG 'IUPAC CARBOHYDRATE SYMBOL'           PDB-CARE 1.0 b-D-GlcpNAc                    
NAG 'SNFG CARBOHYDRATE SYMBOL'            GMML     1.0 GlcNAc                         
# 
loop_
_pdbx_poly_seq_scheme.asym_id 
_pdbx_poly_seq_scheme.entity_id 
_pdbx_poly_seq_scheme.seq_id 
_pdbx_poly_seq_scheme.mon_id 
_pdbx_poly_seq_scheme.ndb_seq_num 
_pdbx_poly_seq_scheme.pdb_seq_num 
_pdbx_poly_seq_scheme.auth_seq_num 
_pdbx_poly_seq_scheme.pdb_mon_id 
_pdbx_poly_seq_scheme.auth_mon_id 
_pdbx_poly_seq_scheme.pdb_strand_id 
_pdbx_poly_seq_scheme.pdb_ins_code 
_pdbx_poly_seq_scheme.hetero 
A 1 1   ALA 1   -3  ?   ?   ?   A . n 
A 1 2   PRO 2   -2  ?   ?   ?   A . n 
A 1 3   LEU 3   -1  ?   ?   ?   A . n 
A 1 4   ALA 4   0   0   ALA ALA A . n 
A 1 5   VAL 5   1   1   VAL VAL A . n 
A 1 6   ASN 6   2   2   ASN ASN A . n 
A 1 7   ASP 7   3   3   ASP ASP A . n 
A 1 8   GLY 8   4   4   GLY GLY A . n 
A 1 9   ASP 9   5   5   ASP ASP A . n 
A 1 10  MET 10  6   6   MET MET A . n 
A 1 11  ARG 11  7   7   ARG ARG A . n 
A 1 12  LEU 12  8   8   LEU LEU A . n 
A 1 13  ALA 13  9   9   ALA ALA A . n 
A 1 14  ASP 14  10  10  ASP ASP A . n 
A 1 15  GLY 15  11  11  GLY GLY A . n 
A 1 16  GLY 16  12  12  GLY GLY A . n 
A 1 17  ALA 17  13  13  ALA ALA A . n 
A 1 18  THR 18  14  14  THR THR A . n 
A 1 19  ASN 19  15  15  ASN ASN A . n 
A 1 20  GLN 20  16  16  GLN GLN A . n 
A 1 21  GLY 21  17  17  GLY GLY A . n 
A 1 22  ARG 22  18  18  ARG ARG A . n 
A 1 23  VAL 23  19  19  VAL VAL A . n 
A 1 24  GLU 24  20  20  GLU GLU A . n 
A 1 25  ILE 25  21  21  ILE ILE A . n 
A 1 26  PHE 26  22  22  PHE PHE A . n 
A 1 27  TYR 27  23  23  TYR TYR A . n 
A 1 28  ARG 28  24  24  ARG ARG A . n 
A 1 29  GLY 29  25  25  GLY GLY A . n 
A 1 30  GLN 30  26  26  GLN GLN A . n 
A 1 31  TRP 31  27  27  TRP TRP A . n 
A 1 32  GLY 32  28  28  GLY GLY A . n 
A 1 33  THR 33  29  29  THR THR A . n 
A 1 34  VAL 34  30  30  VAL VAL A . n 
A 1 35  CYS 35  31  31  CYS CYS A . n 
A 1 36  ASP 36  32  32  ASP ASP A . n 
A 1 37  ASN 37  33  33  ASN ASN A . n 
A 1 38  LEU 38  34  34  LEU LEU A . n 
A 1 39  TRP 39  35  35  TRP TRP A . n 
A 1 40  ASP 40  36  36  ASP ASP A . n 
A 1 41  LEU 41  37  37  LEU LEU A . n 
A 1 42  THR 42  38  38  THR THR A . n 
A 1 43  ASP 43  39  39  ASP ASP A . n 
A 1 44  ALA 44  40  40  ALA ALA A . n 
A 1 45  SER 45  41  41  SER SER A . n 
A 1 46  VAL 46  42  42  VAL VAL A . n 
A 1 47  VAL 47  43  43  VAL VAL A . n 
A 1 48  CYS 48  44  44  CYS CYS A . n 
A 1 49  ARG 49  45  45  ARG ARG A . n 
A 1 50  ALA 50  46  46  ALA ALA A . n 
A 1 51  LEU 51  47  47  LEU LEU A . n 
A 1 52  GLY 52  48  48  GLY GLY A . n 
A 1 53  PHE 53  49  49  PHE PHE A . n 
A 1 54  GLU 54  50  50  GLU GLU A . n 
A 1 55  ASN 55  51  51  ASN ASN A . n 
A 1 56  ALA 56  52  52  ALA ALA A . n 
A 1 57  THR 57  53  53  THR THR A . n 
A 1 58  GLN 58  54  54  GLN GLN A . n 
A 1 59  ALA 59  55  55  ALA ALA A . n 
A 1 60  LEU 60  56  56  LEU LEU A . n 
A 1 61  GLY 61  57  57  GLY GLY A . n 
A 1 62  ARG 62  58  58  ARG ARG A . n 
A 1 63  ALA 63  59  59  ALA ALA A . n 
A 1 64  ALA 64  60  60  ALA ALA A . n 
A 1 65  PHE 65  61  61  PHE PHE A . n 
A 1 66  GLY 66  62  62  GLY GLY A . n 
A 1 67  GLN 67  63  63  GLN GLN A . n 
A 1 68  GLY 68  64  64  GLY GLY A . n 
A 1 69  SER 69  65  65  SER SER A . n 
A 1 70  GLY 70  66  66  GLY GLY A . n 
A 1 71  PRO 71  67  67  PRO PRO A . n 
A 1 72  ILE 72  68  68  ILE ILE A . n 
A 1 73  MET 73  69  69  MET MET A . n 
A 1 74  LEU 74  70  70  LEU LEU A . n 
A 1 75  ASP 75  71  71  ASP ASP A . n 
A 1 76  GLU 76  72  72  GLU GLU A . n 
A 1 77  VAL 77  73  73  VAL VAL A . n 
A 1 78  GLN 78  74  74  GLN GLN A . n 
A 1 79  CYS 79  75  75  CYS CYS A . n 
A 1 80  THR 80  76  76  THR THR A . n 
A 1 81  GLY 81  77  77  GLY GLY A . n 
A 1 82  THR 82  78  78  THR THR A . n 
A 1 83  GLU 83  79  79  GLU GLU A . n 
A 1 84  ALA 84  80  80  ALA ALA A . n 
A 1 85  SER 85  81  81  SER SER A . n 
A 1 86  LEU 86  82  82  LEU LEU A . n 
A 1 87  ALA 87  83  83  ALA ALA A . n 
A 1 88  ASP 88  84  84  ASP ASP A . n 
A 1 89  CYS 89  85  85  CYS CYS A . n 
A 1 90  LYS 90  86  86  LYS LYS A . n 
A 1 91  SER 91  87  87  SER SER A . n 
A 1 92  LEU 92  88  88  LEU LEU A . n 
A 1 93  GLY 93  89  89  GLY GLY A . n 
A 1 94  TRP 94  90  90  TRP TRP A . n 
A 1 95  LEU 95  91  91  LEU LEU A . n 
A 1 96  LYS 96  92  92  LYS LYS A . n 
A 1 97  SER 97  93  93  SER SER A . n 
A 1 98  ASN 98  94  94  ASN ASN A . n 
A 1 99  CYS 99  95  95  CYS CYS A . n 
A 1 100 ARG 100 96  96  ARG ARG A . n 
A 1 101 HIS 101 97  97  HIS HIS A . n 
A 1 102 GLU 102 98  98  GLU GLU A . n 
A 1 103 ARG 103 99  99  ARG ARG A . n 
A 1 104 ASP 104 100 100 ASP ASP A . n 
A 1 105 ALA 105 101 101 ALA ALA A . n 
A 1 106 GLY 106 102 102 GLY GLY A . n 
A 1 107 VAL 107 103 103 VAL VAL A . n 
A 1 108 VAL 108 104 104 VAL VAL A . n 
A 1 109 CYS 109 105 105 CYS CYS A . n 
A 1 110 THR 110 106 106 THR THR A . n 
A 1 111 ASN 111 107 107 ASN ASN A . n 
A 1 112 GLU 112 108 108 GLU GLU A . n 
A 1 113 THR 113 109 109 THR THR A . n 
A 1 114 ARG 114 110 ?   ?   ?   A . n 
A 1 115 SER 115 111 ?   ?   ?   A . n 
A 1 116 THR 116 112 ?   ?   ?   A . n 
A 1 117 HIS 117 113 ?   ?   ?   A . n 
A 1 118 THR 118 114 114 THR THR A . n 
A 1 119 LEU 119 115 115 LEU LEU A . n 
# 
loop_
_pdbx_nonpoly_scheme.asym_id 
_pdbx_nonpoly_scheme.entity_id 
_pdbx_nonpoly_scheme.mon_id 
_pdbx_nonpoly_scheme.ndb_seq_num 
_pdbx_nonpoly_scheme.pdb_seq_num 
_pdbx_nonpoly_scheme.auth_seq_num 
_pdbx_nonpoly_scheme.pdb_mon_id 
_pdbx_nonpoly_scheme.auth_mon_id 
_pdbx_nonpoly_scheme.pdb_strand_id 
_pdbx_nonpoly_scheme.pdb_ins_code 
B 2 NAG 1  201 201 NAG NAG A . 
C 3 HOH 1  301 301 HOH HOH A . 
C 3 HOH 2  302 302 HOH HOH A . 
C 3 HOH 3  303 303 HOH HOH A . 
C 3 HOH 4  304 304 HOH HOH A . 
C 3 HOH 5  305 305 HOH HOH A . 
C 3 HOH 6  306 306 HOH HOH A . 
C 3 HOH 7  307 307 HOH HOH A . 
C 3 HOH 8  308 308 HOH HOH A . 
C 3 HOH 9  309 309 HOH HOH A . 
C 3 HOH 10 310 310 HOH HOH A . 
C 3 HOH 11 311 311 HOH HOH A . 
C 3 HOH 12 312 312 HOH HOH A . 
C 3 HOH 13 313 313 HOH HOH A . 
C 3 HOH 14 314 314 HOH HOH A . 
C 3 HOH 15 315 315 HOH HOH A . 
C 3 HOH 16 316 316 HOH HOH A . 
C 3 HOH 17 317 317 HOH HOH A . 
C 3 HOH 18 318 318 HOH HOH A . 
C 3 HOH 19 319 319 HOH HOH A . 
C 3 HOH 20 320 320 HOH HOH A . 
C 3 HOH 21 321 321 HOH HOH A . 
C 3 HOH 22 322 322 HOH HOH A . 
C 3 HOH 23 323 323 HOH HOH A . 
C 3 HOH 24 324 324 HOH HOH A . 
C 3 HOH 25 325 325 HOH HOH A . 
C 3 HOH 26 326 326 HOH HOH A . 
C 3 HOH 27 327 327 HOH HOH A . 
C 3 HOH 28 328 328 HOH HOH A . 
C 3 HOH 29 329 329 HOH HOH A . 
C 3 HOH 30 330 330 HOH HOH A . 
C 3 HOH 31 331 331 HOH HOH A . 
C 3 HOH 32 332 332 HOH HOH A . 
C 3 HOH 33 333 333 HOH HOH A . 
C 3 HOH 34 334 334 HOH HOH A . 
C 3 HOH 35 335 335 HOH HOH A . 
C 3 HOH 36 336 336 HOH HOH A . 
C 3 HOH 37 337 337 HOH HOH A . 
C 3 HOH 38 338 338 HOH HOH A . 
C 3 HOH 39 339 339 HOH HOH A . 
C 3 HOH 40 340 340 HOH HOH A . 
C 3 HOH 41 341 341 HOH HOH A . 
C 3 HOH 42 342 342 HOH HOH A . 
C 3 HOH 43 343 343 HOH HOH A . 
C 3 HOH 44 344 344 HOH HOH A . 
C 3 HOH 45 345 345 HOH HOH A . 
C 3 HOH 46 346 346 HOH HOH A . 
C 3 HOH 47 347 347 HOH HOH A . 
C 3 HOH 48 348 348 HOH HOH A . 
C 3 HOH 49 349 349 HOH HOH A . 
C 3 HOH 50 350 350 HOH HOH A . 
C 3 HOH 51 351 351 HOH HOH A . 
C 3 HOH 52 352 352 HOH HOH A . 
C 3 HOH 53 353 353 HOH HOH A . 
C 3 HOH 54 354 354 HOH HOH A . 
C 3 HOH 55 355 355 HOH HOH A . 
C 3 HOH 56 356 356 HOH HOH A . 
C 3 HOH 57 357 357 HOH HOH A . 
# 
loop_
_pdbx_unobs_or_zero_occ_atoms.id 
_pdbx_unobs_or_zero_occ_atoms.PDB_model_num 
_pdbx_unobs_or_zero_occ_atoms.polymer_flag 
_pdbx_unobs_or_zero_occ_atoms.occupancy_flag 
_pdbx_unobs_or_zero_occ_atoms.auth_asym_id 
_pdbx_unobs_or_zero_occ_atoms.auth_comp_id 
_pdbx_unobs_or_zero_occ_atoms.auth_seq_id 
_pdbx_unobs_or_zero_occ_atoms.PDB_ins_code 
_pdbx_unobs_or_zero_occ_atoms.auth_atom_id 
_pdbx_unobs_or_zero_occ_atoms.label_alt_id 
_pdbx_unobs_or_zero_occ_atoms.label_asym_id 
_pdbx_unobs_or_zero_occ_atoms.label_comp_id 
_pdbx_unobs_or_zero_occ_atoms.label_seq_id 
_pdbx_unobs_or_zero_occ_atoms.label_atom_id 
1  1 Y 0 A GLU 50  ? CD  ? A GLU 54  CD  
2  1 Y 0 A GLU 50  ? OE1 ? A GLU 54  OE1 
3  1 Y 0 A GLU 50  ? OE2 ? A GLU 54  OE2 
4  1 Y 0 A ARG 96  ? CZ  ? A ARG 100 CZ  
5  1 Y 0 A ARG 96  ? NH1 ? A ARG 100 NH1 
6  1 Y 0 A ARG 96  ? NH2 ? A ARG 100 NH2 
7  1 Y 0 A GLU 108 ? CD  ? A GLU 112 CD  
8  1 Y 0 A GLU 108 ? OE1 ? A GLU 112 OE1 
9  1 Y 0 A GLU 108 ? OE2 ? A GLU 112 OE2 
10 1 Y 0 A THR 114 ? N   ? A THR 118 N   
11 1 Y 0 A THR 114 ? CA  ? A THR 118 CA  
12 1 Y 0 A THR 114 ? CB  ? A THR 118 CB  
13 1 Y 0 A THR 114 ? OG1 ? A THR 118 OG1 
14 1 Y 0 A THR 114 ? CG2 ? A THR 118 CG2 
# 
loop_
_software.name 
_software.classification 
_software.version 
_software.citation_id 
_software.pdbx_ordinal 
MOSFLM 'data reduction' .         ? 1 
SCALA  'data scaling'   '(CCP4)'  ? 2 
CCP4   'model building' .         ? 3 
X-PLOR refinement       3.84      ? 4 
CCP4   'data scaling'   '(SCALA)' ? 5 
CCP4   phasing          .         ? 6 
# 
_cell.entry_id           1BY2 
_cell.length_a           44.630 
_cell.length_b           44.630 
_cell.length_c           134.540 
_cell.angle_alpha        90.00 
_cell.angle_beta         90.00 
_cell.angle_gamma        90.00 
_cell.Z_PDB              8 
_cell.pdbx_unique_axis   ? 
# 
_symmetry.entry_id                         1BY2 
_symmetry.space_group_name_H-M             'P 43 21 2' 
_symmetry.pdbx_full_space_group_name_H-M   ? 
_symmetry.cell_setting                     ? 
_symmetry.Int_Tables_number                96 
# 
_exptl.entry_id          1BY2 
_exptl.method            'X-RAY DIFFRACTION' 
_exptl.crystals_number   1 
# 
_exptl_crystal.id                    1 
_exptl_crystal.density_meas          ? 
_exptl_crystal.density_Matthews      2.6 
_exptl_crystal.density_percent_sol   50 
_exptl_crystal.description           'TWO DERIVATIVES (SMCL3 AND UO2SO4) WERE USED AT 3.0 A' 
# 
_exptl_crystal_grow.crystal_id      1 
_exptl_crystal_grow.method          ? 
_exptl_crystal_grow.temp            ? 
_exptl_crystal_grow.temp_details    ? 
_exptl_crystal_grow.pH              6.0 
_exptl_crystal_grow.pdbx_pH_range   ? 
_exptl_crystal_grow.pdbx_details    'pH 6.0' 
# 
_diffrn.id                     1 
_diffrn.ambient_temp           293 
_diffrn.ambient_temp_details   ? 
_diffrn.crystal_id             1 
# 
_diffrn_detector.diffrn_id              1 
_diffrn_detector.detector               'IMAGE PLATE' 
_diffrn_detector.type                   MARRESEARCH 
_diffrn_detector.pdbx_collection_date   1998-07-07 
_diffrn_detector.details                ? 
# 
_diffrn_radiation.diffrn_id                        1 
_diffrn_radiation.wavelength_id                    1 
_diffrn_radiation.pdbx_monochromatic_or_laue_m_l   M 
_diffrn_radiation.monochromator                    ? 
_diffrn_radiation.pdbx_diffrn_protocol             ? 
_diffrn_radiation.pdbx_scattering_type             x-ray 
# 
_diffrn_radiation_wavelength.id           1 
_diffrn_radiation_wavelength.wavelength   1.5418 
_diffrn_radiation_wavelength.wt           1.0 
# 
_diffrn_source.diffrn_id                   1 
_diffrn_source.source                      'ROTATING ANODE' 
_diffrn_source.type                        'ELLIOTT GX-21' 
_diffrn_source.pdbx_synchrotron_site       ? 
_diffrn_source.pdbx_synchrotron_beamline   ? 
_diffrn_source.pdbx_wavelength             1.5418 
_diffrn_source.pdbx_wavelength_list        ? 
# 
_reflns.entry_id                     1BY2 
_reflns.observed_criterion_sigma_I   0 
_reflns.observed_criterion_sigma_F   ? 
_reflns.d_resolution_low             20.0 
_reflns.d_resolution_high            2.00 
_reflns.number_obs                   9843 
_reflns.number_all                   ? 
_reflns.percent_possible_obs         99.6 
_reflns.pdbx_Rmerge_I_obs            0.069 
_reflns.pdbx_Rsym_value              ? 
_reflns.pdbx_netI_over_sigmaI        7.3 
_reflns.B_iso_Wilson_estimate        15 
_reflns.pdbx_redundancy              6.2 
_reflns.pdbx_ordinal                 1 
_reflns.pdbx_diffrn_id               1 
# 
_reflns_shell.d_res_high             2.00 
_reflns_shell.d_res_low              2.11 
_reflns_shell.percent_possible_all   100.0 
_reflns_shell.Rmerge_I_obs           0.186 
_reflns_shell.pdbx_Rsym_value        ? 
_reflns_shell.meanI_over_sigI_obs    3.7 
_reflns_shell.pdbx_redundancy        6.0 
_reflns_shell.pdbx_ordinal           1 
_reflns_shell.pdbx_diffrn_id         1 
# 
_refine.entry_id                                 1BY2 
_refine.ls_number_reflns_obs                     9649 
_refine.ls_number_reflns_all                     ? 
_refine.pdbx_ls_sigma_I                          ? 
_refine.pdbx_ls_sigma_F                          0 
_refine.pdbx_data_cutoff_high_absF               100000 
_refine.pdbx_data_cutoff_low_absF                0 
_refine.pdbx_data_cutoff_high_rms_absF           ? 
_refine.ls_d_res_low                             8.00 
_refine.ls_d_res_high                            2.00 
_refine.ls_percent_reflns_obs                    99.6 
_refine.ls_R_factor_obs                          0.186 
_refine.ls_R_factor_all                          ? 
_refine.ls_R_factor_R_work                       0.186 
_refine.ls_R_factor_R_free                       0.218 
_refine.ls_R_factor_R_free_error                 ? 
_refine.ls_R_factor_R_free_error_details         ? 
_refine.ls_percent_reflns_R_free                 10 
_refine.ls_number_reflns_R_free                  934 
_refine.ls_number_parameters                     ? 
_refine.ls_number_restraints                     ? 
_refine.occupancy_min                            ? 
_refine.occupancy_max                            ? 
_refine.B_iso_mean                               20 
_refine.aniso_B[1][1]                            ? 
_refine.aniso_B[2][2]                            ? 
_refine.aniso_B[3][3]                            ? 
_refine.aniso_B[1][2]                            ? 
_refine.aniso_B[1][3]                            ? 
_refine.aniso_B[2][3]                            ? 
_refine.solvent_model_details                    ? 
_refine.solvent_model_param_ksol                 ? 
_refine.solvent_model_param_bsol                 ? 
_refine.pdbx_ls_cross_valid_method               'FREE R-FACTOR' 
_refine.details                                  ? 
_refine.pdbx_starting_model                      ? 
_refine.pdbx_method_to_determine_struct          MIRAS 
_refine.pdbx_isotropic_thermal_model             'INDIVIDUAL RESTRAINED, RMS BONDS 3.5 A**2' 
_refine.pdbx_stereochemistry_target_values       ? 
_refine.pdbx_stereochem_target_val_spec_case     ? 
_refine.pdbx_R_Free_selection_details            RANDOM 
_refine.pdbx_overall_ESU_R                       ? 
_refine.pdbx_overall_ESU_R_Free                  ? 
_refine.overall_SU_ML                            ? 
_refine.overall_SU_B                             ? 
_refine.pdbx_refine_id                           'X-RAY DIFFRACTION' 
_refine.pdbx_diffrn_id                           1 
_refine.pdbx_TLS_residual_ADP_flag               ? 
_refine.correlation_coeff_Fo_to_Fc               ? 
_refine.correlation_coeff_Fo_to_Fc_free          ? 
_refine.pdbx_solvent_vdw_probe_radii             ? 
_refine.pdbx_solvent_ion_probe_radii             ? 
_refine.pdbx_solvent_shrinkage_radii             ? 
_refine.pdbx_overall_phase_error                 ? 
_refine.overall_SU_R_Cruickshank_DPI             ? 
_refine.pdbx_overall_SU_R_free_Cruickshank_DPI   ? 
_refine.pdbx_overall_SU_R_Blow_DPI               ? 
_refine.pdbx_overall_SU_R_free_Blow_DPI          ? 
# 
_refine_analyze.entry_id                        1BY2 
_refine_analyze.Luzzati_coordinate_error_obs    ? 
_refine_analyze.Luzzati_sigma_a_obs             0.18 
_refine_analyze.Luzzati_d_res_low_obs           6.0 
_refine_analyze.Luzzati_coordinate_error_free   ? 
_refine_analyze.Luzzati_sigma_a_free            ? 
_refine_analyze.Luzzati_d_res_low_free          ? 
_refine_analyze.number_disordered_residues      ? 
_refine_analyze.occupancy_sum_hydrogen          ? 
_refine_analyze.occupancy_sum_non_hydrogen      ? 
_refine_analyze.pdbx_refine_id                  'X-RAY DIFFRACTION' 
# 
_refine_hist.pdbx_refine_id                   'X-RAY DIFFRACTION' 
_refine_hist.cycle_id                         LAST 
_refine_hist.pdbx_number_atoms_protein        832 
_refine_hist.pdbx_number_atoms_nucleic_acid   0 
_refine_hist.pdbx_number_atoms_ligand         14 
_refine_hist.number_atoms_solvent             57 
_refine_hist.number_atoms_total               903 
_refine_hist.d_res_high                       2.00 
_refine_hist.d_res_low                        8.00 
# 
loop_
_refine_ls_restr.type 
_refine_ls_restr.dev_ideal 
_refine_ls_restr.dev_ideal_target 
_refine_ls_restr.weight 
_refine_ls_restr.number 
_refine_ls_restr.pdbx_refine_id 
_refine_ls_restr.pdbx_restraint_function 
x_bond_d                0.008 ? ? ? 'X-RAY DIFFRACTION' ? 
x_bond_d_na             ?     ? ? ? 'X-RAY DIFFRACTION' ? 
x_bond_d_prot           ?     ? ? ? 'X-RAY DIFFRACTION' ? 
x_angle_d               ?     ? ? ? 'X-RAY DIFFRACTION' ? 
x_angle_d_na            ?     ? ? ? 'X-RAY DIFFRACTION' ? 
x_angle_d_prot          ?     ? ? ? 'X-RAY DIFFRACTION' ? 
x_angle_deg             1.5   ? ? ? 'X-RAY DIFFRACTION' ? 
x_angle_deg_na          ?     ? ? ? 'X-RAY DIFFRACTION' ? 
x_angle_deg_prot        ?     ? ? ? 'X-RAY DIFFRACTION' ? 
x_dihedral_angle_d      ?     ? ? ? 'X-RAY DIFFRACTION' ? 
x_dihedral_angle_d_na   ?     ? ? ? 'X-RAY DIFFRACTION' ? 
x_dihedral_angle_d_prot ?     ? ? ? 'X-RAY DIFFRACTION' ? 
x_improper_angle_d      ?     ? ? ? 'X-RAY DIFFRACTION' ? 
x_improper_angle_d_na   ?     ? ? ? 'X-RAY DIFFRACTION' ? 
x_improper_angle_d_prot ?     ? ? ? 'X-RAY DIFFRACTION' ? 
x_mcbond_it             1.0   ? ? ? 'X-RAY DIFFRACTION' ? 
x_mcangle_it            2.0   ? ? ? 'X-RAY DIFFRACTION' ? 
x_scbond_it             2.0   ? ? ? 'X-RAY DIFFRACTION' ? 
x_scangle_it            4.0   ? ? ? 'X-RAY DIFFRACTION' ? 
# 
_refine_ls_shell.pdbx_total_number_of_bins_used   8 
_refine_ls_shell.d_res_high                       2.00 
_refine_ls_shell.d_res_low                        2.09 
_refine_ls_shell.number_reflns_R_work             1056 
_refine_ls_shell.R_factor_R_work                  0.27 
_refine_ls_shell.percent_reflns_obs               100.0 
_refine_ls_shell.R_factor_R_free                  0.277 
_refine_ls_shell.R_factor_R_free_error            ? 
_refine_ls_shell.percent_reflns_R_free            10 
_refine_ls_shell.number_reflns_R_free             114 
_refine_ls_shell.pdbx_refine_id                   'X-RAY DIFFRACTION' 
_refine_ls_shell.number_reflns_all                ? 
_refine_ls_shell.R_factor_all                     ? 
# 
loop_
_pdbx_xplor_file.serial_no 
_pdbx_xplor_file.param_file 
_pdbx_xplor_file.topol_file 
_pdbx_xplor_file.pdbx_refine_id 
1 PARHCSDX.PRO   ? 'X-RAY DIFFRACTION' 
2 PARAM11.WAT    ? 'X-RAY DIFFRACTION' 
3 PARAM3_MOD.CHO ? 'X-RAY DIFFRACTION' 
# 
_struct.entry_id                  1BY2 
_struct.title                     'STRUCTURE OF M2BP SCAVENGER RECEPTOR CYSTEINE-RICH DOMAIN' 
_struct.pdbx_model_details        ? 
_struct.pdbx_CASP_flag            ? 
_struct.pdbx_model_type_details   ? 
# 
_struct_keywords.entry_id        1BY2 
_struct_keywords.pdbx_keywords   'EXTRACELLULAR MODULE' 
_struct_keywords.text            
'EXTRACELLULAR MODULE, SCAVENGER RECEPTOR, TUMOUR-ASSOCIATED ANTIGEN, EXTRACELLULAR MATRIX, GLYCOSYLATED PROTEIN' 
# 
loop_
_struct_asym.id 
_struct_asym.pdbx_blank_PDB_chainid_flag 
_struct_asym.pdbx_modified 
_struct_asym.entity_id 
_struct_asym.details 
A N N 1 ? 
B N N 2 ? 
C N N 3 ? 
# 
_struct_ref.id                         1 
_struct_ref.db_name                    UNP 
_struct_ref.db_code                    LG3BP_HUMAN 
_struct_ref.entity_id                  1 
_struct_ref.pdbx_db_accession          Q08380 
_struct_ref.pdbx_align_begin           1 
_struct_ref.pdbx_seq_one_letter_code   
;MTPPRLFWVWLLVAGTQGVNDGDMRLADGGATNQGRVEIFYRGQWGTVCDNLWDLTDASVVCRALGFENATQALGRAAFG
QGSGPIMLDEVQCTGTEASLADCKSLGWLKSNCRHERDAGVVCTNETRSTHTLDLSRELSEALGQIFDSQRGCDLSISVN
VQGEDALGFCGHTVILTANLEAQALWKEPGSNVTMSVDAECVPMVRDLLRYFYSRRIDITLSSVKCFHKLASAYGARQLQ
GYCASLFAILLPQDPSFQMPLDLYAYAVATGDALLEKLCLQFLAWNFEALTQAEAWPSVPTDLLQLLLPRSDLAVPSELA
LLKAVDTWSWGERASHEEVEGLVEKIRFPMMLPEELFELQFNLSLYWSHEALFQKKTLQALEFHTVPFQLLARYKGLNLT
EDTYKPRIYTSPTWSAFVTDSSWSARKSQLVYQSRRGPLVKYSSDYFQAPSDYRYYPYQSFQTPQHPSFLFQDKRVSWSL
VYLPTIQSCWNYGFSCSSDELPVLGLTKSGGSDRTIAYENKALMLCEGLFVADVTDFEGWKAAIPSALDTNSSKSTSSFP
CPAGHFNGFRTVIRPFYLTNSSGVD
;
_struct_ref.pdbx_db_isoform            ? 
# 
_struct_ref_seq.align_id                      1 
_struct_ref_seq.ref_id                        1 
_struct_ref_seq.pdbx_PDB_id_code              1BY2 
_struct_ref_seq.pdbx_strand_id                A 
_struct_ref_seq.seq_align_beg                 5 
_struct_ref_seq.pdbx_seq_align_beg_ins_code   ? 
_struct_ref_seq.seq_align_end                 119 
_struct_ref_seq.pdbx_seq_align_end_ins_code   ? 
_struct_ref_seq.pdbx_db_accession             Q08380 
_struct_ref_seq.db_align_beg                  19 
_struct_ref_seq.pdbx_db_align_beg_ins_code    ? 
_struct_ref_seq.db_align_end                  133 
_struct_ref_seq.pdbx_db_align_end_ins_code    ? 
_struct_ref_seq.pdbx_auth_seq_align_beg       1 
_struct_ref_seq.pdbx_auth_seq_align_end       115 
# 
_pdbx_struct_assembly.id                   1 
_pdbx_struct_assembly.details              author_defined_assembly 
_pdbx_struct_assembly.method_details       ? 
_pdbx_struct_assembly.oligomeric_details   monomeric 
_pdbx_struct_assembly.oligomeric_count     1 
# 
_pdbx_struct_assembly_gen.assembly_id       1 
_pdbx_struct_assembly_gen.oper_expression   1 
_pdbx_struct_assembly_gen.asym_id_list      A,B,C 
# 
_pdbx_struct_oper_list.id                   1 
_pdbx_struct_oper_list.type                 'identity operation' 
_pdbx_struct_oper_list.name                 1_555 
_pdbx_struct_oper_list.symmetry_operation   x,y,z 
_pdbx_struct_oper_list.matrix[1][1]         1.0000000000 
_pdbx_struct_oper_list.matrix[1][2]         0.0000000000 
_pdbx_struct_oper_list.matrix[1][3]         0.0000000000 
_pdbx_struct_oper_list.vector[1]            0.0000000000 
_pdbx_struct_oper_list.matrix[2][1]         0.0000000000 
_pdbx_struct_oper_list.matrix[2][2]         1.0000000000 
_pdbx_struct_oper_list.matrix[2][3]         0.0000000000 
_pdbx_struct_oper_list.vector[2]            0.0000000000 
_pdbx_struct_oper_list.matrix[3][1]         0.0000000000 
_pdbx_struct_oper_list.matrix[3][2]         0.0000000000 
_pdbx_struct_oper_list.matrix[3][3]         1.0000000000 
_pdbx_struct_oper_list.vector[3]            0.0000000000 
# 
_struct_biol.id   1 
# 
loop_
_struct_conf.conf_type_id 
_struct_conf.id 
_struct_conf.pdbx_PDB_helix_id 
_struct_conf.beg_label_comp_id 
_struct_conf.beg_label_asym_id 
_struct_conf.beg_label_seq_id 
_struct_conf.pdbx_beg_PDB_ins_code 
_struct_conf.end_label_comp_id 
_struct_conf.end_label_asym_id 
_struct_conf.end_label_seq_id 
_struct_conf.pdbx_end_PDB_ins_code 
_struct_conf.beg_auth_comp_id 
_struct_conf.beg_auth_asym_id 
_struct_conf.beg_auth_seq_id 
_struct_conf.end_auth_comp_id 
_struct_conf.end_auth_asym_id 
_struct_conf.end_auth_seq_id 
_struct_conf.pdbx_PDB_helix_class 
_struct_conf.details 
_struct_conf.pdbx_PDB_helix_length 
HELX_P HELX_P1 1 LEU A 41  ? ALA A 50  ? LEU A 37 ALA A 46 1 ? 10 
HELX_P HELX_P2 2 LEU A 86  ? ASP A 88  ? LEU A 82 ASP A 84 5 ? 3  
HELX_P HELX_P3 3 HIS A 101 ? ARG A 103 ? HIS A 97 ARG A 99 5 ? 3  
# 
_struct_conf_type.id          HELX_P 
_struct_conf_type.criteria    ? 
_struct_conf_type.reference   ? 
# 
loop_
_struct_conn.id 
_struct_conn.conn_type_id 
_struct_conn.pdbx_leaving_atom_flag 
_struct_conn.pdbx_PDB_id 
_struct_conn.ptnr1_label_asym_id 
_struct_conn.ptnr1_label_comp_id 
_struct_conn.ptnr1_label_seq_id 
_struct_conn.ptnr1_label_atom_id 
_struct_conn.pdbx_ptnr1_label_alt_id 
_struct_conn.pdbx_ptnr1_PDB_ins_code 
_struct_conn.pdbx_ptnr1_standard_comp_id 
_struct_conn.ptnr1_symmetry 
_struct_conn.ptnr2_label_asym_id 
_struct_conn.ptnr2_label_comp_id 
_struct_conn.ptnr2_label_seq_id 
_struct_conn.ptnr2_label_atom_id 
_struct_conn.pdbx_ptnr2_label_alt_id 
_struct_conn.pdbx_ptnr2_PDB_ins_code 
_struct_conn.ptnr1_auth_asym_id 
_struct_conn.ptnr1_auth_comp_id 
_struct_conn.ptnr1_auth_seq_id 
_struct_conn.ptnr2_auth_asym_id 
_struct_conn.ptnr2_auth_comp_id 
_struct_conn.ptnr2_auth_seq_id 
_struct_conn.ptnr2_symmetry 
_struct_conn.pdbx_ptnr3_label_atom_id 
_struct_conn.pdbx_ptnr3_label_seq_id 
_struct_conn.pdbx_ptnr3_label_comp_id 
_struct_conn.pdbx_ptnr3_label_asym_id 
_struct_conn.pdbx_ptnr3_label_alt_id 
_struct_conn.pdbx_ptnr3_PDB_ins_code 
_struct_conn.details 
_struct_conn.pdbx_dist_value 
_struct_conn.pdbx_value_order 
_struct_conn.pdbx_role 
disulf1 disulf ?   ? A CYS 35 SG  ? ? ? 1_555 A CYS 99  SG ? ? A CYS 31 A CYS 95  1_555 ? ? ? ? ? ? ? 2.021 ? ?               
disulf2 disulf ?   ? A CYS 48 SG  ? ? ? 1_555 A CYS 109 SG ? ? A CYS 44 A CYS 105 1_555 ? ? ? ? ? ? ? 2.026 ? ?               
disulf3 disulf ?   ? A CYS 79 SG  ? ? ? 1_555 A CYS 89  SG ? ? A CYS 75 A CYS 85  1_555 ? ? ? ? ? ? ? 2.024 ? ?               
covale1 covale one ? A ASN 55 ND2 ? ? ? 1_555 B NAG .   C1 ? ? A ASN 51 A NAG 201 1_555 ? ? ? ? ? ? ? 1.444 ? N-Glycosylation 
# 
loop_
_struct_conn_type.id 
_struct_conn_type.criteria 
_struct_conn_type.reference 
disulf ? ? 
covale ? ? 
# 
loop_
_pdbx_modification_feature.ordinal 
_pdbx_modification_feature.label_comp_id 
_pdbx_modification_feature.label_asym_id 
_pdbx_modification_feature.label_seq_id 
_pdbx_modification_feature.label_alt_id 
_pdbx_modification_feature.modified_residue_label_comp_id 
_pdbx_modification_feature.modified_residue_label_asym_id 
_pdbx_modification_feature.modified_residue_label_seq_id 
_pdbx_modification_feature.modified_residue_label_alt_id 
_pdbx_modification_feature.auth_comp_id 
_pdbx_modification_feature.auth_asym_id 
_pdbx_modification_feature.auth_seq_id 
_pdbx_modification_feature.PDB_ins_code 
_pdbx_modification_feature.symmetry 
_pdbx_modification_feature.modified_residue_auth_comp_id 
_pdbx_modification_feature.modified_residue_auth_asym_id 
_pdbx_modification_feature.modified_residue_auth_seq_id 
_pdbx_modification_feature.modified_residue_PDB_ins_code 
_pdbx_modification_feature.modified_residue_symmetry 
_pdbx_modification_feature.comp_id_linking_atom 
_pdbx_modification_feature.modified_residue_id_linking_atom 
_pdbx_modification_feature.modified_residue_id 
_pdbx_modification_feature.ref_pcm_id 
_pdbx_modification_feature.ref_comp_id 
_pdbx_modification_feature.type 
_pdbx_modification_feature.category 
1 NAG B .  ? ASN A 55  ? NAG A 201 ? 1_555 ASN A 51  ? 1_555 C1 ND2 ASN 1 NAG N-Glycosylation Carbohydrate       
2 CYS A 35 ? CYS A 99  ? CYS A 31  ? 1_555 CYS A 95  ? 1_555 SG SG  .   . .   None            'Disulfide bridge' 
3 CYS A 48 ? CYS A 109 ? CYS A 44  ? 1_555 CYS A 105 ? 1_555 SG SG  .   . .   None            'Disulfide bridge' 
4 CYS A 79 ? CYS A 89  ? CYS A 75  ? 1_555 CYS A 85  ? 1_555 SG SG  .   . .   None            'Disulfide bridge' 
# 
loop_
_struct_sheet.id 
_struct_sheet.type 
_struct_sheet.number_strands 
_struct_sheet.details 
A ? 4 ? 
B ? 2 ? 
# 
loop_
_struct_sheet_order.sheet_id 
_struct_sheet_order.range_id_1 
_struct_sheet_order.range_id_2 
_struct_sheet_order.offset 
_struct_sheet_order.sense 
A 1 2 ? anti-parallel 
A 2 3 ? anti-parallel 
A 3 4 ? anti-parallel 
B 1 2 ? anti-parallel 
# 
loop_
_struct_sheet_range.sheet_id 
_struct_sheet_range.id 
_struct_sheet_range.beg_label_comp_id 
_struct_sheet_range.beg_label_asym_id 
_struct_sheet_range.beg_label_seq_id 
_struct_sheet_range.pdbx_beg_PDB_ins_code 
_struct_sheet_range.end_label_comp_id 
_struct_sheet_range.end_label_asym_id 
_struct_sheet_range.end_label_seq_id 
_struct_sheet_range.pdbx_end_PDB_ins_code 
_struct_sheet_range.beg_auth_comp_id 
_struct_sheet_range.beg_auth_asym_id 
_struct_sheet_range.beg_auth_seq_id 
_struct_sheet_range.end_auth_comp_id 
_struct_sheet_range.end_auth_asym_id 
_struct_sheet_range.end_auth_seq_id 
A 1 MET A 10  ? ALA A 13  ? MET A 6   ALA A 9   
A 2 GLN A 20  ? ILE A 25  ? GLN A 16  ILE A 21  
A 3 GLY A 106 ? CYS A 109 ? GLY A 102 CYS A 105 
A 4 ALA A 56  ? LEU A 60  ? ALA A 52  LEU A 56  
B 1 GLU A 24  ? TYR A 27  ? GLU A 20  TYR A 23  
B 2 GLN A 30  ? THR A 33  ? GLN A 26  THR A 29  
# 
loop_
_pdbx_struct_sheet_hbond.sheet_id 
_pdbx_struct_sheet_hbond.range_id_1 
_pdbx_struct_sheet_hbond.range_id_2 
_pdbx_struct_sheet_hbond.range_1_label_atom_id 
_pdbx_struct_sheet_hbond.range_1_label_comp_id 
_pdbx_struct_sheet_hbond.range_1_label_asym_id 
_pdbx_struct_sheet_hbond.range_1_label_seq_id 
_pdbx_struct_sheet_hbond.range_1_PDB_ins_code 
_pdbx_struct_sheet_hbond.range_1_auth_atom_id 
_pdbx_struct_sheet_hbond.range_1_auth_comp_id 
_pdbx_struct_sheet_hbond.range_1_auth_asym_id 
_pdbx_struct_sheet_hbond.range_1_auth_seq_id 
_pdbx_struct_sheet_hbond.range_2_label_atom_id 
_pdbx_struct_sheet_hbond.range_2_label_comp_id 
_pdbx_struct_sheet_hbond.range_2_label_asym_id 
_pdbx_struct_sheet_hbond.range_2_label_seq_id 
_pdbx_struct_sheet_hbond.range_2_PDB_ins_code 
_pdbx_struct_sheet_hbond.range_2_auth_atom_id 
_pdbx_struct_sheet_hbond.range_2_auth_comp_id 
_pdbx_struct_sheet_hbond.range_2_auth_asym_id 
_pdbx_struct_sheet_hbond.range_2_auth_seq_id 
A 1 2 O ARG A 11  ? O ARG A 7   N GLU A 24  ? N GLU A 20  
A 2 3 O GLY A 21  ? O GLY A 17  N VAL A 107 ? N VAL A 103 
A 3 4 O GLY A 106 ? O GLY A 102 N LEU A 60  ? N LEU A 56  
B 1 2 O ILE A 25  ? O ILE A 21  N GLY A 32  ? N GLY A 28  
# 
_pdbx_entry_details.entry_id                   1BY2 
_pdbx_entry_details.compound_details           ? 
_pdbx_entry_details.source_details             ? 
_pdbx_entry_details.nonpolymer_details         ? 
_pdbx_entry_details.sequence_details           ? 
_pdbx_entry_details.has_ligand_of_interest     ? 
_pdbx_entry_details.has_protein_modification   Y 
# 
_pdbx_struct_mod_residue.id               1 
_pdbx_struct_mod_residue.label_asym_id    A 
_pdbx_struct_mod_residue.label_comp_id    ASN 
_pdbx_struct_mod_residue.label_seq_id     55 
_pdbx_struct_mod_residue.auth_asym_id     A 
_pdbx_struct_mod_residue.auth_comp_id     ASN 
_pdbx_struct_mod_residue.auth_seq_id      51 
_pdbx_struct_mod_residue.PDB_ins_code     ? 
_pdbx_struct_mod_residue.parent_comp_id   ASN 
_pdbx_struct_mod_residue.details          'GLYCOSYLATION SITE' 
# 
loop_
_pdbx_unobs_or_zero_occ_residues.id 
_pdbx_unobs_or_zero_occ_residues.PDB_model_num 
_pdbx_unobs_or_zero_occ_residues.polymer_flag 
_pdbx_unobs_or_zero_occ_residues.occupancy_flag 
_pdbx_unobs_or_zero_occ_residues.auth_asym_id 
_pdbx_unobs_or_zero_occ_residues.auth_comp_id 
_pdbx_unobs_or_zero_occ_residues.auth_seq_id 
_pdbx_unobs_or_zero_occ_residues.PDB_ins_code 
_pdbx_unobs_or_zero_occ_residues.label_asym_id 
_pdbx_unobs_or_zero_occ_residues.label_comp_id 
_pdbx_unobs_or_zero_occ_residues.label_seq_id 
1 1 Y 1 A ALA -3  ? A ALA 1   
2 1 Y 1 A PRO -2  ? A PRO 2   
3 1 Y 1 A LEU -1  ? A LEU 3   
4 1 Y 1 A ARG 110 ? A ARG 114 
5 1 Y 1 A SER 111 ? A SER 115 
6 1 Y 1 A THR 112 ? A THR 116 
7 1 Y 1 A HIS 113 ? A HIS 117 
# 
loop_
_chem_comp_atom.comp_id 
_chem_comp_atom.atom_id 
_chem_comp_atom.type_symbol 
_chem_comp_atom.pdbx_aromatic_flag 
_chem_comp_atom.pdbx_stereo_config 
_chem_comp_atom.pdbx_ordinal 
ALA N    N N N 1   
ALA CA   C N S 2   
ALA C    C N N 3   
ALA O    O N N 4   
ALA CB   C N N 5   
ALA OXT  O N N 6   
ALA H    H N N 7   
ALA H2   H N N 8   
ALA HA   H N N 9   
ALA HB1  H N N 10  
ALA HB2  H N N 11  
ALA HB3  H N N 12  
ALA HXT  H N N 13  
ARG N    N N N 14  
ARG CA   C N S 15  
ARG C    C N N 16  
ARG O    O N N 17  
ARG CB   C N N 18  
ARG CG   C N N 19  
ARG CD   C N N 20  
ARG NE   N N N 21  
ARG CZ   C N N 22  
ARG NH1  N N N 23  
ARG NH2  N N N 24  
ARG OXT  O N N 25  
ARG H    H N N 26  
ARG H2   H N N 27  
ARG HA   H N N 28  
ARG HB2  H N N 29  
ARG HB3  H N N 30  
ARG HG2  H N N 31  
ARG HG3  H N N 32  
ARG HD2  H N N 33  
ARG HD3  H N N 34  
ARG HE   H N N 35  
ARG HH11 H N N 36  
ARG HH12 H N N 37  
ARG HH21 H N N 38  
ARG HH22 H N N 39  
ARG HXT  H N N 40  
ASN N    N N N 41  
ASN CA   C N S 42  
ASN C    C N N 43  
ASN O    O N N 44  
ASN CB   C N N 45  
ASN CG   C N N 46  
ASN OD1  O N N 47  
ASN ND2  N N N 48  
ASN OXT  O N N 49  
ASN H    H N N 50  
ASN H2   H N N 51  
ASN HA   H N N 52  
ASN HB2  H N N 53  
ASN HB3  H N N 54  
ASN HD21 H N N 55  
ASN HD22 H N N 56  
ASN HXT  H N N 57  
ASP N    N N N 58  
ASP CA   C N S 59  
ASP C    C N N 60  
ASP O    O N N 61  
ASP CB   C N N 62  
ASP CG   C N N 63  
ASP OD1  O N N 64  
ASP OD2  O N N 65  
ASP OXT  O N N 66  
ASP H    H N N 67  
ASP H2   H N N 68  
ASP HA   H N N 69  
ASP HB2  H N N 70  
ASP HB3  H N N 71  
ASP HD2  H N N 72  
ASP HXT  H N N 73  
CYS N    N N N 74  
CYS CA   C N R 75  
CYS C    C N N 76  
CYS O    O N N 77  
CYS CB   C N N 78  
CYS SG   S N N 79  
CYS OXT  O N N 80  
CYS H    H N N 81  
CYS H2   H N N 82  
CYS HA   H N N 83  
CYS HB2  H N N 84  
CYS HB3  H N N 85  
CYS HG   H N N 86  
CYS HXT  H N N 87  
GLN N    N N N 88  
GLN CA   C N S 89  
GLN C    C N N 90  
GLN O    O N N 91  
GLN CB   C N N 92  
GLN CG   C N N 93  
GLN CD   C N N 94  
GLN OE1  O N N 95  
GLN NE2  N N N 96  
GLN OXT  O N N 97  
GLN H    H N N 98  
GLN H2   H N N 99  
GLN HA   H N N 100 
GLN HB2  H N N 101 
GLN HB3  H N N 102 
GLN HG2  H N N 103 
GLN HG3  H N N 104 
GLN HE21 H N N 105 
GLN HE22 H N N 106 
GLN HXT  H N N 107 
GLU N    N N N 108 
GLU CA   C N S 109 
GLU C    C N N 110 
GLU O    O N N 111 
GLU CB   C N N 112 
GLU CG   C N N 113 
GLU CD   C N N 114 
GLU OE1  O N N 115 
GLU OE2  O N N 116 
GLU OXT  O N N 117 
GLU H    H N N 118 
GLU H2   H N N 119 
GLU HA   H N N 120 
GLU HB2  H N N 121 
GLU HB3  H N N 122 
GLU HG2  H N N 123 
GLU HG3  H N N 124 
GLU HE2  H N N 125 
GLU HXT  H N N 126 
GLY N    N N N 127 
GLY CA   C N N 128 
GLY C    C N N 129 
GLY O    O N N 130 
GLY OXT  O N N 131 
GLY H    H N N 132 
GLY H2   H N N 133 
GLY HA2  H N N 134 
GLY HA3  H N N 135 
GLY HXT  H N N 136 
HIS N    N N N 137 
HIS CA   C N S 138 
HIS C    C N N 139 
HIS O    O N N 140 
HIS CB   C N N 141 
HIS CG   C Y N 142 
HIS ND1  N Y N 143 
HIS CD2  C Y N 144 
HIS CE1  C Y N 145 
HIS NE2  N Y N 146 
HIS OXT  O N N 147 
HIS H    H N N 148 
HIS H2   H N N 149 
HIS HA   H N N 150 
HIS HB2  H N N 151 
HIS HB3  H N N 152 
HIS HD1  H N N 153 
HIS HD2  H N N 154 
HIS HE1  H N N 155 
HIS HE2  H N N 156 
HIS HXT  H N N 157 
HOH O    O N N 158 
HOH H1   H N N 159 
HOH H2   H N N 160 
ILE N    N N N 161 
ILE CA   C N S 162 
ILE C    C N N 163 
ILE O    O N N 164 
ILE CB   C N S 165 
ILE CG1  C N N 166 
ILE CG2  C N N 167 
ILE CD1  C N N 168 
ILE OXT  O N N 169 
ILE H    H N N 170 
ILE H2   H N N 171 
ILE HA   H N N 172 
ILE HB   H N N 173 
ILE HG12 H N N 174 
ILE HG13 H N N 175 
ILE HG21 H N N 176 
ILE HG22 H N N 177 
ILE HG23 H N N 178 
ILE HD11 H N N 179 
ILE HD12 H N N 180 
ILE HD13 H N N 181 
ILE HXT  H N N 182 
LEU N    N N N 183 
LEU CA   C N S 184 
LEU C    C N N 185 
LEU O    O N N 186 
LEU CB   C N N 187 
LEU CG   C N N 188 
LEU CD1  C N N 189 
LEU CD2  C N N 190 
LEU OXT  O N N 191 
LEU H    H N N 192 
LEU H2   H N N 193 
LEU HA   H N N 194 
LEU HB2  H N N 195 
LEU HB3  H N N 196 
LEU HG   H N N 197 
LEU HD11 H N N 198 
LEU HD12 H N N 199 
LEU HD13 H N N 200 
LEU HD21 H N N 201 
LEU HD22 H N N 202 
LEU HD23 H N N 203 
LEU HXT  H N N 204 
LYS N    N N N 205 
LYS CA   C N S 206 
LYS C    C N N 207 
LYS O    O N N 208 
LYS CB   C N N 209 
LYS CG   C N N 210 
LYS CD   C N N 211 
LYS CE   C N N 212 
LYS NZ   N N N 213 
LYS OXT  O N N 214 
LYS H    H N N 215 
LYS H2   H N N 216 
LYS HA   H N N 217 
LYS HB2  H N N 218 
LYS HB3  H N N 219 
LYS HG2  H N N 220 
LYS HG3  H N N 221 
LYS HD2  H N N 222 
LYS HD3  H N N 223 
LYS HE2  H N N 224 
LYS HE3  H N N 225 
LYS HZ1  H N N 226 
LYS HZ2  H N N 227 
LYS HZ3  H N N 228 
LYS HXT  H N N 229 
MET N    N N N 230 
MET CA   C N S 231 
MET C    C N N 232 
MET O    O N N 233 
MET CB   C N N 234 
MET CG   C N N 235 
MET SD   S N N 236 
MET CE   C N N 237 
MET OXT  O N N 238 
MET H    H N N 239 
MET H2   H N N 240 
MET HA   H N N 241 
MET HB2  H N N 242 
MET HB3  H N N 243 
MET HG2  H N N 244 
MET HG3  H N N 245 
MET HE1  H N N 246 
MET HE2  H N N 247 
MET HE3  H N N 248 
MET HXT  H N N 249 
NAG C1   C N R 250 
NAG C2   C N R 251 
NAG C3   C N R 252 
NAG C4   C N S 253 
NAG C5   C N R 254 
NAG C6   C N N 255 
NAG C7   C N N 256 
NAG C8   C N N 257 
NAG N2   N N N 258 
NAG O1   O N N 259 
NAG O3   O N N 260 
NAG O4   O N N 261 
NAG O5   O N N 262 
NAG O6   O N N 263 
NAG O7   O N N 264 
NAG H1   H N N 265 
NAG H2   H N N 266 
NAG H3   H N N 267 
NAG H4   H N N 268 
NAG H5   H N N 269 
NAG H61  H N N 270 
NAG H62  H N N 271 
NAG H81  H N N 272 
NAG H82  H N N 273 
NAG H83  H N N 274 
NAG HN2  H N N 275 
NAG HO1  H N N 276 
NAG HO3  H N N 277 
NAG HO4  H N N 278 
NAG HO6  H N N 279 
PHE N    N N N 280 
PHE CA   C N S 281 
PHE C    C N N 282 
PHE O    O N N 283 
PHE CB   C N N 284 
PHE CG   C Y N 285 
PHE CD1  C Y N 286 
PHE CD2  C Y N 287 
PHE CE1  C Y N 288 
PHE CE2  C Y N 289 
PHE CZ   C Y N 290 
PHE OXT  O N N 291 
PHE H    H N N 292 
PHE H2   H N N 293 
PHE HA   H N N 294 
PHE HB2  H N N 295 
PHE HB3  H N N 296 
PHE HD1  H N N 297 
PHE HD2  H N N 298 
PHE HE1  H N N 299 
PHE HE2  H N N 300 
PHE HZ   H N N 301 
PHE HXT  H N N 302 
PRO N    N N N 303 
PRO CA   C N S 304 
PRO C    C N N 305 
PRO O    O N N 306 
PRO CB   C N N 307 
PRO CG   C N N 308 
PRO CD   C N N 309 
PRO OXT  O N N 310 
PRO H    H N N 311 
PRO HA   H N N 312 
PRO HB2  H N N 313 
PRO HB3  H N N 314 
PRO HG2  H N N 315 
PRO HG3  H N N 316 
PRO HD2  H N N 317 
PRO HD3  H N N 318 
PRO HXT  H N N 319 
SER N    N N N 320 
SER CA   C N S 321 
SER C    C N N 322 
SER O    O N N 323 
SER CB   C N N 324 
SER OG   O N N 325 
SER OXT  O N N 326 
SER H    H N N 327 
SER H2   H N N 328 
SER HA   H N N 329 
SER HB2  H N N 330 
SER HB3  H N N 331 
SER HG   H N N 332 
SER HXT  H N N 333 
THR N    N N N 334 
THR CA   C N S 335 
THR C    C N N 336 
THR O    O N N 337 
THR CB   C N R 338 
THR OG1  O N N 339 
THR CG2  C N N 340 
THR OXT  O N N 341 
THR H    H N N 342 
THR H2   H N N 343 
THR HA   H N N 344 
THR HB   H N N 345 
THR HG1  H N N 346 
THR HG21 H N N 347 
THR HG22 H N N 348 
THR HG23 H N N 349 
THR HXT  H N N 350 
TRP N    N N N 351 
TRP CA   C N S 352 
TRP C    C N N 353 
TRP O    O N N 354 
TRP CB   C N N 355 
TRP CG   C Y N 356 
TRP CD1  C Y N 357 
TRP CD2  C Y N 358 
TRP NE1  N Y N 359 
TRP CE2  C Y N 360 
TRP CE3  C Y N 361 
TRP CZ2  C Y N 362 
TRP CZ3  C Y N 363 
TRP CH2  C Y N 364 
TRP OXT  O N N 365 
TRP H    H N N 366 
TRP H2   H N N 367 
TRP HA   H N N 368 
TRP HB2  H N N 369 
TRP HB3  H N N 370 
TRP HD1  H N N 371 
TRP HE1  H N N 372 
TRP HE3  H N N 373 
TRP HZ2  H N N 374 
TRP HZ3  H N N 375 
TRP HH2  H N N 376 
TRP HXT  H N N 377 
TYR N    N N N 378 
TYR CA   C N S 379 
TYR C    C N N 380 
TYR O    O N N 381 
TYR CB   C N N 382 
TYR CG   C Y N 383 
TYR CD1  C Y N 384 
TYR CD2  C Y N 385 
TYR CE1  C Y N 386 
TYR CE2  C Y N 387 
TYR CZ   C Y N 388 
TYR OH   O N N 389 
TYR OXT  O N N 390 
TYR H    H N N 391 
TYR H2   H N N 392 
TYR HA   H N N 393 
TYR HB2  H N N 394 
TYR HB3  H N N 395 
TYR HD1  H N N 396 
TYR HD2  H N N 397 
TYR HE1  H N N 398 
TYR HE2  H N N 399 
TYR HH   H N N 400 
TYR HXT  H N N 401 
VAL N    N N N 402 
VAL CA   C N S 403 
VAL C    C N N 404 
VAL O    O N N 405 
VAL CB   C N N 406 
VAL CG1  C N N 407 
VAL CG2  C N N 408 
VAL OXT  O N N 409 
VAL H    H N N 410 
VAL H2   H N N 411 
VAL HA   H N N 412 
VAL HB   H N N 413 
VAL HG11 H N N 414 
VAL HG12 H N N 415 
VAL HG13 H N N 416 
VAL HG21 H N N 417 
VAL HG22 H N N 418 
VAL HG23 H N N 419 
VAL HXT  H N N 420 
# 
loop_
_chem_comp_bond.comp_id 
_chem_comp_bond.atom_id_1 
_chem_comp_bond.atom_id_2 
_chem_comp_bond.value_order 
_chem_comp_bond.pdbx_aromatic_flag 
_chem_comp_bond.pdbx_stereo_config 
_chem_comp_bond.pdbx_ordinal 
ALA N   CA   sing N N 1   
ALA N   H    sing N N 2   
ALA N   H2   sing N N 3   
ALA CA  C    sing N N 4   
ALA CA  CB   sing N N 5   
ALA CA  HA   sing N N 6   
ALA C   O    doub N N 7   
ALA C   OXT  sing N N 8   
ALA CB  HB1  sing N N 9   
ALA CB  HB2  sing N N 10  
ALA CB  HB3  sing N N 11  
ALA OXT HXT  sing N N 12  
ARG N   CA   sing N N 13  
ARG N   H    sing N N 14  
ARG N   H2   sing N N 15  
ARG CA  C    sing N N 16  
ARG CA  CB   sing N N 17  
ARG CA  HA   sing N N 18  
ARG C   O    doub N N 19  
ARG C   OXT  sing N N 20  
ARG CB  CG   sing N N 21  
ARG CB  HB2  sing N N 22  
ARG CB  HB3  sing N N 23  
ARG CG  CD   sing N N 24  
ARG CG  HG2  sing N N 25  
ARG CG  HG3  sing N N 26  
ARG CD  NE   sing N N 27  
ARG CD  HD2  sing N N 28  
ARG CD  HD3  sing N N 29  
ARG NE  CZ   sing N N 30  
ARG NE  HE   sing N N 31  
ARG CZ  NH1  sing N N 32  
ARG CZ  NH2  doub N N 33  
ARG NH1 HH11 sing N N 34  
ARG NH1 HH12 sing N N 35  
ARG NH2 HH21 sing N N 36  
ARG NH2 HH22 sing N N 37  
ARG OXT HXT  sing N N 38  
ASN N   CA   sing N N 39  
ASN N   H    sing N N 40  
ASN N   H2   sing N N 41  
ASN CA  C    sing N N 42  
ASN CA  CB   sing N N 43  
ASN CA  HA   sing N N 44  
ASN C   O    doub N N 45  
ASN C   OXT  sing N N 46  
ASN CB  CG   sing N N 47  
ASN CB  HB2  sing N N 48  
ASN CB  HB3  sing N N 49  
ASN CG  OD1  doub N N 50  
ASN CG  ND2  sing N N 51  
ASN ND2 HD21 sing N N 52  
ASN ND2 HD22 sing N N 53  
ASN OXT HXT  sing N N 54  
ASP N   CA   sing N N 55  
ASP N   H    sing N N 56  
ASP N   H2   sing N N 57  
ASP CA  C    sing N N 58  
ASP CA  CB   sing N N 59  
ASP CA  HA   sing N N 60  
ASP C   O    doub N N 61  
ASP C   OXT  sing N N 62  
ASP CB  CG   sing N N 63  
ASP CB  HB2  sing N N 64  
ASP CB  HB3  sing N N 65  
ASP CG  OD1  doub N N 66  
ASP CG  OD2  sing N N 67  
ASP OD2 HD2  sing N N 68  
ASP OXT HXT  sing N N 69  
CYS N   CA   sing N N 70  
CYS N   H    sing N N 71  
CYS N   H2   sing N N 72  
CYS CA  C    sing N N 73  
CYS CA  CB   sing N N 74  
CYS CA  HA   sing N N 75  
CYS C   O    doub N N 76  
CYS C   OXT  sing N N 77  
CYS CB  SG   sing N N 78  
CYS CB  HB2  sing N N 79  
CYS CB  HB3  sing N N 80  
CYS SG  HG   sing N N 81  
CYS OXT HXT  sing N N 82  
GLN N   CA   sing N N 83  
GLN N   H    sing N N 84  
GLN N   H2   sing N N 85  
GLN CA  C    sing N N 86  
GLN CA  CB   sing N N 87  
GLN CA  HA   sing N N 88  
GLN C   O    doub N N 89  
GLN C   OXT  sing N N 90  
GLN CB  CG   sing N N 91  
GLN CB  HB2  sing N N 92  
GLN CB  HB3  sing N N 93  
GLN CG  CD   sing N N 94  
GLN CG  HG2  sing N N 95  
GLN CG  HG3  sing N N 96  
GLN CD  OE1  doub N N 97  
GLN CD  NE2  sing N N 98  
GLN NE2 HE21 sing N N 99  
GLN NE2 HE22 sing N N 100 
GLN OXT HXT  sing N N 101 
GLU N   CA   sing N N 102 
GLU N   H    sing N N 103 
GLU N   H2   sing N N 104 
GLU CA  C    sing N N 105 
GLU CA  CB   sing N N 106 
GLU CA  HA   sing N N 107 
GLU C   O    doub N N 108 
GLU C   OXT  sing N N 109 
GLU CB  CG   sing N N 110 
GLU CB  HB2  sing N N 111 
GLU CB  HB3  sing N N 112 
GLU CG  CD   sing N N 113 
GLU CG  HG2  sing N N 114 
GLU CG  HG3  sing N N 115 
GLU CD  OE1  doub N N 116 
GLU CD  OE2  sing N N 117 
GLU OE2 HE2  sing N N 118 
GLU OXT HXT  sing N N 119 
GLY N   CA   sing N N 120 
GLY N   H    sing N N 121 
GLY N   H2   sing N N 122 
GLY CA  C    sing N N 123 
GLY CA  HA2  sing N N 124 
GLY CA  HA3  sing N N 125 
GLY C   O    doub N N 126 
GLY C   OXT  sing N N 127 
GLY OXT HXT  sing N N 128 
HIS N   CA   sing N N 129 
HIS N   H    sing N N 130 
HIS N   H2   sing N N 131 
HIS CA  C    sing N N 132 
HIS CA  CB   sing N N 133 
HIS CA  HA   sing N N 134 
HIS C   O    doub N N 135 
HIS C   OXT  sing N N 136 
HIS CB  CG   sing N N 137 
HIS CB  HB2  sing N N 138 
HIS CB  HB3  sing N N 139 
HIS CG  ND1  sing Y N 140 
HIS CG  CD2  doub Y N 141 
HIS ND1 CE1  doub Y N 142 
HIS ND1 HD1  sing N N 143 
HIS CD2 NE2  sing Y N 144 
HIS CD2 HD2  sing N N 145 
HIS CE1 NE2  sing Y N 146 
HIS CE1 HE1  sing N N 147 
HIS NE2 HE2  sing N N 148 
HIS OXT HXT  sing N N 149 
HOH O   H1   sing N N 150 
HOH O   H2   sing N N 151 
ILE N   CA   sing N N 152 
ILE N   H    sing N N 153 
ILE N   H2   sing N N 154 
ILE CA  C    sing N N 155 
ILE CA  CB   sing N N 156 
ILE CA  HA   sing N N 157 
ILE C   O    doub N N 158 
ILE C   OXT  sing N N 159 
ILE CB  CG1  sing N N 160 
ILE CB  CG2  sing N N 161 
ILE CB  HB   sing N N 162 
ILE CG1 CD1  sing N N 163 
ILE CG1 HG12 sing N N 164 
ILE CG1 HG13 sing N N 165 
ILE CG2 HG21 sing N N 166 
ILE CG2 HG22 sing N N 167 
ILE CG2 HG23 sing N N 168 
ILE CD1 HD11 sing N N 169 
ILE CD1 HD12 sing N N 170 
ILE CD1 HD13 sing N N 171 
ILE OXT HXT  sing N N 172 
LEU N   CA   sing N N 173 
LEU N   H    sing N N 174 
LEU N   H2   sing N N 175 
LEU CA  C    sing N N 176 
LEU CA  CB   sing N N 177 
LEU CA  HA   sing N N 178 
LEU C   O    doub N N 179 
LEU C   OXT  sing N N 180 
LEU CB  CG   sing N N 181 
LEU CB  HB2  sing N N 182 
LEU CB  HB3  sing N N 183 
LEU CG  CD1  sing N N 184 
LEU CG  CD2  sing N N 185 
LEU CG  HG   sing N N 186 
LEU CD1 HD11 sing N N 187 
LEU CD1 HD12 sing N N 188 
LEU CD1 HD13 sing N N 189 
LEU CD2 HD21 sing N N 190 
LEU CD2 HD22 sing N N 191 
LEU CD2 HD23 sing N N 192 
LEU OXT HXT  sing N N 193 
LYS N   CA   sing N N 194 
LYS N   H    sing N N 195 
LYS N   H2   sing N N 196 
LYS CA  C    sing N N 197 
LYS CA  CB   sing N N 198 
LYS CA  HA   sing N N 199 
LYS C   O    doub N N 200 
LYS C   OXT  sing N N 201 
LYS CB  CG   sing N N 202 
LYS CB  HB2  sing N N 203 
LYS CB  HB3  sing N N 204 
LYS CG  CD   sing N N 205 
LYS CG  HG2  sing N N 206 
LYS CG  HG3  sing N N 207 
LYS CD  CE   sing N N 208 
LYS CD  HD2  sing N N 209 
LYS CD  HD3  sing N N 210 
LYS CE  NZ   sing N N 211 
LYS CE  HE2  sing N N 212 
LYS CE  HE3  sing N N 213 
LYS NZ  HZ1  sing N N 214 
LYS NZ  HZ2  sing N N 215 
LYS NZ  HZ3  sing N N 216 
LYS OXT HXT  sing N N 217 
MET N   CA   sing N N 218 
MET N   H    sing N N 219 
MET N   H2   sing N N 220 
MET CA  C    sing N N 221 
MET CA  CB   sing N N 222 
MET CA  HA   sing N N 223 
MET C   O    doub N N 224 
MET C   OXT  sing N N 225 
MET CB  CG   sing N N 226 
MET CB  HB2  sing N N 227 
MET CB  HB3  sing N N 228 
MET CG  SD   sing N N 229 
MET CG  HG2  sing N N 230 
MET CG  HG3  sing N N 231 
MET SD  CE   sing N N 232 
MET CE  HE1  sing N N 233 
MET CE  HE2  sing N N 234 
MET CE  HE3  sing N N 235 
MET OXT HXT  sing N N 236 
NAG C1  C2   sing N N 237 
NAG C1  O1   sing N N 238 
NAG C1  O5   sing N N 239 
NAG C1  H1   sing N N 240 
NAG C2  C3   sing N N 241 
NAG C2  N2   sing N N 242 
NAG C2  H2   sing N N 243 
NAG C3  C4   sing N N 244 
NAG C3  O3   sing N N 245 
NAG C3  H3   sing N N 246 
NAG C4  C5   sing N N 247 
NAG C4  O4   sing N N 248 
NAG C4  H4   sing N N 249 
NAG C5  C6   sing N N 250 
NAG C5  O5   sing N N 251 
NAG C5  H5   sing N N 252 
NAG C6  O6   sing N N 253 
NAG C6  H61  sing N N 254 
NAG C6  H62  sing N N 255 
NAG C7  C8   sing N N 256 
NAG C7  N2   sing N N 257 
NAG C7  O7   doub N N 258 
NAG C8  H81  sing N N 259 
NAG C8  H82  sing N N 260 
NAG C8  H83  sing N N 261 
NAG N2  HN2  sing N N 262 
NAG O1  HO1  sing N N 263 
NAG O3  HO3  sing N N 264 
NAG O4  HO4  sing N N 265 
NAG O6  HO6  sing N N 266 
PHE N   CA   sing N N 267 
PHE N   H    sing N N 268 
PHE N   H2   sing N N 269 
PHE CA  C    sing N N 270 
PHE CA  CB   sing N N 271 
PHE CA  HA   sing N N 272 
PHE C   O    doub N N 273 
PHE C   OXT  sing N N 274 
PHE CB  CG   sing N N 275 
PHE CB  HB2  sing N N 276 
PHE CB  HB3  sing N N 277 
PHE CG  CD1  doub Y N 278 
PHE CG  CD2  sing Y N 279 
PHE CD1 CE1  sing Y N 280 
PHE CD1 HD1  sing N N 281 
PHE CD2 CE2  doub Y N 282 
PHE CD2 HD2  sing N N 283 
PHE CE1 CZ   doub Y N 284 
PHE CE1 HE1  sing N N 285 
PHE CE2 CZ   sing Y N 286 
PHE CE2 HE2  sing N N 287 
PHE CZ  HZ   sing N N 288 
PHE OXT HXT  sing N N 289 
PRO N   CA   sing N N 290 
PRO N   CD   sing N N 291 
PRO N   H    sing N N 292 
PRO CA  C    sing N N 293 
PRO CA  CB   sing N N 294 
PRO CA  HA   sing N N 295 
PRO C   O    doub N N 296 
PRO C   OXT  sing N N 297 
PRO CB  CG   sing N N 298 
PRO CB  HB2  sing N N 299 
PRO CB  HB3  sing N N 300 
PRO CG  CD   sing N N 301 
PRO CG  HG2  sing N N 302 
PRO CG  HG3  sing N N 303 
PRO CD  HD2  sing N N 304 
PRO CD  HD3  sing N N 305 
PRO OXT HXT  sing N N 306 
SER N   CA   sing N N 307 
SER N   H    sing N N 308 
SER N   H2   sing N N 309 
SER CA  C    sing N N 310 
SER CA  CB   sing N N 311 
SER CA  HA   sing N N 312 
SER C   O    doub N N 313 
SER C   OXT  sing N N 314 
SER CB  OG   sing N N 315 
SER CB  HB2  sing N N 316 
SER CB  HB3  sing N N 317 
SER OG  HG   sing N N 318 
SER OXT HXT  sing N N 319 
THR N   CA   sing N N 320 
THR N   H    sing N N 321 
THR N   H2   sing N N 322 
THR CA  C    sing N N 323 
THR CA  CB   sing N N 324 
THR CA  HA   sing N N 325 
THR C   O    doub N N 326 
THR C   OXT  sing N N 327 
THR CB  OG1  sing N N 328 
THR CB  CG2  sing N N 329 
THR CB  HB   sing N N 330 
THR OG1 HG1  sing N N 331 
THR CG2 HG21 sing N N 332 
THR CG2 HG22 sing N N 333 
THR CG2 HG23 sing N N 334 
THR OXT HXT  sing N N 335 
TRP N   CA   sing N N 336 
TRP N   H    sing N N 337 
TRP N   H2   sing N N 338 
TRP CA  C    sing N N 339 
TRP CA  CB   sing N N 340 
TRP CA  HA   sing N N 341 
TRP C   O    doub N N 342 
TRP C   OXT  sing N N 343 
TRP CB  CG   sing N N 344 
TRP CB  HB2  sing N N 345 
TRP CB  HB3  sing N N 346 
TRP CG  CD1  doub Y N 347 
TRP CG  CD2  sing Y N 348 
TRP CD1 NE1  sing Y N 349 
TRP CD1 HD1  sing N N 350 
TRP CD2 CE2  doub Y N 351 
TRP CD2 CE3  sing Y N 352 
TRP NE1 CE2  sing Y N 353 
TRP NE1 HE1  sing N N 354 
TRP CE2 CZ2  sing Y N 355 
TRP CE3 CZ3  doub Y N 356 
TRP CE3 HE3  sing N N 357 
TRP CZ2 CH2  doub Y N 358 
TRP CZ2 HZ2  sing N N 359 
TRP CZ3 CH2  sing Y N 360 
TRP CZ3 HZ3  sing N N 361 
TRP CH2 HH2  sing N N 362 
TRP OXT HXT  sing N N 363 
TYR N   CA   sing N N 364 
TYR N   H    sing N N 365 
TYR N   H2   sing N N 366 
TYR CA  C    sing N N 367 
TYR CA  CB   sing N N 368 
TYR CA  HA   sing N N 369 
TYR C   O    doub N N 370 
TYR C   OXT  sing N N 371 
TYR CB  CG   sing N N 372 
TYR CB  HB2  sing N N 373 
TYR CB  HB3  sing N N 374 
TYR CG  CD1  doub Y N 375 
TYR CG  CD2  sing Y N 376 
TYR CD1 CE1  sing Y N 377 
TYR CD1 HD1  sing N N 378 
TYR CD2 CE2  doub Y N 379 
TYR CD2 HD2  sing N N 380 
TYR CE1 CZ   doub Y N 381 
TYR CE1 HE1  sing N N 382 
TYR CE2 CZ   sing Y N 383 
TYR CE2 HE2  sing N N 384 
TYR CZ  OH   sing N N 385 
TYR OH  HH   sing N N 386 
TYR OXT HXT  sing N N 387 
VAL N   CA   sing N N 388 
VAL N   H    sing N N 389 
VAL N   H2   sing N N 390 
VAL CA  C    sing N N 391 
VAL CA  CB   sing N N 392 
VAL CA  HA   sing N N 393 
VAL C   O    doub N N 394 
VAL C   OXT  sing N N 395 
VAL CB  CG1  sing N N 396 
VAL CB  CG2  sing N N 397 
VAL CB  HB   sing N N 398 
VAL CG1 HG11 sing N N 399 
VAL CG1 HG12 sing N N 400 
VAL CG1 HG13 sing N N 401 
VAL CG2 HG21 sing N N 402 
VAL CG2 HG22 sing N N 403 
VAL CG2 HG23 sing N N 404 
VAL OXT HXT  sing N N 405 
# 
_atom_sites.entry_id                    1BY2 
_atom_sites.fract_transf_matrix[1][1]   -0.00993090 
_atom_sites.fract_transf_matrix[1][2]   0.01533618 
_atom_sites.fract_transf_matrix[1][3]   -0.01296949 
_atom_sites.fract_transf_matrix[2][1]   0.00641085 
_atom_sites.fract_transf_matrix[2][2]   -0.01129109 
_atom_sites.fract_transf_matrix[2][3]   -0.01826037 
_atom_sites.fract_transf_matrix[3][1]   -0.00631449 
_atom_sites.fract_transf_matrix[3][2]   -0.00391598 
_atom_sites.fract_transf_matrix[3][3]   0.00020451 
_atom_sites.fract_transf_vector[1]      0.404774 
_atom_sites.fract_transf_vector[2]      0.523967 
_atom_sites.fract_transf_vector[3]      0.104618 
# 
loop_
_atom_type.symbol 
C 
N 
O 
S 
# 
loop_
_atom_site.group_PDB 
_atom_site.id 
_atom_site.type_symbol 
_atom_site.label_atom_id 
_atom_site.label_alt_id 
_atom_site.label_comp_id 
_atom_site.label_asym_id 
_atom_site.label_entity_id 
_atom_site.label_seq_id 
_atom_site.pdbx_PDB_ins_code 
_atom_site.Cartn_x 
_atom_site.Cartn_y 
_atom_site.Cartn_z 
_atom_site.occupancy 
_atom_site.B_iso_or_equiv 
_atom_site.pdbx_formal_charge 
_atom_site.auth_seq_id 
_atom_site.auth_comp_id 
_atom_site.auth_asym_id 
_atom_site.auth_atom_id 
_atom_site.pdbx_PDB_model_num 
ATOM   1   N N   . ALA A 1 4   ? -12.746 -9.515  11.855  1.00 44.14 ? 0   ALA A N   1 
ATOM   2   C CA  . ALA A 1 4   ? -11.455 -9.923  12.481  1.00 45.53 ? 0   ALA A CA  1 
ATOM   3   C C   . ALA A 1 4   ? -10.259 -9.385  11.677  1.00 45.86 ? 0   ALA A C   1 
ATOM   4   O O   . ALA A 1 4   ? -9.725  -10.076 10.805  1.00 48.67 ? 0   ALA A O   1 
ATOM   5   C CB  . ALA A 1 4   ? -11.379 -11.446 12.569  1.00 47.01 ? 0   ALA A CB  1 
ATOM   6   N N   . VAL A 1 5   ? -9.839  -8.158  11.982  1.00 43.03 ? 1   VAL A N   1 
ATOM   7   C CA  . VAL A 1 5   ? -8.728  -7.511  11.289  1.00 36.81 ? 1   VAL A CA  1 
ATOM   8   C C   . VAL A 1 5   ? -7.551  -7.313  12.250  1.00 33.60 ? 1   VAL A C   1 
ATOM   9   O O   . VAL A 1 5   ? -7.742  -6.896  13.399  1.00 31.94 ? 1   VAL A O   1 
ATOM   10  C CB  . VAL A 1 5   ? -9.168  -6.143  10.713  1.00 35.46 ? 1   VAL A CB  1 
ATOM   11  C CG1 . VAL A 1 5   ? -8.040  -5.508  9.946   1.00 33.19 ? 1   VAL A CG1 1 
ATOM   12  C CG2 . VAL A 1 5   ? -10.360 -6.314  9.794   1.00 38.35 ? 1   VAL A CG2 1 
ATOM   13  N N   . ASN A 1 6   ? -6.343  -7.608  11.775  1.00 30.71 ? 2   ASN A N   1 
ATOM   14  C CA  . ASN A 1 6   ? -5.119  -7.468  12.569  1.00 27.18 ? 2   ASN A CA  1 
ATOM   15  C C   . ASN A 1 6   ? -4.137  -6.456  11.986  1.00 22.65 ? 2   ASN A C   1 
ATOM   16  O O   . ASN A 1 6   ? -4.262  -6.044  10.833  1.00 20.33 ? 2   ASN A O   1 
ATOM   17  C CB  . ASN A 1 6   ? -4.425  -8.821  12.680  1.00 30.75 ? 2   ASN A CB  1 
ATOM   18  C CG  . ASN A 1 6   ? -5.288  -9.854  13.351  1.00 36.77 ? 2   ASN A CG  1 
ATOM   19  O OD1 . ASN A 1 6   ? -5.512  -9.797  14.558  1.00 39.28 ? 2   ASN A OD1 1 
ATOM   20  N ND2 . ASN A 1 6   ? -5.804  -10.793 12.569  1.00 40.43 ? 2   ASN A ND2 1 
ATOM   21  N N   . ASP A 1 7   ? -3.174  -6.044  12.804  1.00 20.59 ? 3   ASP A N   1 
ATOM   22  C CA  . ASP A 1 7   ? -2.155  -5.097  12.375  1.00 19.91 ? 3   ASP A CA  1 
ATOM   23  C C   . ASP A 1 7   ? -1.496  -5.605  11.094  1.00 18.84 ? 3   ASP A C   1 
ATOM   24  O O   . ASP A 1 7   ? -1.083  -6.762  11.029  1.00 20.92 ? 3   ASP A O   1 
ATOM   25  C CB  . ASP A 1 7   ? -1.055  -4.968  13.432  1.00 20.23 ? 3   ASP A CB  1 
ATOM   26  C CG  . ASP A 1 7   ? -1.497  -4.225  14.675  1.00 23.86 ? 3   ASP A CG  1 
ATOM   27  O OD1 . ASP A 1 7   ? -2.589  -3.605  14.697  1.00 23.20 ? 3   ASP A OD1 1 
ATOM   28  O OD2 . ASP A 1 7   ? -0.710  -4.239  15.646  1.00 22.41 ? 3   ASP A OD2 1 
ATOM   29  N N   . GLY A 1 8   ? -1.379  -4.741  10.092  1.00 16.07 ? 4   GLY A N   1 
ATOM   30  C CA  . GLY A 1 8   ? -0.749  -5.145  8.856   1.00 12.81 ? 4   GLY A CA  1 
ATOM   31  C C   . GLY A 1 8   ? -1.707  -5.616  7.788   1.00 15.26 ? 4   GLY A C   1 
ATOM   32  O O   . GLY A 1 8   ? -1.287  -5.826  6.646   1.00 15.65 ? 4   GLY A O   1 
ATOM   33  N N   . ASP A 1 9   ? -2.976  -5.801  8.142   1.00 15.08 ? 5   ASP A N   1 
ATOM   34  C CA  . ASP A 1 9   ? -3.983  -6.221  7.176   1.00 15.28 ? 5   ASP A CA  1 
ATOM   35  C C   . ASP A 1 9   ? -4.114  -5.068  6.181   1.00 14.32 ? 5   ASP A C   1 
ATOM   36  O O   . ASP A 1 9   ? -4.110  -3.905  6.576   1.00 14.84 ? 5   ASP A O   1 
ATOM   37  C CB  . ASP A 1 9   ? -5.333  -6.453  7.864   1.00 17.20 ? 5   ASP A CB  1 
ATOM   38  C CG  . ASP A 1 9   ? -5.464  -7.857  8.489   1.00 31.56 ? 5   ASP A CG  1 
ATOM   39  O OD1 . ASP A 1 9   ? -4.462  -8.611  8.551   1.00 28.80 ? 5   ASP A OD1 1 
ATOM   40  O OD2 . ASP A 1 9   ? -6.588  -8.207  8.929   1.00 31.99 ? 5   ASP A OD2 1 
ATOM   41  N N   . MET A 1 10  ? -4.273  -5.392  4.903   1.00 13.08 ? 6   MET A N   1 
ATOM   42  C CA  . MET A 1 10  ? -4.382  -4.373  3.850   1.00 14.32 ? 6   MET A CA  1 
ATOM   43  C C   . MET A 1 10  ? -5.632  -4.492  2.986   1.00 16.32 ? 6   MET A C   1 
ATOM   44  O O   . MET A 1 10  ? -6.291  -5.522  2.969   1.00 18.11 ? 6   MET A O   1 
ATOM   45  C CB  . MET A 1 10  ? -3.170  -4.450  2.924   1.00 14.66 ? 6   MET A CB  1 
ATOM   46  C CG  . MET A 1 10  ? -1.843  -4.226  3.607   1.00 16.39 ? 6   MET A CG  1 
ATOM   47  S SD  . MET A 1 10  ? -0.485  -4.759  2.575   1.00 19.50 ? 6   MET A SD  1 
ATOM   48  C CE  . MET A 1 10  ? -0.709  -6.541  2.607   1.00 24.10 ? 6   MET A CE  1 
ATOM   49  N N   . ARG A 1 11  ? -5.941  -3.446  2.239   1.00 15.75 ? 7   ARG A N   1 
ATOM   50  C CA  . ARG A 1 11  ? -7.070  -3.478  1.335   1.00 15.24 ? 7   ARG A CA  1 
ATOM   51  C C   . ARG A 1 11  ? -6.793  -2.452  0.268   1.00 15.79 ? 7   ARG A C   1 
ATOM   52  O O   . ARG A 1 11  ? -5.994  -1.539  0.485   1.00 16.09 ? 7   ARG A O   1 
ATOM   53  C CB  . ARG A 1 11  ? -8.348  -3.108  2.091   1.00 14.37 ? 7   ARG A CB  1 
ATOM   54  C CG  . ARG A 1 11  ? -8.438  -1.672  2.543   1.00 15.28 ? 7   ARG A CG  1 
ATOM   55  C CD  . ARG A 1 11  ? -9.703  -1.414  3.355   1.00 14.65 ? 7   ARG A CD  1 
ATOM   56  N NE  . ARG A 1 11  ? -9.830  -0.008  3.715   1.00 18.46 ? 7   ARG A NE  1 
ATOM   57  C CZ  . ARG A 1 11  ? -10.534 0.460   4.745   1.00 22.31 ? 7   ARG A CZ  1 
ATOM   58  N NH1 . ARG A 1 11  ? -11.202 -0.372  5.553   1.00 20.43 ? 7   ARG A NH1 1 
ATOM   59  N NH2 . ARG A 1 11  ? -10.534 1.767   4.989   1.00 22.03 ? 7   ARG A NH2 1 
ATOM   60  N N   . LEU A 1 12  ? -7.405  -2.641  -0.898  1.00 14.43 ? 8   LEU A N   1 
ATOM   61  C CA  . LEU A 1 12  ? -7.283  -1.700  -2.022  1.00 16.04 ? 8   LEU A CA  1 
ATOM   62  C C   . LEU A 1 12  ? -8.623  -0.961  -2.084  1.00 17.10 ? 8   LEU A C   1 
ATOM   63  O O   . LEU A 1 12  ? -9.656  -1.580  -1.935  1.00 21.71 ? 8   LEU A O   1 
ATOM   64  C CB  . LEU A 1 12  ? -7.035  -2.448  -3.341  1.00 13.45 ? 8   LEU A CB  1 
ATOM   65  C CG  . LEU A 1 12  ? -5.763  -3.296  -3.381  1.00 15.45 ? 8   LEU A CG  1 
ATOM   66  C CD1 . LEU A 1 12  ? -5.565  -3.865  -4.755  1.00 16.10 ? 8   LEU A CD1 1 
ATOM   67  C CD2 . LEU A 1 12  ? -4.556  -2.471  -2.949  1.00 13.88 ? 8   LEU A CD2 1 
ATOM   68  N N   . ALA A 1 13  ? -8.608  0.354   -2.261  1.00 17.00 ? 9   ALA A N   1 
ATOM   69  C CA  . ALA A 1 13  ? -9.831  1.114   -2.313  1.00 15.15 ? 9   ALA A CA  1 
ATOM   70  C C   . ALA A 1 13  ? -9.900  2.042   -3.494  1.00 18.30 ? 9   ALA A C   1 
ATOM   71  O O   . ALA A 1 13  ? -8.878  2.427   -4.070  1.00 15.93 ? 9   ALA A O   1 
ATOM   72  C CB  . ALA A 1 13  ? -9.993  1.923   -1.005  1.00 13.60 ? 9   ALA A CB  1 
ATOM   73  N N   . ASP A 1 14  ? -11.130 2.406   -3.842  1.00 20.31 ? 10  ASP A N   1 
ATOM   74  C CA  . ASP A 1 14  ? -11.419 3.331   -4.931  1.00 20.89 ? 10  ASP A CA  1 
ATOM   75  C C   . ASP A 1 14  ? -10.835 2.960   -6.293  1.00 21.22 ? 10  ASP A C   1 
ATOM   76  O O   . ASP A 1 14  ? -10.639 3.833   -7.143  1.00 22.26 ? 10  ASP A O   1 
ATOM   77  C CB  . ASP A 1 14  ? -10.972 4.752   -4.541  1.00 22.71 ? 10  ASP A CB  1 
ATOM   78  C CG  . ASP A 1 14  ? -11.726 5.308   -3.343  1.00 21.88 ? 10  ASP A CG  1 
ATOM   79  O OD1 . ASP A 1 14  ? -12.720 4.700   -2.913  1.00 28.60 ? 10  ASP A OD1 1 
ATOM   80  O OD2 . ASP A 1 14  ? -11.311 6.365   -2.821  1.00 23.27 ? 10  ASP A OD2 1 
ATOM   81  N N   . GLY A 1 15  ? -10.587 1.676   -6.515  1.00 22.78 ? 11  GLY A N   1 
ATOM   82  C CA  . GLY A 1 15  ? -10.019 1.265   -7.787  1.00 24.70 ? 11  GLY A CA  1 
ATOM   83  C C   . GLY A 1 15  ? -11.007 0.839   -8.868  1.00 28.91 ? 11  GLY A C   1 
ATOM   84  O O   . GLY A 1 15  ? -10.631 0.723   -10.036 1.00 29.23 ? 11  GLY A O   1 
ATOM   85  N N   . GLY A 1 16  ? -12.271 0.640   -8.509  1.00 30.54 ? 12  GLY A N   1 
ATOM   86  C CA  . GLY A 1 16  ? -13.252 0.194   -9.489  1.00 33.95 ? 12  GLY A CA  1 
ATOM   87  C C   . GLY A 1 16  ? -13.248 -1.321  -9.433  1.00 36.34 ? 12  GLY A C   1 
ATOM   88  O O   . GLY A 1 16  ? -14.184 -1.926  -8.921  1.00 42.61 ? 12  GLY A O   1 
ATOM   89  N N   . ALA A 1 17  ? -12.174 -1.934  -9.920  1.00 34.72 ? 13  ALA A N   1 
ATOM   90  C CA  . ALA A 1 17  ? -12.019 -3.379  -9.890  1.00 31.43 ? 13  ALA A CA  1 
ATOM   91  C C   . ALA A 1 17  ? -11.445 -3.709  -8.518  1.00 31.56 ? 13  ALA A C   1 
ATOM   92  O O   . ALA A 1 17  ? -11.037 -2.815  -7.784  1.00 33.22 ? 13  ALA A O   1 
ATOM   93  C CB  . ALA A 1 17  ? -11.060 -3.832  -10.983 1.00 29.25 ? 13  ALA A CB  1 
ATOM   94  N N   . THR A 1 18  ? -11.400 -4.986  -8.173  1.00 30.01 ? 14  THR A N   1 
ATOM   95  C CA  . THR A 1 18  ? -10.865 -5.407  -6.884  1.00 29.03 ? 14  THR A CA  1 
ATOM   96  C C   . THR A 1 18  ? -9.364  -5.606  -6.930  1.00 27.05 ? 14  THR A C   1 
ATOM   97  O O   . THR A 1 18  ? -8.721  -5.739  -5.886  1.00 28.99 ? 14  THR A O   1 
ATOM   98  C CB  . THR A 1 18  ? -11.472 -6.744  -6.416  1.00 34.14 ? 14  THR A CB  1 
ATOM   99  O OG1 . THR A 1 18  ? -11.283 -7.746  -7.426  1.00 36.69 ? 14  THR A OG1 1 
ATOM   100 C CG2 . THR A 1 18  ? -12.945 -6.589  -6.115  1.00 41.58 ? 14  THR A CG2 1 
ATOM   101 N N   . ASN A 1 19  ? -8.811  -5.671  -8.137  1.00 23.12 ? 15  ASN A N   1 
ATOM   102 C CA  . ASN A 1 19  ? -7.376  -5.877  -8.278  1.00 21.23 ? 15  ASN A CA  1 
ATOM   103 C C   . ASN A 1 19  ? -6.553  -4.605  -8.499  1.00 18.08 ? 15  ASN A C   1 
ATOM   104 O O   . ASN A 1 19  ? -5.470  -4.660  -9.068  1.00 19.05 ? 15  ASN A O   1 
ATOM   105 C CB  . ASN A 1 19  ? -7.078  -6.916  -9.367  1.00 23.23 ? 15  ASN A CB  1 
ATOM   106 C CG  . ASN A 1 19  ? -7.588  -6.497  -10.727 1.00 22.43 ? 15  ASN A CG  1 
ATOM   107 O OD1 . ASN A 1 19  ? -8.736  -6.069  -10.866 1.00 24.52 ? 15  ASN A OD1 1 
ATOM   108 N ND2 . ASN A 1 19  ? -6.735  -6.591  -11.732 1.00 19.11 ? 15  ASN A ND2 1 
ATOM   109 N N   . GLN A 1 20  ? -7.077  -3.461  -8.079  1.00 18.17 ? 16  GLN A N   1 
ATOM   110 C CA  . GLN A 1 20  ? -6.343  -2.203  -8.177  1.00 17.31 ? 16  GLN A CA  1 
ATOM   111 C C   . GLN A 1 20  ? -6.972  -1.182  -7.248  1.00 16.72 ? 16  GLN A C   1 
ATOM   112 O O   . GLN A 1 20  ? -8.145  -1.295  -6.898  1.00 18.13 ? 16  GLN A O   1 
ATOM   113 C CB  . GLN A 1 20  ? -6.299  -1.665  -9.615  1.00 17.84 ? 16  GLN A CB  1 
ATOM   114 C CG  . GLN A 1 20  ? -7.611  -1.131  -10.151 1.00 18.36 ? 16  GLN A CG  1 
ATOM   115 C CD  . GLN A 1 20  ? -7.441  -0.433  -11.482 1.00 20.24 ? 16  GLN A CD  1 
ATOM   116 O OE1 . GLN A 1 20  ? -6.395  -0.536  -12.125 1.00 19.92 ? 16  GLN A OE1 1 
ATOM   117 N NE2 . GLN A 1 20  ? -8.462  0.291   -11.899 1.00 23.40 ? 16  GLN A NE2 1 
ATOM   118 N N   . GLY A 1 21  ? -6.177  -0.220  -6.802  1.00 14.73 ? 17  GLY A N   1 
ATOM   119 C CA  . GLY A 1 21  ? -6.700  0.807   -5.931  1.00 13.53 ? 17  GLY A CA  1 
ATOM   120 C C   . GLY A 1 21  ? -5.632  1.423   -5.054  1.00 12.71 ? 17  GLY A C   1 
ATOM   121 O O   . GLY A 1 21  ? -4.432  1.122   -5.186  1.00 9.85  ? 17  GLY A O   1 
ATOM   122 N N   . ARG A 1 22  ? -6.090  2.332   -4.195  1.00 12.85 ? 18  ARG A N   1 
ATOM   123 C CA  . ARG A 1 22  ? -5.249  3.019   -3.233  1.00 12.14 ? 18  ARG A CA  1 
ATOM   124 C C   . ARG A 1 22  ? -4.989  1.992   -2.137  1.00 13.20 ? 18  ARG A C   1 
ATOM   125 O O   . ARG A 1 22  ? -5.896  1.262   -1.761  1.00 10.83 ? 18  ARG A O   1 
ATOM   126 C CB  . ARG A 1 22  ? -5.993  4.235   -2.671  1.00 10.45 ? 18  ARG A CB  1 
ATOM   127 C CG  . ARG A 1 22  ? -5.220  4.997   -1.604  1.00 11.67 ? 18  ARG A CG  1 
ATOM   128 C CD  . ARG A 1 22  ? -5.999  6.199   -1.095  1.00 12.97 ? 18  ARG A CD  1 
ATOM   129 N NE  . ARG A 1 22  ? -7.274  5.785   -0.522  1.00 17.20 ? 18  ARG A NE  1 
ATOM   130 C CZ  . ARG A 1 22  ? -8.457  5.981   -1.096  1.00 18.44 ? 18  ARG A CZ  1 
ATOM   131 N NH1 . ARG A 1 22  ? -8.548  6.601   -2.269  1.00 15.76 ? 18  ARG A NH1 1 
ATOM   132 N NH2 . ARG A 1 22  ? -9.547  5.516   -0.506  1.00 19.49 ? 18  ARG A NH2 1 
ATOM   133 N N   . VAL A 1 23  ? -3.744  1.879   -1.680  1.00 13.15 ? 19  VAL A N   1 
ATOM   134 C CA  . VAL A 1 23  ? -3.392  0.922   -0.637  1.00 12.92 ? 19  VAL A CA  1 
ATOM   135 C C   . VAL A 1 23  ? -3.757  1.464   0.748   1.00 13.75 ? 19  VAL A C   1 
ATOM   136 O O   . VAL A 1 23  ? -3.389  2.585   1.103   1.00 15.42 ? 19  VAL A O   1 
ATOM   137 C CB  . VAL A 1 23  ? -1.863  0.589   -0.662  1.00 14.49 ? 19  VAL A CB  1 
ATOM   138 C CG1 . VAL A 1 23  ? -1.499  -0.354  0.480   1.00 14.53 ? 19  VAL A CG1 1 
ATOM   139 C CG2 . VAL A 1 23  ? -1.478  -0.032  -1.987  1.00 12.92 ? 19  VAL A CG2 1 
ATOM   140 N N   . GLU A 1 24  ? -4.523  0.697   1.510   1.00 12.71 ? 20  GLU A N   1 
ATOM   141 C CA  . GLU A 1 24  ? -4.871  1.091   2.872   1.00 12.29 ? 20  GLU A CA  1 
ATOM   142 C C   . GLU A 1 24  ? -4.432  -0.066  3.763   1.00 11.25 ? 20  GLU A C   1 
ATOM   143 O O   . GLU A 1 24  ? -4.408  -1.228  3.330   1.00 10.88 ? 20  GLU A O   1 
ATOM   144 C CB  . GLU A 1 24  ? -6.351  1.439   2.983   1.00 10.85 ? 20  GLU A CB  1 
ATOM   145 C CG  . GLU A 1 24  ? -6.668  2.615   2.075   1.00 14.02 ? 20  GLU A CG  1 
ATOM   146 C CD  . GLU A 1 24  ? -8.044  3.200   2.246   1.00 18.02 ? 20  GLU A CD  1 
ATOM   147 O OE1 . GLU A 1 24  ? -8.921  2.535   2.833   1.00 18.04 ? 20  GLU A OE1 1 
ATOM   148 O OE2 . GLU A 1 24  ? -8.250  4.333   1.760   1.00 18.86 ? 20  GLU A OE2 1 
ATOM   149 N N   . ILE A 1 25  ? -3.954  0.269   4.955   1.00 12.31 ? 21  ILE A N   1 
ATOM   150 C CA  . ILE A 1 25  ? -3.425  -0.723  5.883   1.00 11.52 ? 21  ILE A CA  1 
ATOM   151 C C   . ILE A 1 25  ? -3.922  -0.464  7.299   1.00 13.20 ? 21  ILE A C   1 
ATOM   152 O O   . ILE A 1 25  ? -4.118  0.683   7.700   1.00 12.94 ? 21  ILE A O   1 
ATOM   153 C CB  . ILE A 1 25  ? -1.849  -0.773  5.787   1.00 10.51 ? 21  ILE A CB  1 
ATOM   154 C CG1 . ILE A 1 25  ? -1.276  -1.889  6.662   1.00 9.27  ? 21  ILE A CG1 1 
ATOM   155 C CG2 . ILE A 1 25  ? -1.237  0.588   6.139   1.00 9.08  ? 21  ILE A CG2 1 
ATOM   156 C CD1 . ILE A 1 25  ? 0.193   -2.189  6.423   1.00 9.72  ? 21  ILE A CD1 1 
ATOM   157 N N   . PHE A 1 26  ? -4.142  -1.541  8.041   1.00 14.59 ? 22  PHE A N   1 
ATOM   158 C CA  . PHE A 1 26  ? -4.673  -1.458  9.383   1.00 13.91 ? 22  PHE A CA  1 
ATOM   159 C C   . PHE A 1 26  ? -3.603  -1.479  10.459  1.00 14.51 ? 22  PHE A C   1 
ATOM   160 O O   . PHE A 1 26  ? -2.647  -2.237  10.373  1.00 14.47 ? 22  PHE A O   1 
ATOM   161 C CB  . PHE A 1 26  ? -5.624  -2.636  9.593   1.00 12.18 ? 22  PHE A CB  1 
ATOM   162 C CG  . PHE A 1 26  ? -6.283  -2.661  10.944  1.00 18.89 ? 22  PHE A CG  1 
ATOM   163 C CD1 . PHE A 1 26  ? -7.450  -1.936  11.181  1.00 19.49 ? 22  PHE A CD1 1 
ATOM   164 C CD2 . PHE A 1 26  ? -5.750  -3.428  11.978  1.00 19.39 ? 22  PHE A CD2 1 
ATOM   165 C CE1 . PHE A 1 26  ? -8.080  -1.983  12.431  1.00 20.40 ? 22  PHE A CE1 1 
ATOM   166 C CE2 . PHE A 1 26  ? -6.369  -3.482  13.225  1.00 19.36 ? 22  PHE A CE2 1 
ATOM   167 C CZ  . PHE A 1 26  ? -7.534  -2.761  13.451  1.00 14.75 ? 22  PHE A CZ  1 
ATOM   168 N N   . TYR A 1 27  ? -3.808  -0.687  11.504  1.00 14.17 ? 23  TYR A N   1 
ATOM   169 C CA  . TYR A 1 27  ? -2.877  -0.641  12.620  1.00 16.00 ? 23  TYR A CA  1 
ATOM   170 C C   . TYR A 1 27  ? -3.551  -0.125  13.876  1.00 15.87 ? 23  TYR A C   1 
ATOM   171 O O   . TYR A 1 27  ? -4.155  0.946   13.881  1.00 15.54 ? 23  TYR A O   1 
ATOM   172 C CB  . TYR A 1 27  ? -1.646  0.219   12.299  1.00 15.10 ? 23  TYR A CB  1 
ATOM   173 C CG  . TYR A 1 27  ? -0.634  0.254   13.415  1.00 12.45 ? 23  TYR A CG  1 
ATOM   174 C CD1 . TYR A 1 27  ? 0.043   -0.897  13.792  1.00 16.06 ? 23  TYR A CD1 1 
ATOM   175 C CD2 . TYR A 1 27  ? -0.352  1.436   14.084  1.00 16.38 ? 23  TYR A CD2 1 
ATOM   176 C CE1 . TYR A 1 27  ? 0.976   -0.875  14.811  1.00 21.32 ? 23  TYR A CE1 1 
ATOM   177 C CE2 . TYR A 1 27  ? 0.578   1.473   15.099  1.00 20.18 ? 23  TYR A CE2 1 
ATOM   178 C CZ  . TYR A 1 27  ? 1.235   0.320   15.466  1.00 22.13 ? 23  TYR A CZ  1 
ATOM   179 O OH  . TYR A 1 27  ? 2.159   0.361   16.487  1.00 27.83 ? 23  TYR A OH  1 
ATOM   180 N N   . ARG A 1 28  ? -3.484  -0.930  14.927  1.00 17.19 ? 24  ARG A N   1 
ATOM   181 C CA  . ARG A 1 28  ? -4.058  -0.595  16.226  1.00 15.74 ? 24  ARG A CA  1 
ATOM   182 C C   . ARG A 1 28  ? -5.423  0.033   16.210  1.00 16.48 ? 24  ARG A C   1 
ATOM   183 O O   . ARG A 1 28  ? -5.648  1.071   16.819  1.00 17.87 ? 24  ARG A O   1 
ATOM   184 C CB  . ARG A 1 28  ? -3.090  0.249   17.043  1.00 14.04 ? 24  ARG A CB  1 
ATOM   185 C CG  . ARG A 1 28  ? -1.866  -0.544  17.385  1.00 13.43 ? 24  ARG A CG  1 
ATOM   186 C CD  . ARG A 1 28  ? -0.970  0.142   18.374  1.00 18.55 ? 24  ARG A CD  1 
ATOM   187 N NE  . ARG A 1 28  ? 0.140   -0.724  18.781  1.00 18.77 ? 24  ARG A NE  1 
ATOM   188 C CZ  . ARG A 1 28  ? 1.083   -0.366  19.653  1.00 22.28 ? 24  ARG A CZ  1 
ATOM   189 N NH1 . ARG A 1 28  ? 1.049   0.851   20.205  1.00 24.12 ? 24  ARG A NH1 1 
ATOM   190 N NH2 . ARG A 1 28  ? 2.057   -1.214  19.972  1.00 24.00 ? 24  ARG A NH2 1 
ATOM   191 N N   . GLY A 1 29  ? -6.327  -0.566  15.458  1.00 16.93 ? 25  GLY A N   1 
ATOM   192 C CA  . GLY A 1 29  ? -7.671  -0.054  15.449  1.00 21.50 ? 25  GLY A CA  1 
ATOM   193 C C   . GLY A 1 29  ? -8.084  0.879   14.343  1.00 25.97 ? 25  GLY A C   1 
ATOM   194 O O   . GLY A 1 29  ? -9.275  1.188   14.243  1.00 30.03 ? 25  GLY A O   1 
ATOM   195 N N   . GLN A 1 30  ? -7.155  1.336   13.510  1.00 24.93 ? 26  GLN A N   1 
ATOM   196 C CA  . GLN A 1 30  ? -7.566  2.230   12.429  1.00 22.52 ? 26  GLN A CA  1 
ATOM   197 C C   . GLN A 1 30  ? -6.887  1.973   11.094  1.00 17.90 ? 26  GLN A C   1 
ATOM   198 O O   . GLN A 1 30  ? -5.849  1.316   11.024  1.00 15.65 ? 26  GLN A O   1 
ATOM   199 C CB  . GLN A 1 30  ? -7.418  3.695   12.847  1.00 24.89 ? 26  GLN A CB  1 
ATOM   200 C CG  . GLN A 1 30  ? -6.016  4.149   13.102  1.00 35.49 ? 26  GLN A CG  1 
ATOM   201 C CD  . GLN A 1 30  ? -5.974  5.583   13.579  1.00 49.36 ? 26  GLN A CD  1 
ATOM   202 O OE1 . GLN A 1 30  ? -6.885  6.371   13.299  1.00 51.55 ? 26  GLN A OE1 1 
ATOM   203 N NE2 . GLN A 1 30  ? -4.923  5.929   14.321  1.00 52.01 ? 26  GLN A NE2 1 
ATOM   204 N N   . TRP A 1 31  ? -7.531  2.442   10.038  1.00 17.08 ? 27  TRP A N   1 
ATOM   205 C CA  . TRP A 1 31  ? -7.015  2.291   8.691   1.00 18.60 ? 27  TRP A CA  1 
ATOM   206 C C   . TRP A 1 31  ? -6.382  3.606   8.291   1.00 17.52 ? 27  TRP A C   1 
ATOM   207 O O   . TRP A 1 31  ? -6.861  4.674   8.679   1.00 18.48 ? 27  TRP A O   1 
ATOM   208 C CB  . TRP A 1 31  ? -8.134  1.939   7.707   1.00 17.17 ? 27  TRP A CB  1 
ATOM   209 C CG  . TRP A 1 31  ? -8.636  0.543   7.864   1.00 19.77 ? 27  TRP A CG  1 
ATOM   210 C CD1 . TRP A 1 31  ? -9.617  0.113   8.716   1.00 18.68 ? 27  TRP A CD1 1 
ATOM   211 C CD2 . TRP A 1 31  ? -8.168  -0.618  7.169   1.00 17.47 ? 27  TRP A CD2 1 
ATOM   212 N NE1 . TRP A 1 31  ? -9.782  -1.243  8.590   1.00 17.46 ? 27  TRP A NE1 1 
ATOM   213 C CE2 . TRP A 1 31  ? -8.908  -1.718  7.650   1.00 17.84 ? 27  TRP A CE2 1 
ATOM   214 C CE3 . TRP A 1 31  ? -7.199  -0.835  6.189   1.00 16.72 ? 27  TRP A CE3 1 
ATOM   215 C CZ2 . TRP A 1 31  ? -8.706  -3.017  7.182   1.00 20.37 ? 27  TRP A CZ2 1 
ATOM   216 C CZ3 . TRP A 1 31  ? -6.994  -2.132  5.721   1.00 14.03 ? 27  TRP A CZ3 1 
ATOM   217 C CH2 . TRP A 1 31  ? -7.744  -3.204  6.217   1.00 19.67 ? 27  TRP A CH2 1 
ATOM   218 N N   . GLY A 1 32  ? -5.304  3.510   7.521   1.00 16.13 ? 28  GLY A N   1 
ATOM   219 C CA  . GLY A 1 32  ? -4.595  4.682   7.054   1.00 14.58 ? 28  GLY A CA  1 
ATOM   220 C C   . GLY A 1 32  ? -3.980  4.369   5.710   1.00 13.39 ? 28  GLY A C   1 
ATOM   221 O O   . GLY A 1 32  ? -4.108  3.250   5.216   1.00 13.90 ? 28  GLY A O   1 
ATOM   222 N N   . THR A 1 33  ? -3.281  5.339   5.135   1.00 11.55 ? 29  THR A N   1 
ATOM   223 C CA  . THR A 1 33  ? -2.675  5.177   3.818   1.00 10.36 ? 29  THR A CA  1 
ATOM   224 C C   . THR A 1 33  ? -1.147  5.042   3.848   1.00 10.81 ? 29  THR A C   1 
ATOM   225 O O   . THR A 1 33  ? -0.532  5.069   4.913   1.00 10.76 ? 29  THR A O   1 
ATOM   226 C CB  . THR A 1 33  ? -3.093  6.340   2.907   1.00 10.02 ? 29  THR A CB  1 
ATOM   227 O OG1 . THR A 1 33  ? -2.788  7.582   3.549   1.00 12.94 ? 29  THR A OG1 1 
ATOM   228 C CG2 . THR A 1 33  ? -4.592  6.288   2.618   1.00 11.61 ? 29  THR A CG2 1 
ATOM   229 N N   . VAL A 1 34  ? -0.546  4.919   2.671   1.00 11.08 ? 30  VAL A N   1 
ATOM   230 C CA  . VAL A 1 34  ? 0.896   4.754   2.536   1.00 10.48 ? 30  VAL A CA  1 
ATOM   231 C C   . VAL A 1 34  ? 1.421   5.853   1.622   1.00 9.61  ? 30  VAL A C   1 
ATOM   232 O O   . VAL A 1 34  ? 0.864   6.080   0.544   1.00 9.74  ? 30  VAL A O   1 
ATOM   233 C CB  . VAL A 1 34  ? 1.205   3.383   1.890   1.00 9.94  ? 30  VAL A CB  1 
ATOM   234 C CG1 . VAL A 1 34  ? 2.703   3.211   1.670   1.00 11.47 ? 30  VAL A CG1 1 
ATOM   235 C CG2 . VAL A 1 34  ? 0.668   2.279   2.759   1.00 9.70  ? 30  VAL A CG2 1 
ATOM   236 N N   . CYS A 1 35  ? 2.469   6.556   2.045   1.00 9.19  ? 31  CYS A N   1 
ATOM   237 C CA  . CYS A 1 35  ? 3.040   7.616   1.197   1.00 9.43  ? 31  CYS A CA  1 
ATOM   238 C C   . CYS A 1 35  ? 3.833   7.029   0.033   1.00 8.71  ? 31  CYS A C   1 
ATOM   239 O O   . CYS A 1 35  ? 4.515   6.017   0.193   1.00 13.71 ? 31  CYS A O   1 
ATOM   240 C CB  . CYS A 1 35  ? 3.935   8.554   1.992   1.00 7.46  ? 31  CYS A CB  1 
ATOM   241 S SG  . CYS A 1 35  ? 4.474   9.953   0.973   1.00 9.83  ? 31  CYS A SG  1 
ATOM   242 N N   . ASP A 1 36  ? 3.797   7.685   -1.122  1.00 9.00  ? 32  ASP A N   1 
ATOM   243 C CA  . ASP A 1 36  ? 4.489   7.169   -2.306  1.00 8.46  ? 32  ASP A CA  1 
ATOM   244 C C   . ASP A 1 36  ? 6.007   7.318   -2.379  1.00 9.67  ? 32  ASP A C   1 
ATOM   245 O O   . ASP A 1 36  ? 6.617   6.874   -3.357  1.00 10.98 ? 32  ASP A O   1 
ATOM   246 C CB  . ASP A 1 36  ? 3.847   7.722   -3.596  1.00 10.73 ? 32  ASP A CB  1 
ATOM   247 C CG  . ASP A 1 36  ? 4.016   9.229   -3.760  1.00 9.49  ? 32  ASP A CG  1 
ATOM   248 O OD1 . ASP A 1 36  ? 4.765   9.875   -3.008  1.00 12.18 ? 32  ASP A OD1 1 
ATOM   249 O OD2 . ASP A 1 36  ? 3.403   9.784   -4.686  1.00 10.56 ? 32  ASP A OD2 1 
ATOM   250 N N   . ASN A 1 37  ? 6.620   7.906   -1.352  1.00 9.89  ? 33  ASN A N   1 
ATOM   251 C CA  . ASN A 1 37  ? 8.071   8.086   -1.348  1.00 8.54  ? 33  ASN A CA  1 
ATOM   252 C C   . ASN A 1 37  ? 8.772   6.734   -1.374  1.00 9.34  ? 33  ASN A C   1 
ATOM   253 O O   . ASN A 1 37  ? 8.600   5.921   -0.467  1.00 9.59  ? 33  ASN A O   1 
ATOM   254 C CB  . ASN A 1 37  ? 8.525   8.897   -0.135  1.00 5.65  ? 33  ASN A CB  1 
ATOM   255 C CG  . ASN A 1 37  ? 8.117   10.370  -0.218  1.00 8.54  ? 33  ASN A CG  1 
ATOM   256 O OD1 . ASN A 1 37  ? 7.976   10.942  -1.305  1.00 12.61 ? 33  ASN A OD1 1 
ATOM   257 N ND2 . ASN A 1 37  ? 7.944   10.990  0.930   1.00 9.34  ? 33  ASN A ND2 1 
ATOM   258 N N   . LEU A 1 38  ? 9.533   6.495   -2.440  1.00 9.90  ? 34  LEU A N   1 
ATOM   259 C CA  . LEU A 1 38  ? 10.278  5.252   -2.655  1.00 9.36  ? 34  LEU A CA  1 
ATOM   260 C C   . LEU A 1 38  ? 9.370   4.058   -2.965  1.00 10.25 ? 34  LEU A C   1 
ATOM   261 O O   . LEU A 1 38  ? 9.839   2.925   -3.023  1.00 11.58 ? 34  LEU A O   1 
ATOM   262 C CB  . LEU A 1 38  ? 11.193  4.924   -1.456  1.00 11.57 ? 34  LEU A CB  1 
ATOM   263 C CG  . LEU A 1 38  ? 12.150  6.015   -0.957  1.00 13.01 ? 34  LEU A CG  1 
ATOM   264 C CD1 . LEU A 1 38  ? 13.014  5.446   0.149   1.00 14.38 ? 34  LEU A CD1 1 
ATOM   265 C CD2 . LEU A 1 38  ? 13.002  6.556   -2.090  1.00 10.52 ? 34  LEU A CD2 1 
ATOM   266 N N   . TRP A 1 39  ? 8.091   4.318   -3.218  1.00 8.99  ? 35  TRP A N   1 
ATOM   267 C CA  . TRP A 1 39  ? 7.127   3.260   -3.512  1.00 8.23  ? 35  TRP A CA  1 
ATOM   268 C C   . TRP A 1 39  ? 7.525   2.620   -4.834  1.00 12.73 ? 35  TRP A C   1 
ATOM   269 O O   . TRP A 1 39  ? 7.564   3.301   -5.853  1.00 17.33 ? 35  TRP A O   1 
ATOM   270 C CB  . TRP A 1 39  ? 5.725   3.864   -3.641  1.00 7.46  ? 35  TRP A CB  1 
ATOM   271 C CG  . TRP A 1 39  ? 4.613   2.860   -3.795  1.00 12.38 ? 35  TRP A CG  1 
ATOM   272 C CD1 . TRP A 1 39  ? 3.790   2.706   -4.876  1.00 14.63 ? 35  TRP A CD1 1 
ATOM   273 C CD2 . TRP A 1 39  ? 4.182   1.882   -2.828  1.00 10.83 ? 35  TRP A CD2 1 
ATOM   274 N NE1 . TRP A 1 39  ? 2.879   1.702   -4.647  1.00 11.25 ? 35  TRP A NE1 1 
ATOM   275 C CE2 . TRP A 1 39  ? 3.096   1.177   -3.402  1.00 10.88 ? 35  TRP A CE2 1 
ATOM   276 C CE3 . TRP A 1 39  ? 4.602   1.536   -1.538  1.00 10.16 ? 35  TRP A CE3 1 
ATOM   277 C CZ2 . TRP A 1 39  ? 2.426   0.147   -2.731  1.00 8.01  ? 35  TRP A CZ2 1 
ATOM   278 C CZ3 . TRP A 1 39  ? 3.933   0.508   -0.872  1.00 11.26 ? 35  TRP A CZ3 1 
ATOM   279 C CH2 . TRP A 1 39  ? 2.857   -0.172  -1.475  1.00 10.71 ? 35  TRP A CH2 1 
ATOM   280 N N   . ASP A 1 40  ? 7.784   1.320   -4.839  1.00 11.79 ? 36  ASP A N   1 
ATOM   281 C CA  . ASP A 1 40  ? 8.180   0.667   -6.077  1.00 13.31 ? 36  ASP A CA  1 
ATOM   282 C C   . ASP A 1 40  ? 7.403   -0.602  -6.393  1.00 14.29 ? 36  ASP A C   1 
ATOM   283 O O   . ASP A 1 40  ? 6.506   -1.002  -5.647  1.00 12.37 ? 36  ASP A O   1 
ATOM   284 C CB  . ASP A 1 40  ? 9.691   0.397   -6.099  1.00 9.82  ? 36  ASP A CB  1 
ATOM   285 C CG  . ASP A 1 40  ? 10.135  -0.613  -5.043  1.00 17.85 ? 36  ASP A CG  1 
ATOM   286 O OD1 . ASP A 1 40  ? 9.316   -1.414  -4.536  1.00 17.89 ? 36  ASP A OD1 1 
ATOM   287 O OD2 . ASP A 1 40  ? 11.351  -0.654  -4.775  1.00 21.42 ? 36  ASP A OD2 1 
ATOM   288 N N   . LEU A 1 41  ? 7.785   -1.258  -7.487  1.00 15.12 ? 37  LEU A N   1 
ATOM   289 C CA  . LEU A 1 41  ? 7.090   -2.457  -7.918  1.00 14.20 ? 37  LEU A CA  1 
ATOM   290 C C   . LEU A 1 41  ? 7.223   -3.614  -6.951  1.00 13.90 ? 37  LEU A C   1 
ATOM   291 O O   . LEU A 1 41  ? 6.312   -4.438  -6.857  1.00 16.06 ? 37  LEU A O   1 
ATOM   292 C CB  . LEU A 1 41  ? 7.515   -2.890  -9.317  1.00 18.00 ? 37  LEU A CB  1 
ATOM   293 C CG  . LEU A 1 41  ? 6.467   -3.823  -9.944  1.00 25.37 ? 37  LEU A CG  1 
ATOM   294 C CD1 . LEU A 1 41  ? 5.287   -3.031  -10.484 1.00 20.63 ? 37  LEU A CD1 1 
ATOM   295 C CD2 . LEU A 1 41  ? 7.083   -4.602  -11.055 1.00 31.02 ? 37  LEU A CD2 1 
ATOM   296 N N   . THR A 1 42  ? 8.341   -3.677  -6.237  1.00 13.45 ? 38  THR A N   1 
ATOM   297 C CA  . THR A 1 42  ? 8.545   -4.743  -5.270  1.00 14.04 ? 38  THR A CA  1 
ATOM   298 C C   . THR A 1 42  ? 7.589   -4.543  -4.089  1.00 14.01 ? 38  THR A C   1 
ATOM   299 O O   . THR A 1 42  ? 7.015   -5.504  -3.583  1.00 13.88 ? 38  THR A O   1 
ATOM   300 C CB  . THR A 1 42  ? 10.000  -4.799  -4.777  1.00 16.60 ? 38  THR A CB  1 
ATOM   301 O OG1 . THR A 1 42  ? 10.864  -4.916  -5.914  1.00 19.06 ? 38  THR A OG1 1 
ATOM   302 C CG2 . THR A 1 42  ? 10.217  -6.011  -3.876  1.00 18.01 ? 38  THR A CG2 1 
ATOM   303 N N   . ASP A 1 43  ? 7.370   -3.296  -3.688  1.00 13.46 ? 39  ASP A N   1 
ATOM   304 C CA  . ASP A 1 43  ? 6.429   -2.992  -2.608  1.00 11.13 ? 39  ASP A CA  1 
ATOM   305 C C   . ASP A 1 43  ? 5.008   -3.357  -3.068  1.00 10.26 ? 39  ASP A C   1 
ATOM   306 O O   . ASP A 1 43  ? 4.242   -3.992  -2.328  1.00 11.92 ? 39  ASP A O   1 
ATOM   307 C CB  . ASP A 1 43  ? 6.451   -1.493  -2.288  1.00 9.60  ? 39  ASP A CB  1 
ATOM   308 C CG  . ASP A 1 43  ? 7.743   -1.032  -1.668  1.00 9.27  ? 39  ASP A CG  1 
ATOM   309 O OD1 . ASP A 1 43  ? 8.530   -1.872  -1.190  1.00 12.84 ? 39  ASP A OD1 1 
ATOM   310 O OD2 . ASP A 1 43  ? 7.950   0.201   -1.632  1.00 12.83 ? 39  ASP A OD2 1 
ATOM   311 N N   . ALA A 1 44  ? 4.669   -2.945  -4.290  1.00 8.87  ? 40  ALA A N   1 
ATOM   312 C CA  . ALA A 1 44  ? 3.358   -3.213  -4.860  1.00 10.43 ? 40  ALA A CA  1 
ATOM   313 C C   . ALA A 1 44  ? 3.084   -4.721  -4.958  1.00 14.38 ? 40  ALA A C   1 
ATOM   314 O O   . ALA A 1 44  ? 1.974   -5.160  -4.677  1.00 14.34 ? 40  ALA A O   1 
ATOM   315 C CB  . ALA A 1 44  ? 3.214   -2.550  -6.239  1.00 7.15  ? 40  ALA A CB  1 
ATOM   316 N N   . SER A 1 45  ? 4.092   -5.523  -5.304  1.00 17.07 ? 41  SER A N   1 
ATOM   317 C CA  . SER A 1 45  ? 3.879   -6.962  -5.409  1.00 18.12 ? 41  SER A CA  1 
ATOM   318 C C   . SER A 1 45  ? 3.614   -7.607  -4.046  1.00 17.77 ? 41  SER A C   1 
ATOM   319 O O   . SER A 1 45  ? 2.911   -8.609  -3.970  1.00 18.52 ? 41  SER A O   1 
ATOM   320 C CB  . SER A 1 45  ? 5.022   -7.655  -6.164  1.00 15.13 ? 41  SER A CB  1 
ATOM   321 O OG  . SER A 1 45  ? 6.140   -7.862  -5.334  1.00 23.31 ? 41  SER A OG  1 
ATOM   322 N N   . VAL A 1 46  ? 4.139   -7.025  -2.969  1.00 15.46 ? 42  VAL A N   1 
ATOM   323 C CA  . VAL A 1 46  ? 3.895   -7.564  -1.622  1.00 14.00 ? 42  VAL A CA  1 
ATOM   324 C C   . VAL A 1 46  ? 2.412   -7.388  -1.299  1.00 14.89 ? 42  VAL A C   1 
ATOM   325 O O   . VAL A 1 46  ? 1.780   -8.292  -0.763  1.00 16.71 ? 42  VAL A O   1 
ATOM   326 C CB  . VAL A 1 46  ? 4.756   -6.855  -0.545  1.00 14.12 ? 42  VAL A CB  1 
ATOM   327 C CG1 . VAL A 1 46  ? 4.169   -7.071  0.863   1.00 10.08 ? 42  VAL A CG1 1 
ATOM   328 C CG2 . VAL A 1 46  ? 6.194   -7.381  -0.606  1.00 10.07 ? 42  VAL A CG2 1 
ATOM   329 N N   . VAL A 1 47  ? 1.858   -6.231  -1.657  1.00 14.50 ? 43  VAL A N   1 
ATOM   330 C CA  . VAL A 1 47  ? 0.441   -5.941  -1.428  1.00 13.89 ? 43  VAL A CA  1 
ATOM   331 C C   . VAL A 1 47  ? -0.431  -6.893  -2.257  1.00 14.37 ? 43  VAL A C   1 
ATOM   332 O O   . VAL A 1 47  ? -1.291  -7.580  -1.716  1.00 14.97 ? 43  VAL A O   1 
ATOM   333 C CB  . VAL A 1 47  ? 0.066   -4.472  -1.803  1.00 11.90 ? 43  VAL A CB  1 
ATOM   334 C CG1 . VAL A 1 47  ? -1.410  -4.215  -1.528  1.00 7.94  ? 43  VAL A CG1 1 
ATOM   335 C CG2 . VAL A 1 47  ? 0.902   -3.479  -1.006  1.00 9.32  ? 43  VAL A CG2 1 
ATOM   336 N N   . CYS A 1 48  ? -0.189  -6.937  -3.564  1.00 13.96 ? 44  CYS A N   1 
ATOM   337 C CA  . CYS A 1 48  ? -0.953  -7.787  -4.472  1.00 14.27 ? 44  CYS A CA  1 
ATOM   338 C C   . CYS A 1 48  ? -0.956  -9.261  -4.089  1.00 17.37 ? 44  CYS A C   1 
ATOM   339 O O   . CYS A 1 48  ? -2.018  -9.883  -4.042  1.00 18.29 ? 44  CYS A O   1 
ATOM   340 C CB  . CYS A 1 48  ? -0.449  -7.625  -5.903  1.00 14.41 ? 44  CYS A CB  1 
ATOM   341 S SG  . CYS A 1 48  ? -0.797  -5.987  -6.638  1.00 16.00 ? 44  CYS A SG  1 
ATOM   342 N N   . ARG A 1 49  ? 0.215   -9.830  -3.818  1.00 16.62 ? 45  ARG A N   1 
ATOM   343 C CA  . ARG A 1 49  ? 0.279   -11.237 -3.447  1.00 17.90 ? 45  ARG A CA  1 
ATOM   344 C C   . ARG A 1 49  ? -0.449  -11.504 -2.130  1.00 19.88 ? 45  ARG A C   1 
ATOM   345 O O   . ARG A 1 49  ? -1.146  -12.511 -1.999  1.00 21.00 ? 45  ARG A O   1 
ATOM   346 C CB  . ARG A 1 49  ? 1.727   -11.723 -3.406  1.00 20.26 ? 45  ARG A CB  1 
ATOM   347 C CG  . ARG A 1 49  ? 2.433   -11.582 -4.748  1.00 26.76 ? 45  ARG A CG  1 
ATOM   348 C CD  . ARG A 1 49  ? 3.806   -12.253 -4.787  1.00 36.17 ? 45  ARG A CD  1 
ATOM   349 N NE  . ARG A 1 49  ? 3.742   -13.592 -5.368  1.00 50.97 ? 45  ARG A NE  1 
ATOM   350 C CZ  . ARG A 1 49  ? 3.591   -14.723 -4.674  1.00 63.43 ? 45  ARG A CZ  1 
ATOM   351 N NH1 . ARG A 1 49  ? 3.487   -14.687 -3.344  1.00 65.10 ? 45  ARG A NH1 1 
ATOM   352 N NH2 . ARG A 1 49  ? 3.545   -15.893 -5.319  1.00 68.37 ? 45  ARG A NH2 1 
ATOM   353 N N   . ALA A 1 50  ? -0.338  -10.578 -1.178  1.00 17.93 ? 46  ALA A N   1 
ATOM   354 C CA  . ALA A 1 50  ? -1.020  -10.726 0.103   1.00 17.10 ? 46  ALA A CA  1 
ATOM   355 C C   . ALA A 1 50  ? -2.518  -10.721 -0.131  1.00 19.93 ? 46  ALA A C   1 
ATOM   356 O O   . ALA A 1 50  ? -3.261  -11.375 0.584   1.00 20.60 ? 46  ALA A O   1 
ATOM   357 C CB  . ALA A 1 50  ? -0.667  -9.590  1.036   1.00 16.23 ? 46  ALA A CB  1 
ATOM   358 N N   . LEU A 1 51  ? -2.975  -9.911  -1.077  1.00 21.36 ? 47  LEU A N   1 
ATOM   359 C CA  . LEU A 1 51  ? -4.400  -9.847  -1.362  1.00 22.39 ? 47  LEU A CA  1 
ATOM   360 C C   . LEU A 1 51  ? -4.844  -10.966 -2.294  1.00 23.99 ? 47  LEU A C   1 
ATOM   361 O O   . LEU A 1 51  ? -5.978  -10.967 -2.772  1.00 27.20 ? 47  LEU A O   1 
ATOM   362 C CB  . LEU A 1 51  ? -4.792  -8.475  -1.918  1.00 21.68 ? 47  LEU A CB  1 
ATOM   363 C CG  . LEU A 1 51  ? -4.568  -7.325  -0.932  1.00 22.37 ? 47  LEU A CG  1 
ATOM   364 C CD1 . LEU A 1 51  ? -5.142  -6.037  -1.478  1.00 21.41 ? 47  LEU A CD1 1 
ATOM   365 C CD2 . LEU A 1 51  ? -5.225  -7.664  0.388   1.00 26.24 ? 47  LEU A CD2 1 
ATOM   366 N N   . GLY A 1 52  ? -3.930  -11.886 -2.584  1.00 22.56 ? 48  GLY A N   1 
ATOM   367 C CA  . GLY A 1 52  ? -4.250  -13.030 -3.409  1.00 23.30 ? 48  GLY A CA  1 
ATOM   368 C C   . GLY A 1 52  ? -4.092  -12.943 -4.907  1.00 24.79 ? 48  GLY A C   1 
ATOM   369 O O   . GLY A 1 52  ? -4.668  -13.751 -5.611  1.00 26.92 ? 48  GLY A O   1 
ATOM   370 N N   . PHE A 1 53  ? -3.342  -11.981 -5.416  1.00 23.66 ? 49  PHE A N   1 
ATOM   371 C CA  . PHE A 1 53  ? -3.165  -11.890 -6.851  1.00 21.90 ? 49  PHE A CA  1 
ATOM   372 C C   . PHE A 1 53  ? -1.775  -12.394 -7.119  1.00 25.27 ? 49  PHE A C   1 
ATOM   373 O O   . PHE A 1 53  ? -0.956  -12.451 -6.204  1.00 29.17 ? 49  PHE A O   1 
ATOM   374 C CB  . PHE A 1 53  ? -3.356  -10.461 -7.314  1.00 19.37 ? 49  PHE A CB  1 
ATOM   375 C CG  . PHE A 1 53  ? -4.725  -9.942  -7.034  1.00 19.96 ? 49  PHE A CG  1 
ATOM   376 C CD1 . PHE A 1 53  ? -5.796  -10.336 -7.825  1.00 20.50 ? 49  PHE A CD1 1 
ATOM   377 C CD2 . PHE A 1 53  ? -4.954  -9.073  -5.970  1.00 19.41 ? 49  PHE A CD2 1 
ATOM   378 C CE1 . PHE A 1 53  ? -7.087  -9.875  -7.563  1.00 25.76 ? 49  PHE A CE1 1 
ATOM   379 C CE2 . PHE A 1 53  ? -6.238  -8.599  -5.694  1.00 20.84 ? 49  PHE A CE2 1 
ATOM   380 C CZ  . PHE A 1 53  ? -7.309  -8.998  -6.488  1.00 20.97 ? 49  PHE A CZ  1 
ATOM   381 N N   . GLU A 1 54  ? -1.494  -12.785 -8.355  1.00 26.79 ? 50  GLU A N   1 
ATOM   382 C CA  . GLU A 1 54  ? -0.177  -13.320 -8.665  1.00 27.44 ? 50  GLU A CA  1 
ATOM   383 C C   . GLU A 1 54  ? 0.963   -12.328 -8.564  1.00 26.23 ? 50  GLU A C   1 
ATOM   384 O O   . GLU A 1 54  ? 2.052   -12.686 -8.109  1.00 28.13 ? 50  GLU A O   1 
ATOM   385 C CB  . GLU A 1 54  ? -0.165  -13.998 -10.043 1.00 33.31 ? 50  GLU A CB  1 
ATOM   386 C CG  . GLU A 1 54  ? -0.701  -15.439 -10.025 1.00 45.62 ? 50  GLU A CG  1 
ATOM   387 C CD  . GLU A 1 54  ? -0.685  -16.108 -11.389 0.00 43.85 ? 50  GLU A CD  1 
ATOM   388 O OE1 . GLU A 1 54  ? 0.145   -15.720 -12.237 0.00 44.06 ? 50  GLU A OE1 1 
ATOM   389 O OE2 . GLU A 1 54  ? -1.493  -17.034 -11.615 0.00 44.06 ? 50  GLU A OE2 1 
ATOM   390 N N   . ASN A 1 55  ? 0.714   -11.080 -8.949  1.00 23.90 ? 51  ASN A N   1 
ATOM   391 C CA  . ASN A 1 55  ? 1.763   -10.077 -8.918  1.00 22.16 ? 51  ASN A CA  1 
ATOM   392 C C   . ASN A 1 55  ? 1.202   -8.692  -9.135  1.00 20.07 ? 51  ASN A C   1 
ATOM   393 O O   . ASN A 1 55  ? 0.007   -8.537  -9.367  1.00 22.41 ? 51  ASN A O   1 
ATOM   394 C CB  . ASN A 1 55  ? 2.736   -10.361 -10.048 1.00 25.72 ? 51  ASN A CB  1 
ATOM   395 C CG  . ASN A 1 55  ? 4.144   -10.031 -9.685  1.00 30.07 ? 51  ASN A CG  1 
ATOM   396 O OD1 . ASN A 1 55  ? 4.412   -9.244  -8.777  1.00 29.90 ? 51  ASN A OD1 1 
ATOM   397 N ND2 . ASN A 1 55  ? 5.057   -10.687 -10.392 1.00 38.28 ? 51  ASN A ND2 1 
ATOM   398 N N   . ALA A 1 56  ? 2.075   -7.693  -9.063  1.00 15.66 ? 52  ALA A N   1 
ATOM   399 C CA  . ALA A 1 56  ? 1.695   -6.321  -9.304  1.00 14.91 ? 52  ALA A CA  1 
ATOM   400 C C   . ALA A 1 56  ? 2.198   -6.009  -10.699 1.00 16.87 ? 52  ALA A C   1 
ATOM   401 O O   . ALA A 1 56  ? 3.223   -6.534  -11.134 1.00 18.00 ? 52  ALA A O   1 
ATOM   402 C CB  . ALA A 1 56  ? 2.364   -5.400  -8.309  1.00 9.63  ? 52  ALA A CB  1 
ATOM   403 N N   . THR A 1 57  ? 1.458   -5.189  -11.422 1.00 17.40 ? 53  THR A N   1 
ATOM   404 C CA  . THR A 1 57  ? 1.883   -4.789  -12.748 1.00 17.29 ? 53  THR A CA  1 
ATOM   405 C C   . THR A 1 57  ? 2.306   -3.324  -12.720 1.00 18.22 ? 53  THR A C   1 
ATOM   406 O O   . THR A 1 57  ? 3.106   -2.886  -13.546 1.00 20.10 ? 53  THR A O   1 
ATOM   407 C CB  . THR A 1 57  ? 0.770   -5.006  -13.792 1.00 19.54 ? 53  THR A CB  1 
ATOM   408 O OG1 . THR A 1 57  ? -0.397  -4.253  -13.430 1.00 23.02 ? 53  THR A OG1 1 
ATOM   409 C CG2 . THR A 1 57  ? 0.426   -6.486  -13.887 1.00 16.91 ? 53  THR A CG2 1 
ATOM   410 N N   . GLN A 1 58  ? 1.797   -2.580  -11.737 1.00 18.67 ? 54  GLN A N   1 
ATOM   411 C CA  . GLN A 1 58  ? 2.115   -1.159  -11.573 1.00 19.51 ? 54  GLN A CA  1 
ATOM   412 C C   . GLN A 1 58  ? 2.102   -0.681  -10.110 1.00 18.40 ? 54  GLN A C   1 
ATOM   413 O O   . GLN A 1 58  ? 1.255   -1.102  -9.303  1.00 18.33 ? 54  GLN A O   1 
ATOM   414 C CB  . GLN A 1 58  ? 1.125   -0.304  -12.355 1.00 23.87 ? 54  GLN A CB  1 
ATOM   415 C CG  . GLN A 1 58  ? 1.240   -0.394  -13.849 1.00 33.56 ? 54  GLN A CG  1 
ATOM   416 C CD  . GLN A 1 58  ? -0.024  0.086   -14.513 1.00 43.25 ? 54  GLN A CD  1 
ATOM   417 O OE1 . GLN A 1 58  ? -0.247  1.290   -14.631 1.00 47.97 ? 54  GLN A OE1 1 
ATOM   418 N NE2 . GLN A 1 58  ? -0.884  -0.852  -14.916 1.00 48.10 ? 54  GLN A NE2 1 
ATOM   419 N N   . ALA A 1 59  ? 3.054   0.192   -9.788  1.00 15.24 ? 55  ALA A N   1 
ATOM   420 C CA  . ALA A 1 59  ? 3.171   0.795   -8.468  1.00 14.50 ? 55  ALA A CA  1 
ATOM   421 C C   . ALA A 1 59  ? 2.893   2.256   -8.776  1.00 16.25 ? 55  ALA A C   1 
ATOM   422 O O   . ALA A 1 59  ? 3.669   2.883   -9.486  1.00 19.37 ? 55  ALA A O   1 
ATOM   423 C CB  . ALA A 1 59  ? 4.575   0.633   -7.941  1.00 9.08  ? 55  ALA A CB  1 
ATOM   424 N N   . LEU A 1 60  ? 1.773   2.785   -8.296  1.00 14.91 ? 56  LEU A N   1 
ATOM   425 C CA  . LEU A 1 60  ? 1.394   4.171   -8.585  1.00 13.25 ? 56  LEU A CA  1 
ATOM   426 C C   . LEU A 1 60  ? 1.496   5.110   -7.380  1.00 11.87 ? 56  LEU A C   1 
ATOM   427 O O   . LEU A 1 60  ? 1.337   4.693   -6.240  1.00 13.62 ? 56  LEU A O   1 
ATOM   428 C CB  . LEU A 1 60  ? -0.035  4.191   -9.145  1.00 14.49 ? 56  LEU A CB  1 
ATOM   429 C CG  . LEU A 1 60  ? -0.285  3.274   -10.345 1.00 21.71 ? 56  LEU A CG  1 
ATOM   430 C CD1 . LEU A 1 60  ? -1.765  3.156   -10.635 1.00 25.63 ? 56  LEU A CD1 1 
ATOM   431 C CD2 . LEU A 1 60  ? 0.437   3.819   -11.552 1.00 25.12 ? 56  LEU A CD2 1 
ATOM   432 N N   . GLY A 1 61  ? 1.780   6.376   -7.649  1.00 11.45 ? 57  GLY A N   1 
ATOM   433 C CA  . GLY A 1 61  ? 1.885   7.368   -6.598  1.00 10.75 ? 57  GLY A CA  1 
ATOM   434 C C   . GLY A 1 61  ? 0.981   8.548   -6.898  1.00 12.49 ? 57  GLY A C   1 
ATOM   435 O O   . GLY A 1 61  ? 0.095   8.472   -7.753  1.00 13.20 ? 57  GLY A O   1 
ATOM   436 N N   . ARG A 1 62  ? 1.185   9.626   -6.158  1.00 14.28 ? 58  ARG A N   1 
ATOM   437 C CA  . ARG A 1 62  ? 0.445   10.877  -6.314  1.00 15.89 ? 58  ARG A CA  1 
ATOM   438 C C   . ARG A 1 62  ? -1.068  10.721  -6.276  1.00 17.03 ? 58  ARG A C   1 
ATOM   439 O O   . ARG A 1 62  ? -1.775  11.353  -7.058  1.00 18.55 ? 58  ARG A O   1 
ATOM   440 C CB  . ARG A 1 62  ? 0.836   11.591  -7.618  1.00 17.92 ? 58  ARG A CB  1 
ATOM   441 C CG  . ARG A 1 62  ? 2.323   11.818  -7.856  1.00 22.26 ? 58  ARG A CG  1 
ATOM   442 C CD  . ARG A 1 62  ? 2.986   12.792  -6.860  1.00 27.36 ? 58  ARG A CD  1 
ATOM   443 N NE  . ARG A 1 62  ? 4.009   12.081  -6.120  1.00 35.61 ? 58  ARG A NE  1 
ATOM   444 C CZ  . ARG A 1 62  ? 5.308   12.136  -6.374  1.00 29.05 ? 58  ARG A CZ  1 
ATOM   445 N NH1 . ARG A 1 62  ? 5.779   12.917  -7.340  1.00 29.99 ? 58  ARG A NH1 1 
ATOM   446 N NH2 . ARG A 1 62  ? 6.107   11.272  -5.770  1.00 25.82 ? 58  ARG A NH2 1 
ATOM   447 N N   . ALA A 1 63  ? -1.568  9.903   -5.362  1.00 15.62 ? 59  ALA A N   1 
ATOM   448 C CA  . ALA A 1 63  ? -3.003  9.689   -5.241  1.00 15.90 ? 59  ALA A CA  1 
ATOM   449 C C   . ALA A 1 63  ? -3.645  9.365   -6.602  1.00 16.90 ? 59  ALA A C   1 
ATOM   450 O O   . ALA A 1 63  ? -4.624  9.979   -6.996  1.00 16.99 ? 59  ALA A O   1 
ATOM   451 C CB  . ALA A 1 63  ? -3.660  10.916  -4.612  1.00 13.08 ? 59  ALA A CB  1 
ATOM   452 N N   . ALA A 1 64  ? -3.109  8.373   -7.295  1.00 19.26 ? 60  ALA A N   1 
ATOM   453 C CA  . ALA A 1 64  ? -3.621  7.964   -8.592  1.00 20.01 ? 60  ALA A CA  1 
ATOM   454 C C   . ALA A 1 64  ? -5.062  7.496   -8.490  1.00 22.41 ? 60  ALA A C   1 
ATOM   455 O O   . ALA A 1 64  ? -5.810  7.609   -9.452  1.00 22.64 ? 60  ALA A O   1 
ATOM   456 C CB  . ALA A 1 64  ? -2.752  6.863   -9.185  1.00 21.77 ? 60  ALA A CB  1 
ATOM   457 N N   . PHE A 1 65  ? -5.442  6.937   -7.342  1.00 22.03 ? 61  PHE A N   1 
ATOM   458 C CA  . PHE A 1 65  ? -6.819  6.472   -7.136  1.00 23.16 ? 61  PHE A CA  1 
ATOM   459 C C   . PHE A 1 65  ? -7.549  7.354   -6.124  1.00 25.08 ? 61  PHE A C   1 
ATOM   460 O O   . PHE A 1 65  ? -8.398  6.887   -5.360  1.00 27.60 ? 61  PHE A O   1 
ATOM   461 C CB  . PHE A 1 65  ? -6.851  5.000   -6.696  1.00 17.18 ? 61  PHE A CB  1 
ATOM   462 C CG  . PHE A 1 65  ? -6.326  4.054   -7.737  1.00 17.92 ? 61  PHE A CG  1 
ATOM   463 C CD1 . PHE A 1 65  ? -7.094  3.734   -8.853  1.00 21.11 ? 61  PHE A CD1 1 
ATOM   464 C CD2 . PHE A 1 65  ? -5.057  3.497   -7.620  1.00 14.95 ? 61  PHE A CD2 1 
ATOM   465 C CE1 . PHE A 1 65  ? -6.599  2.871   -9.849  1.00 18.66 ? 61  PHE A CE1 1 
ATOM   466 C CE2 . PHE A 1 65  ? -4.559  2.640   -8.601  1.00 15.81 ? 61  PHE A CE2 1 
ATOM   467 C CZ  . PHE A 1 65  ? -5.333  2.328   -9.718  1.00 17.00 ? 61  PHE A CZ  1 
ATOM   468 N N   . GLY A 1 66  ? -7.205  8.639   -6.118  1.00 22.90 ? 62  GLY A N   1 
ATOM   469 C CA  . GLY A 1 66  ? -7.830  9.573   -5.201  1.00 18.18 ? 62  GLY A CA  1 
ATOM   470 C C   . GLY A 1 66  ? -7.140  9.610   -3.858  1.00 18.24 ? 62  GLY A C   1 
ATOM   471 O O   . GLY A 1 66  ? -6.433  8.684   -3.479  1.00 20.23 ? 62  GLY A O   1 
ATOM   472 N N   . GLN A 1 67  ? -7.320  10.706  -3.143  1.00 17.52 ? 63  GLN A N   1 
ATOM   473 C CA  . GLN A 1 67  ? -6.724  10.851  -1.842  1.00 15.68 ? 63  GLN A CA  1 
ATOM   474 C C   . GLN A 1 67  ? -7.573  10.101  -0.844  1.00 17.38 ? 63  GLN A C   1 
ATOM   475 O O   . GLN A 1 67  ? -8.789  10.072  -0.966  1.00 20.69 ? 63  GLN A O   1 
ATOM   476 C CB  . GLN A 1 67  ? -6.677  12.317  -1.453  1.00 14.05 ? 63  GLN A CB  1 
ATOM   477 C CG  . GLN A 1 67  ? -5.838  13.155  -2.370  1.00 12.17 ? 63  GLN A CG  1 
ATOM   478 C CD  . GLN A 1 67  ? -5.717  14.587  -1.906  1.00 17.18 ? 63  GLN A CD  1 
ATOM   479 O OE1 . GLN A 1 67  ? -5.452  15.481  -2.702  1.00 26.13 ? 63  GLN A OE1 1 
ATOM   480 N NE2 . GLN A 1 67  ? -5.888  14.813  -0.616  1.00 17.75 ? 63  GLN A NE2 1 
ATOM   481 N N   . GLY A 1 68  ? -6.925  9.447   0.111   1.00 15.69 ? 64  GLY A N   1 
ATOM   482 C CA  . GLY A 1 68  ? -7.645  8.740   1.154   1.00 14.92 ? 64  GLY A CA  1 
ATOM   483 C C   . GLY A 1 68  ? -7.830  9.653   2.358   1.00 15.94 ? 64  GLY A C   1 
ATOM   484 O O   . GLY A 1 68  ? -7.625  10.870  2.275   1.00 15.38 ? 64  GLY A O   1 
ATOM   485 N N   . SER A 1 69  ? -8.155  9.061   3.498   1.00 16.89 ? 65  SER A N   1 
ATOM   486 C CA  . SER A 1 69  ? -8.378  9.803   4.733   1.00 16.60 ? 65  SER A CA  1 
ATOM   487 C C   . SER A 1 69  ? -7.652  9.051   5.827   1.00 17.25 ? 65  SER A C   1 
ATOM   488 O O   . SER A 1 69  ? -7.115  7.974   5.577   1.00 19.67 ? 65  SER A O   1 
ATOM   489 C CB  . SER A 1 69  ? -9.873  9.832   5.054   1.00 17.47 ? 65  SER A CB  1 
ATOM   490 O OG  . SER A 1 69  ? -10.587 10.530  4.059   1.00 18.10 ? 65  SER A OG  1 
ATOM   491 N N   . GLY A 1 70  ? -7.654  9.598   7.036   1.00 17.00 ? 66  GLY A N   1 
ATOM   492 C CA  . GLY A 1 70  ? -6.985  8.942   8.147   1.00 19.05 ? 66  GLY A CA  1 
ATOM   493 C C   . GLY A 1 70  ? -5.507  9.279   8.186   1.00 19.72 ? 66  GLY A C   1 
ATOM   494 O O   . GLY A 1 70  ? -5.043  10.092  7.384   1.00 19.83 ? 66  GLY A O   1 
ATOM   495 N N   . PRO A 1 71  ? -4.747  8.693   9.110   1.00 17.55 ? 67  PRO A N   1 
ATOM   496 C CA  . PRO A 1 71  ? -3.320  8.978   9.203   1.00 17.76 ? 67  PRO A CA  1 
ATOM   497 C C   . PRO A 1 71  ? -2.521  8.310   8.093   1.00 16.69 ? 67  PRO A C   1 
ATOM   498 O O   . PRO A 1 71  ? -3.007  7.375   7.447   1.00 14.83 ? 67  PRO A O   1 
ATOM   499 C CB  . PRO A 1 71  ? -2.965  8.387   10.563  1.00 16.70 ? 67  PRO A CB  1 
ATOM   500 C CG  . PRO A 1 71  ? -3.826  7.210   10.626  1.00 16.39 ? 67  PRO A CG  1 
ATOM   501 C CD  . PRO A 1 71  ? -5.152  7.738   10.151  1.00 18.62 ? 67  PRO A CD  1 
ATOM   502 N N   . ILE A 1 72  ? -1.338  8.848   7.810   1.00 14.58 ? 68  ILE A N   1 
ATOM   503 C CA  . ILE A 1 72  ? -0.459  8.236   6.826   1.00 13.40 ? 68  ILE A CA  1 
ATOM   504 C C   . ILE A 1 72  ? 0.267   7.215   7.698   1.00 13.80 ? 68  ILE A C   1 
ATOM   505 O O   . ILE A 1 72  ? 1.008   7.566   8.609   1.00 15.93 ? 68  ILE A O   1 
ATOM   506 C CB  . ILE A 1 72  ? 0.542   9.261   6.183   1.00 17.15 ? 68  ILE A CB  1 
ATOM   507 C CG1 . ILE A 1 72  ? -0.130  10.017  5.035   1.00 16.38 ? 68  ILE A CG1 1 
ATOM   508 C CG2 . ILE A 1 72  ? 1.743   8.538   5.559   1.00 13.31 ? 68  ILE A CG2 1 
ATOM   509 C CD1 . ILE A 1 72  ? -1.337  10.756  5.419   1.00 20.15 ? 68  ILE A CD1 1 
ATOM   510 N N   . MET A 1 73  ? -0.004  5.944   7.449   1.00 12.15 ? 69  MET A N   1 
ATOM   511 C CA  . MET A 1 73  ? 0.580   4.852   8.222   1.00 12.39 ? 69  MET A CA  1 
ATOM   512 C C   . MET A 1 73  ? 2.043   4.491   7.974   1.00 11.88 ? 69  MET A C   1 
ATOM   513 O O   . MET A 1 73  ? 2.783   4.265   8.917   1.00 13.12 ? 69  MET A O   1 
ATOM   514 C CB  . MET A 1 73  ? -0.271  3.588   8.027   1.00 15.70 ? 69  MET A CB  1 
ATOM   515 C CG  . MET A 1 73  ? -1.683  3.692   8.618   1.00 19.39 ? 69  MET A CG  1 
ATOM   516 S SD  . MET A 1 73  ? -1.654  3.655   10.400  1.00 22.54 ? 69  MET A SD  1 
ATOM   517 C CE  . MET A 1 73  ? -3.320  3.229   10.743  1.00 27.98 ? 69  MET A CE  1 
ATOM   518 N N   . LEU A 1 74  ? 2.434   4.345   6.714   1.00 12.97 ? 70  LEU A N   1 
ATOM   519 C CA  . LEU A 1 74  ? 3.802   3.964   6.374   1.00 12.08 ? 70  LEU A CA  1 
ATOM   520 C C   . LEU A 1 74  ? 4.352   4.884   5.282   1.00 10.75 ? 70  LEU A C   1 
ATOM   521 O O   . LEU A 1 74  ? 3.584   5.493   4.527   1.00 11.75 ? 70  LEU A O   1 
ATOM   522 C CB  . LEU A 1 74  ? 3.851   2.504   5.935   1.00 11.03 ? 70  LEU A CB  1 
ATOM   523 C CG  . LEU A 1 74  ? 3.473   1.505   7.032   1.00 13.16 ? 70  LEU A CG  1 
ATOM   524 C CD1 . LEU A 1 74  ? 3.331   0.128   6.412   1.00 14.88 ? 70  LEU A CD1 1 
ATOM   525 C CD2 . LEU A 1 74  ? 4.519   1.498   8.138   1.00 8.63  ? 70  LEU A CD2 1 
ATOM   526 N N   . ASP A 1 75  ? 5.677   4.969   5.187   1.00 11.20 ? 71  ASP A N   1 
ATOM   527 C CA  . ASP A 1 75  ? 6.340   5.889   4.244   1.00 11.41 ? 71  ASP A CA  1 
ATOM   528 C C   . ASP A 1 75  ? 7.735   5.327   4.022   1.00 9.68  ? 71  ASP A C   1 
ATOM   529 O O   . ASP A 1 75  ? 8.271   4.638   4.903   1.00 10.56 ? 71  ASP A O   1 
ATOM   530 C CB  . ASP A 1 75  ? 6.397   7.287   4.915   1.00 11.66 ? 71  ASP A CB  1 
ATOM   531 C CG  . ASP A 1 75  ? 6.945   8.387   4.017   1.00 9.17  ? 71  ASP A CG  1 
ATOM   532 O OD1 . ASP A 1 75  ? 7.274   8.172   2.832   1.00 9.11  ? 71  ASP A OD1 1 
ATOM   533 O OD2 . ASP A 1 75  ? 7.023   9.512   4.537   1.00 12.97 ? 71  ASP A OD2 1 
ATOM   534 N N   . GLU A 1 76  ? 8.287   5.582   2.839   1.00 9.09  ? 72  GLU A N   1 
ATOM   535 C CA  . GLU A 1 76  ? 9.611   5.101   2.444   1.00 9.55  ? 72  GLU A CA  1 
ATOM   536 C C   . GLU A 1 76  ? 9.742   3.592   2.667   1.00 9.91  ? 72  GLU A C   1 
ATOM   537 O O   . GLU A 1 76  ? 10.710  3.100   3.247   1.00 9.48  ? 72  GLU A O   1 
ATOM   538 C CB  . GLU A 1 76  ? 10.695  5.899   3.174   1.00 8.23  ? 72  GLU A CB  1 
ATOM   539 C CG  . GLU A 1 76  ? 10.607  7.387   2.857   1.00 8.43  ? 72  GLU A CG  1 
ATOM   540 C CD  . GLU A 1 76  ? 11.858  8.159   3.228   1.00 12.82 ? 72  GLU A CD  1 
ATOM   541 O OE1 . GLU A 1 76  ? 12.822  7.561   3.745   1.00 11.86 ? 72  GLU A OE1 1 
ATOM   542 O OE2 . GLU A 1 76  ? 11.881  9.372   2.976   1.00 13.34 ? 72  GLU A OE2 1 
ATOM   543 N N   . VAL A 1 77  ? 8.734   2.868   2.185   1.00 10.03 ? 73  VAL A N   1 
ATOM   544 C CA  . VAL A 1 77  ? 8.669   1.418   2.319   1.00 9.51  ? 73  VAL A CA  1 
ATOM   545 C C   . VAL A 1 77  ? 9.652   0.726   1.378   1.00 9.91  ? 73  VAL A C   1 
ATOM   546 O O   . VAL A 1 77  ? 9.654   0.981   0.178   1.00 11.37 ? 73  VAL A O   1 
ATOM   547 C CB  . VAL A 1 77  ? 7.206   0.913   2.075   1.00 10.15 ? 73  VAL A CB  1 
ATOM   548 C CG1 . VAL A 1 77  ? 7.124   -0.607  2.231   1.00 9.27  ? 73  VAL A CG1 1 
ATOM   549 C CG2 . VAL A 1 77  ? 6.265   1.586   3.063   1.00 11.43 ? 73  VAL A CG2 1 
ATOM   550 N N   . GLN A 1 78  ? 10.505  -0.127  1.940   1.00 11.88 ? 74  GLN A N   1 
ATOM   551 C CA  . GLN A 1 78  ? 11.509  -0.852  1.161   1.00 13.08 ? 74  GLN A CA  1 
ATOM   552 C C   . GLN A 1 78  ? 11.366  -2.347  1.410   1.00 12.44 ? 74  GLN A C   1 
ATOM   553 O O   . GLN A 1 78  ? 11.956  -2.868  2.344   1.00 15.29 ? 74  GLN A O   1 
ATOM   554 C CB  . GLN A 1 78  ? 12.908  -0.411  1.605   1.00 15.37 ? 74  GLN A CB  1 
ATOM   555 C CG  . GLN A 1 78  ? 13.222  1.048   1.336   1.00 20.68 ? 74  GLN A CG  1 
ATOM   556 C CD  . GLN A 1 78  ? 13.457  1.336   -0.137  1.00 29.58 ? 74  GLN A CD  1 
ATOM   557 O OE1 . GLN A 1 78  ? 12.518  1.439   -0.928  1.00 31.45 ? 74  GLN A OE1 1 
ATOM   558 N NE2 . GLN A 1 78  ? 14.724  1.477   -0.512  1.00 34.65 ? 74  GLN A NE2 1 
ATOM   559 N N   . CYS A 1 79  ? 10.568  -3.034  0.601   1.00 15.08 ? 75  CYS A N   1 
ATOM   560 C CA  . CYS A 1 79  ? 10.340  -4.479  0.756   1.00 15.39 ? 75  CYS A CA  1 
ATOM   561 C C   . CYS A 1 79  ? 11.326  -5.284  -0.076  1.00 16.60 ? 75  CYS A C   1 
ATOM   562 O O   . CYS A 1 79  ? 11.806  -4.798  -1.101  1.00 14.42 ? 75  CYS A O   1 
ATOM   563 C CB  . CYS A 1 79  ? 8.929   -4.857  0.298   1.00 9.80  ? 75  CYS A CB  1 
ATOM   564 S SG  . CYS A 1 79  ? 7.573   -4.036  1.163   1.00 13.45 ? 75  CYS A SG  1 
ATOM   565 N N   . THR A 1 80  ? 11.608  -6.516  0.357   1.00 17.21 ? 76  THR A N   1 
ATOM   566 C CA  . THR A 1 80  ? 12.510  -7.394  -0.383  1.00 16.91 ? 76  THR A CA  1 
ATOM   567 C C   . THR A 1 80  ? 11.661  -8.180  -1.383  1.00 17.39 ? 76  THR A C   1 
ATOM   568 O O   . THR A 1 80  ? 12.156  -8.710  -2.372  1.00 17.76 ? 76  THR A O   1 
ATOM   569 C CB  . THR A 1 80  ? 13.275  -8.373  0.548   1.00 19.19 ? 76  THR A CB  1 
ATOM   570 O OG1 . THR A 1 80  ? 12.356  -9.278  1.168   1.00 25.17 ? 76  THR A OG1 1 
ATOM   571 C CG2 . THR A 1 80  ? 14.019  -7.620  1.636   1.00 17.17 ? 76  THR A CG2 1 
ATOM   572 N N   . GLY A 1 81  ? 10.362  -8.215  -1.132  1.00 16.42 ? 77  GLY A N   1 
ATOM   573 C CA  . GLY A 1 81  ? 9.468   -8.925  -2.015  1.00 17.30 ? 77  GLY A CA  1 
ATOM   574 C C   . GLY A 1 81  ? 8.921   -10.212 -1.417  1.00 21.21 ? 77  GLY A C   1 
ATOM   575 O O   . GLY A 1 81  ? 7.922   -10.737 -1.915  1.00 22.27 ? 77  GLY A O   1 
ATOM   576 N N   . THR A 1 82  ? 9.527   -10.701 -0.334  1.00 23.17 ? 78  THR A N   1 
ATOM   577 C CA  . THR A 1 82  ? 9.090   -11.951 0.301   1.00 23.58 ? 78  THR A CA  1 
ATOM   578 C C   . THR A 1 82  ? 8.217   -11.736 1.544   1.00 25.69 ? 78  THR A C   1 
ATOM   579 O O   . THR A 1 82  ? 7.864   -12.690 2.237   1.00 27.77 ? 78  THR A O   1 
ATOM   580 C CB  . THR A 1 82  ? 10.314  -12.817 0.722   1.00 23.84 ? 78  THR A CB  1 
ATOM   581 O OG1 . THR A 1 82  ? 10.959  -12.203 1.846   1.00 27.65 ? 78  THR A OG1 1 
ATOM   582 C CG2 . THR A 1 82  ? 11.311  -12.959 -0.428  1.00 20.21 ? 78  THR A CG2 1 
ATOM   583 N N   . GLU A 1 83  ? 7.895   -10.488 1.851   1.00 21.86 ? 79  GLU A N   1 
ATOM   584 C CA  . GLU A 1 83  ? 7.093   -10.201 3.020   1.00 19.86 ? 79  GLU A CA  1 
ATOM   585 C C   . GLU A 1 83  ? 5.602   -10.492 2.870   1.00 18.20 ? 79  GLU A C   1 
ATOM   586 O O   . GLU A 1 83  ? 5.019   -10.388 1.786   1.00 17.85 ? 79  GLU A O   1 
ATOM   587 C CB  . GLU A 1 83  ? 7.309   -8.755  3.494   1.00 18.77 ? 79  GLU A CB  1 
ATOM   588 C CG  . GLU A 1 83  ? 8.774   -8.410  3.863   1.00 15.39 ? 79  GLU A CG  1 
ATOM   589 C CD  . GLU A 1 83  ? 9.616   -7.940  2.681   1.00 17.55 ? 79  GLU A CD  1 
ATOM   590 O OE1 . GLU A 1 83  ? 9.151   -7.952  1.518   1.00 15.03 ? 79  GLU A OE1 1 
ATOM   591 O OE2 . GLU A 1 83  ? 10.772  -7.530  2.918   1.00 23.08 ? 79  GLU A OE2 1 
ATOM   592 N N   . ALA A 1 84  ? 4.997   -10.832 3.998   1.00 18.20 ? 80  ALA A N   1 
ATOM   593 C CA  . ALA A 1 84  ? 3.576   -11.127 4.067   1.00 19.87 ? 80  ALA A CA  1 
ATOM   594 C C   . ALA A 1 84  ? 2.746   -9.840  4.076   1.00 19.98 ? 80  ALA A C   1 
ATOM   595 O O   . ALA A 1 84  ? 1.595   -9.829  3.633   1.00 20.71 ? 80  ALA A O   1 
ATOM   596 C CB  . ALA A 1 84  ? 3.287   -11.954 5.313   1.00 19.45 ? 80  ALA A CB  1 
ATOM   597 N N   . SER A 1 85  ? 3.333   -8.756  4.567   1.00 15.93 ? 81  SER A N   1 
ATOM   598 C CA  . SER A 1 85  ? 2.624   -7.490  4.655   1.00 15.92 ? 81  SER A CA  1 
ATOM   599 C C   . SER A 1 85  ? 3.632   -6.370  4.593   1.00 14.73 ? 81  SER A C   1 
ATOM   600 O O   . SER A 1 85  ? 4.814   -6.589  4.849   1.00 14.37 ? 81  SER A O   1 
ATOM   601 C CB  . SER A 1 85  ? 1.884   -7.410  5.999   1.00 16.23 ? 81  SER A CB  1 
ATOM   602 O OG  . SER A 1 85  ? 1.382   -6.105  6.256   1.00 19.13 ? 81  SER A OG  1 
ATOM   603 N N   . LEU A 1 86  ? 3.160   -5.167  4.275   1.00 14.92 ? 82  LEU A N   1 
ATOM   604 C CA  . LEU A 1 86  ? 4.021   -3.988  4.230   1.00 14.46 ? 82  LEU A CA  1 
ATOM   605 C C   . LEU A 1 86  ? 4.538   -3.708  5.654   1.00 16.04 ? 82  LEU A C   1 
ATOM   606 O O   . LEU A 1 86  ? 5.593   -3.106  5.839   1.00 17.26 ? 82  LEU A O   1 
ATOM   607 C CB  . LEU A 1 86  ? 3.246   -2.777  3.701   1.00 10.16 ? 82  LEU A CB  1 
ATOM   608 C CG  . LEU A 1 86  ? 2.763   -2.743  2.248   1.00 8.89  ? 82  LEU A CG  1 
ATOM   609 C CD1 . LEU A 1 86  ? 2.162   -1.388  1.975   1.00 10.45 ? 82  LEU A CD1 1 
ATOM   610 C CD2 . LEU A 1 86  ? 3.903   -2.998  1.271   1.00 8.20  ? 82  LEU A CD2 1 
ATOM   611 N N   . ALA A 1 87  ? 3.796   -4.171  6.659   1.00 16.57 ? 83  ALA A N   1 
ATOM   612 C CA  . ALA A 1 87  ? 4.190   -4.007  8.055   1.00 16.39 ? 83  ALA A CA  1 
ATOM   613 C C   . ALA A 1 87  ? 5.526   -4.694  8.360   1.00 17.80 ? 83  ALA A C   1 
ATOM   614 O O   . ALA A 1 87  ? 6.227   -4.315  9.298   1.00 19.74 ? 83  ALA A O   1 
ATOM   615 C CB  . ALA A 1 87  ? 3.111   -4.565  8.961   1.00 19.19 ? 83  ALA A CB  1 
ATOM   616 N N   . ASP A 1 88  ? 5.872   -5.706  7.575   1.00 15.59 ? 84  ASP A N   1 
ATOM   617 C CA  . ASP A 1 88  ? 7.118   -6.442  7.770   1.00 16.10 ? 84  ASP A CA  1 
ATOM   618 C C   . ASP A 1 88  ? 8.276   -5.938  6.917   1.00 15.98 ? 84  ASP A C   1 
ATOM   619 O O   . ASP A 1 88  ? 9.382   -6.480  6.990   1.00 16.31 ? 84  ASP A O   1 
ATOM   620 C CB  . ASP A 1 88  ? 6.907   -7.933  7.509   1.00 17.95 ? 84  ASP A CB  1 
ATOM   621 C CG  . ASP A 1 88  ? 5.854   -8.533  8.420   1.00 28.02 ? 84  ASP A CG  1 
ATOM   622 O OD1 . ASP A 1 88  ? 5.916   -8.275  9.647   1.00 28.54 ? 84  ASP A OD1 1 
ATOM   623 O OD2 . ASP A 1 88  ? 4.955   -9.246  7.905   1.00 31.58 ? 84  ASP A OD2 1 
ATOM   624 N N   . CYS A 1 89  ? 8.022   -4.917  6.102   1.00 15.30 ? 85  CYS A N   1 
ATOM   625 C CA  . CYS A 1 89  ? 9.060   -4.329  5.260   1.00 14.54 ? 85  CYS A CA  1 
ATOM   626 C C   . CYS A 1 89  ? 9.741   -3.193  6.012   1.00 16.20 ? 85  CYS A C   1 
ATOM   627 O O   . CYS A 1 89  ? 9.203   -2.676  6.994   1.00 15.48 ? 85  CYS A O   1 
ATOM   628 C CB  . CYS A 1 89  ? 8.440   -3.740  4.007   1.00 11.92 ? 85  CYS A CB  1 
ATOM   629 S SG  . CYS A 1 89  ? 7.537   -4.923  2.982   1.00 15.59 ? 85  CYS A SG  1 
ATOM   630 N N   . LYS A 1 90  ? 10.908  -2.786  5.534   1.00 17.13 ? 86  LYS A N   1 
ATOM   631 C CA  . LYS A 1 90  ? 11.634  -1.678  6.138   1.00 17.37 ? 86  LYS A CA  1 
ATOM   632 C C   . LYS A 1 90  ? 10.878  -0.401  5.753   1.00 15.20 ? 86  LYS A C   1 
ATOM   633 O O   . LYS A 1 90  ? 10.409  -0.291  4.628   1.00 13.40 ? 86  LYS A O   1 
ATOM   634 C CB  . LYS A 1 90  ? 13.052  -1.641  5.557   1.00 20.11 ? 86  LYS A CB  1 
ATOM   635 C CG  . LYS A 1 90  ? 13.918  -0.508  6.055   1.00 29.61 ? 86  LYS A CG  1 
ATOM   636 C CD  . LYS A 1 90  ? 15.080  -0.232  5.079   1.00 46.13 ? 86  LYS A CD  1 
ATOM   637 C CE  . LYS A 1 90  ? 15.968  0.933   5.548   1.00 52.80 ? 86  LYS A CE  1 
ATOM   638 N NZ  . LYS A 1 90  ? 16.960  1.368   4.511   1.00 55.52 ? 86  LYS A NZ  1 
ATOM   639 N N   . SER A 1 91  ? 10.728  0.529   6.690   1.00 13.33 ? 87  SER A N   1 
ATOM   640 C CA  . SER A 1 91  ? 10.054  1.799   6.437   1.00 12.41 ? 87  SER A CA  1 
ATOM   641 C C   . SER A 1 91  ? 10.578  2.788   7.493   1.00 12.78 ? 87  SER A C   1 
ATOM   642 O O   . SER A 1 91  ? 11.604  2.522   8.124   1.00 14.17 ? 87  SER A O   1 
ATOM   643 C CB  . SER A 1 91  ? 8.527   1.637   6.540   1.00 11.94 ? 87  SER A CB  1 
ATOM   644 O OG  . SER A 1 91  ? 8.083   1.551   7.886   1.00 11.77 ? 87  SER A OG  1 
ATOM   645 N N   . LEU A 1 92  ? 9.921   3.934   7.661   1.00 12.04 ? 88  LEU A N   1 
ATOM   646 C CA  . LEU A 1 92  ? 10.328  4.910   8.676   1.00 13.46 ? 88  LEU A CA  1 
ATOM   647 C C   . LEU A 1 92  ? 9.689   4.577   10.032  1.00 15.79 ? 88  LEU A C   1 
ATOM   648 O O   . LEU A 1 92  ? 10.006  5.208   11.048  1.00 18.59 ? 88  LEU A O   1 
ATOM   649 C CB  . LEU A 1 92  ? 9.924   6.325   8.260   1.00 12.06 ? 88  LEU A CB  1 
ATOM   650 C CG  . LEU A 1 92  ? 10.660  6.948   7.065   1.00 13.17 ? 88  LEU A CG  1 
ATOM   651 C CD1 . LEU A 1 92  ? 9.917   8.165   6.585   1.00 11.10 ? 88  LEU A CD1 1 
ATOM   652 C CD2 . LEU A 1 92  ? 12.106  7.294   7.437   1.00 16.64 ? 88  LEU A CD2 1 
ATOM   653 N N   . GLY A 1 93  ? 8.796   3.585   10.034  1.00 16.21 ? 89  GLY A N   1 
ATOM   654 C CA  . GLY A 1 93  ? 8.102   3.170   11.245  1.00 15.22 ? 89  GLY A CA  1 
ATOM   655 C C   . GLY A 1 93  ? 6.642   3.586   11.178  1.00 14.00 ? 89  GLY A C   1 
ATOM   656 O O   . GLY A 1 93  ? 6.307   4.504   10.419  1.00 14.70 ? 89  GLY A O   1 
ATOM   657 N N   . TRP A 1 94  ? 5.773   2.914   11.936  1.00 12.94 ? 90  TRP A N   1 
ATOM   658 C CA  . TRP A 1 94  ? 4.339   3.225   11.951  1.00 11.01 ? 90  TRP A CA  1 
ATOM   659 C C   . TRP A 1 94  ? 4.029   4.672   12.304  1.00 13.43 ? 90  TRP A C   1 
ATOM   660 O O   . TRP A 1 94  ? 4.508   5.195   13.310  1.00 17.20 ? 90  TRP A O   1 
ATOM   661 C CB  . TRP A 1 94  ? 3.582   2.328   12.934  1.00 13.69 ? 90  TRP A CB  1 
ATOM   662 C CG  . TRP A 1 94  ? 3.437   0.915   12.510  1.00 13.43 ? 90  TRP A CG  1 
ATOM   663 C CD1 . TRP A 1 94  ? 4.073   -0.162  13.046  1.00 13.21 ? 90  TRP A CD1 1 
ATOM   664 C CD2 . TRP A 1 94  ? 2.550   0.400   11.515  1.00 13.28 ? 90  TRP A CD2 1 
ATOM   665 N NE1 . TRP A 1 94  ? 3.629   -1.315  12.456  1.00 14.52 ? 90  TRP A NE1 1 
ATOM   666 C CE2 . TRP A 1 94  ? 2.692   -0.999  11.512  1.00 16.61 ? 90  TRP A CE2 1 
ATOM   667 C CE3 . TRP A 1 94  ? 1.642   0.984   10.631  1.00 17.17 ? 90  TRP A CE3 1 
ATOM   668 C CZ2 . TRP A 1 94  ? 1.957   -1.829  10.660  1.00 18.17 ? 90  TRP A CZ2 1 
ATOM   669 C CZ3 . TRP A 1 94  ? 0.911   0.154   9.780   1.00 17.69 ? 90  TRP A CZ3 1 
ATOM   670 C CH2 . TRP A 1 94  ? 1.074   -1.235  9.805   1.00 16.70 ? 90  TRP A CH2 1 
ATOM   671 N N   . LEU A 1 95  ? 3.210   5.305   11.479  1.00 10.64 ? 91  LEU A N   1 
ATOM   672 C CA  . LEU A 1 95  ? 2.804   6.676   11.683  1.00 10.72 ? 91  LEU A CA  1 
ATOM   673 C C   . LEU A 1 95  ? 3.891   7.720   11.522  1.00 13.62 ? 91  LEU A C   1 
ATOM   674 O O   . LEU A 1 95  ? 3.657   8.882   11.799  1.00 17.98 ? 91  LEU A O   1 
ATOM   675 C CB  . LEU A 1 95  ? 2.113   6.820   13.033  1.00 16.28 ? 91  LEU A CB  1 
ATOM   676 C CG  . LEU A 1 95  ? 0.892   5.906   13.191  1.00 21.05 ? 91  LEU A CG  1 
ATOM   677 C CD1 . LEU A 1 95  ? 0.479   5.871   14.631  1.00 25.71 ? 91  LEU A CD1 1 
ATOM   678 C CD2 . LEU A 1 95  ? -0.258  6.380   12.327  1.00 20.04 ? 91  LEU A CD2 1 
ATOM   679 N N   . LYS A 1 96  ? 5.056   7.343   11.023  1.00 13.74 ? 92  LYS A N   1 
ATOM   680 C CA  . LYS A 1 96  ? 6.119   8.324   10.824  1.00 15.74 ? 92  LYS A CA  1 
ATOM   681 C C   . LYS A 1 96  ? 6.145   8.792   9.363   1.00 17.23 ? 92  LYS A C   1 
ATOM   682 O O   . LYS A 1 96  ? 6.525   8.042   8.466   1.00 18.30 ? 92  LYS A O   1 
ATOM   683 C CB  . LYS A 1 96  ? 7.471   7.736   11.213  1.00 18.73 ? 92  LYS A CB  1 
ATOM   684 C CG  . LYS A 1 96  ? 8.607   8.725   11.081  1.00 29.24 ? 92  LYS A CG  1 
ATOM   685 C CD  . LYS A 1 96  ? 8.613   9.721   12.233  1.00 39.58 ? 92  LYS A CD  1 
ATOM   686 C CE  . LYS A 1 96  ? 9.555   10.884  11.931  1.00 48.00 ? 92  LYS A CE  1 
ATOM   687 N NZ  . LYS A 1 96  ? 10.003  11.614  13.150  1.00 53.54 ? 92  LYS A NZ  1 
ATOM   688 N N   . SER A 1 97  ? 5.746   10.038  9.140   1.00 16.00 ? 93  SER A N   1 
ATOM   689 C CA  . SER A 1 97  ? 5.704   10.585  7.800   1.00 17.00 ? 93  SER A CA  1 
ATOM   690 C C   . SER A 1 97  ? 5.367   12.069  7.783   1.00 17.86 ? 93  SER A C   1 
ATOM   691 O O   . SER A 1 97  ? 4.660   12.562  8.657   1.00 19.44 ? 93  SER A O   1 
ATOM   692 C CB  . SER A 1 97  ? 4.660   9.816   6.976   1.00 15.77 ? 93  SER A CB  1 
ATOM   693 O OG  . SER A 1 97  ? 4.517   10.375  5.675   1.00 14.49 ? 93  SER A OG  1 
ATOM   694 N N   . ASN A 1 98  ? 5.866   12.759  6.759   1.00 16.76 ? 94  ASN A N   1 
ATOM   695 C CA  . ASN A 1 98  ? 5.619   14.181  6.547   1.00 17.46 ? 94  ASN A CA  1 
ATOM   696 C C   . ASN A 1 98  ? 4.738   14.399  5.317   1.00 16.18 ? 94  ASN A C   1 
ATOM   697 O O   . ASN A 1 98  ? 4.486   15.534  4.921   1.00 17.81 ? 94  ASN A O   1 
ATOM   698 C CB  . ASN A 1 98  ? 6.933   14.940  6.319   1.00 20.95 ? 94  ASN A CB  1 
ATOM   699 C CG  . ASN A 1 98  ? 7.457   15.614  7.565   1.00 23.21 ? 94  ASN A CG  1 
ATOM   700 O OD1 . ASN A 1 98  ? 7.052   15.303  8.684   1.00 27.03 ? 94  ASN A OD1 1 
ATOM   701 N ND2 . ASN A 1 98  ? 8.382   16.542  7.373   1.00 21.37 ? 94  ASN A ND2 1 
ATOM   702 N N   . CYS A 1 99  ? 4.319   13.319  4.668   1.00 14.92 ? 95  CYS A N   1 
ATOM   703 C CA  . CYS A 1 99  ? 3.486   13.423  3.468   1.00 13.94 ? 95  CYS A CA  1 
ATOM   704 C C   . CYS A 1 99  ? 2.044   13.756  3.785   1.00 11.23 ? 95  CYS A C   1 
ATOM   705 O O   . CYS A 1 99  ? 1.579   13.555  4.896   1.00 11.95 ? 95  CYS A O   1 
ATOM   706 C CB  . CYS A 1 99  ? 3.438   12.092  2.732   1.00 7.77  ? 95  CYS A CB  1 
ATOM   707 S SG  . CYS A 1 99  ? 5.015   11.317  2.362   1.00 10.99 ? 95  CYS A SG  1 
ATOM   708 N N   . ARG A 1 100 ? 1.336   14.187  2.759   1.00 11.83 ? 96  ARG A N   1 
ATOM   709 C CA  . ARG A 1 100 ? -0.077  14.481  2.860   1.00 14.75 ? 96  ARG A CA  1 
ATOM   710 C C   . ARG A 1 100 ? -0.729  13.455  1.945   1.00 15.09 ? 96  ARG A C   1 
ATOM   711 O O   . ARG A 1 100 ? -0.041  12.782  1.174   1.00 12.82 ? 96  ARG A O   1 
ATOM   712 C CB  . ARG A 1 100 ? -0.390  15.895  2.372   1.00 20.95 ? 96  ARG A CB  1 
ATOM   713 C CG  . ARG A 1 100 ? 0.078   16.969  3.334   1.00 35.41 ? 96  ARG A CG  1 
ATOM   714 C CD  . ARG A 1 100 ? 1.056   17.906  2.658   1.00 48.75 ? 96  ARG A CD  1 
ATOM   715 N NE  . ARG A 1 100 ? 0.464   19.214  2.379   1.00 54.40 ? 96  ARG A NE  1 
ATOM   716 C CZ  . ARG A 1 100 ? 0.864   20.024  1.402   0.00 52.82 ? 96  ARG A CZ  1 
ATOM   717 N NH1 . ARG A 1 100 ? 1.858   19.648  0.598   0.00 52.69 ? 96  ARG A NH1 1 
ATOM   718 N NH2 . ARG A 1 100 ? 0.289   21.218  1.249   0.00 52.69 ? 96  ARG A NH2 1 
ATOM   719 N N   . HIS A 1 101 ? -2.052  13.351  2.018   1.00 12.89 ? 97  HIS A N   1 
ATOM   720 C CA  . HIS A 1 101 ? -2.796  12.397  1.220   1.00 11.65 ? 97  HIS A CA  1 
ATOM   721 C C   . HIS A 1 101 ? -2.663  12.555  -0.290  1.00 12.03 ? 97  HIS A C   1 
ATOM   722 O O   . HIS A 1 101 ? -3.008  11.657  -1.053  1.00 11.61 ? 97  HIS A O   1 
ATOM   723 C CB  . HIS A 1 101 ? -4.260  12.372  1.663   1.00 12.49 ? 97  HIS A CB  1 
ATOM   724 C CG  . HIS A 1 101 ? -4.482  11.645  2.957   1.00 9.44  ? 97  HIS A CG  1 
ATOM   725 N ND1 . HIS A 1 101 ? -4.459  10.274  3.057   1.00 9.08  ? 97  HIS A ND1 1 
ATOM   726 C CD2 . HIS A 1 101 ? -4.691  12.103  4.215   1.00 9.15  ? 97  HIS A CD2 1 
ATOM   727 C CE1 . HIS A 1 101 ? -4.637  9.915   4.312   1.00 12.05 ? 97  HIS A CE1 1 
ATOM   728 N NE2 . HIS A 1 101 ? -4.778  11.013  5.034   1.00 11.72 ? 97  HIS A NE2 1 
ATOM   729 N N   . GLU A 1 102 ? -2.129  13.677  -0.745  1.00 12.13 ? 98  GLU A N   1 
ATOM   730 C CA  . GLU A 1 102 ? -1.964  13.826  -2.180  1.00 13.49 ? 98  GLU A CA  1 
ATOM   731 C C   . GLU A 1 102 ? -0.816  12.928  -2.673  1.00 13.21 ? 98  GLU A C   1 
ATOM   732 O O   . GLU A 1 102 ? -0.610  12.767  -3.871  1.00 15.67 ? 98  GLU A O   1 
ATOM   733 C CB  . GLU A 1 102 ? -1.735  15.286  -2.555  1.00 21.60 ? 98  GLU A CB  1 
ATOM   734 C CG  . GLU A 1 102 ? -0.290  15.718  -2.575  1.00 36.82 ? 98  GLU A CG  1 
ATOM   735 C CD  . GLU A 1 102 ? 0.030   16.751  -1.535  1.00 49.42 ? 98  GLU A CD  1 
ATOM   736 O OE1 . GLU A 1 102 ? -0.093  17.958  -1.837  1.00 57.94 ? 98  GLU A OE1 1 
ATOM   737 O OE2 . GLU A 1 102 ? 0.437   16.363  -0.419  1.00 56.07 ? 98  GLU A OE2 1 
ATOM   738 N N   . ARG A 1 103 ? -0.090  12.321  -1.738  1.00 13.79 ? 99  ARG A N   1 
ATOM   739 C CA  . ARG A 1 103 ? 0.997   11.422  -2.082  1.00 11.67 ? 99  ARG A CA  1 
ATOM   740 C C   . ARG A 1 103 ? 0.571   9.966   -1.905  1.00 12.58 ? 99  ARG A C   1 
ATOM   741 O O   . ARG A 1 103 ? 1.412   9.078   -1.984  1.00 12.12 ? 99  ARG A O   1 
ATOM   742 C CB  . ARG A 1 103 ? 2.209   11.676  -1.181  1.00 10.60 ? 99  ARG A CB  1 
ATOM   743 C CG  . ARG A 1 103 ? 2.807   13.077  -1.252  1.00 15.08 ? 99  ARG A CG  1 
ATOM   744 C CD  . ARG A 1 103 ? 3.416   13.383  -2.618  1.00 18.00 ? 99  ARG A CD  1 
ATOM   745 N NE  . ARG A 1 103 ? 4.732   12.765  -2.792  1.00 20.51 ? 99  ARG A NE  1 
ATOM   746 C CZ  . ARG A 1 103 ? 5.812   13.406  -3.235  1.00 20.61 ? 99  ARG A CZ  1 
ATOM   747 N NH1 . ARG A 1 103 ? 5.731   14.700  -3.556  1.00 13.86 ? 99  ARG A NH1 1 
ATOM   748 N NH2 . ARG A 1 103 ? 6.968   12.754  -3.335  1.00 16.97 ? 99  ARG A NH2 1 
ATOM   749 N N   . ASP A 1 104 ? -0.717  9.705   -1.664  1.00 11.24 ? 100 ASP A N   1 
ATOM   750 C CA  . ASP A 1 104 ? -1.187  8.328   -1.437  1.00 12.46 ? 100 ASP A CA  1 
ATOM   751 C C   . ASP A 1 104 ? -0.859  7.318   -2.540  1.00 10.76 ? 100 ASP A C   1 
ATOM   752 O O   . ASP A 1 104 ? -1.244  7.495   -3.694  1.00 12.20 ? 100 ASP A O   1 
ATOM   753 C CB  . ASP A 1 104 ? -2.693  8.288   -1.104  1.00 12.63 ? 100 ASP A CB  1 
ATOM   754 C CG  . ASP A 1 104 ? -3.011  8.780   0.313   1.00 10.56 ? 100 ASP A CG  1 
ATOM   755 O OD1 . ASP A 1 104 ? -2.115  8.857   1.184   1.00 8.96  ? 100 ASP A OD1 1 
ATOM   756 O OD2 . ASP A 1 104 ? -4.197  9.078   0.581   1.00 11.42 ? 100 ASP A OD2 1 
ATOM   757 N N   . ALA A 1 105 ? -0.164  6.247   -2.163  1.00 9.14  ? 101 ALA A N   1 
ATOM   758 C CA  . ALA A 1 105 ? 0.261   5.204   -3.099  1.00 8.27  ? 101 ALA A CA  1 
ATOM   759 C C   . ALA A 1 105 ? -0.842  4.228   -3.505  1.00 11.32 ? 101 ALA A C   1 
ATOM   760 O O   . ALA A 1 105 ? -1.747  3.945   -2.726  1.00 15.35 ? 101 ALA A O   1 
ATOM   761 C CB  . ALA A 1 105 ? 1.439   4.434   -2.503  1.00 6.51  ? 101 ALA A CB  1 
ATOM   762 N N   . GLY A 1 106 ? -0.734  3.678   -4.706  1.00 11.24 ? 102 GLY A N   1 
ATOM   763 C CA  . GLY A 1 106 ? -1.720  2.731   -5.192  1.00 12.28 ? 102 GLY A CA  1 
ATOM   764 C C   . GLY A 1 106 ? -1.024  1.625   -5.961  1.00 14.93 ? 102 GLY A C   1 
ATOM   765 O O   . GLY A 1 106 ? 0.197   1.666   -6.138  1.00 15.38 ? 102 GLY A O   1 
ATOM   766 N N   . VAL A 1 107 ? -1.771  0.607   -6.380  1.00 15.26 ? 103 VAL A N   1 
ATOM   767 C CA  . VAL A 1 107 ? -1.194  -0.503  -7.135  1.00 13.92 ? 103 VAL A CA  1 
ATOM   768 C C   . VAL A 1 107 ? -2.193  -0.995  -8.168  1.00 16.00 ? 103 VAL A C   1 
ATOM   769 O O   . VAL A 1 107 ? -3.388  -0.693  -8.091  1.00 15.78 ? 103 VAL A O   1 
ATOM   770 C CB  . VAL A 1 107 ? -0.854  -1.749  -6.232  1.00 13.98 ? 103 VAL A CB  1 
ATOM   771 C CG1 . VAL A 1 107 ? 0.071   -1.373  -5.101  1.00 14.31 ? 103 VAL A CG1 1 
ATOM   772 C CG2 . VAL A 1 107 ? -2.126  -2.405  -5.673  1.00 11.60 ? 103 VAL A CG2 1 
ATOM   773 N N   . VAL A 1 108 ? -1.681  -1.739  -9.138  1.00 16.28 ? 104 VAL A N   1 
ATOM   774 C CA  . VAL A 1 108 ? -2.500  -2.398  -10.145 1.00 16.11 ? 104 VAL A CA  1 
ATOM   775 C C   . VAL A 1 108 ? -1.940  -3.830  -10.084 1.00 16.88 ? 104 VAL A C   1 
ATOM   776 O O   . VAL A 1 108 ? -0.726  -4.031  -10.223 1.00 15.83 ? 104 VAL A O   1 
ATOM   777 C CB  . VAL A 1 108 ? -2.313  -1.821  -11.565 1.00 17.89 ? 104 VAL A CB  1 
ATOM   778 C CG1 . VAL A 1 108 ? -3.226  -2.580  -12.539 1.00 18.17 ? 104 VAL A CG1 1 
ATOM   779 C CG2 . VAL A 1 108 ? -2.624  -0.317  -11.583 1.00 15.06 ? 104 VAL A CG2 1 
ATOM   780 N N   . CYS A 1 109 ? -2.791  -4.799  -9.763  1.00 17.51 ? 105 CYS A N   1 
ATOM   781 C CA  . CYS A 1 109 ? -2.371  -6.194  -9.656  1.00 19.28 ? 105 CYS A CA  1 
ATOM   782 C C   . CYS A 1 109 ? -2.784  -6.975  -10.892 1.00 20.65 ? 105 CYS A C   1 
ATOM   783 O O   . CYS A 1 109 ? -3.540  -6.486  -11.733 1.00 20.03 ? 105 CYS A O   1 
ATOM   784 C CB  . CYS A 1 109 ? -3.012  -6.872  -8.436  1.00 18.69 ? 105 CYS A CB  1 
ATOM   785 S SG  . CYS A 1 109 ? -2.812  -5.994  -6.854  1.00 17.75 ? 105 CYS A SG  1 
ATOM   786 N N   . THR A 1 110 ? -2.272  -8.191  -11.003 1.00 22.84 ? 106 THR A N   1 
ATOM   787 C CA  . THR A 1 110 ? -2.626  -9.041  -12.124 1.00 27.27 ? 106 THR A CA  1 
ATOM   788 C C   . THR A 1 110 ? -4.099  -9.414  -11.961 1.00 31.52 ? 106 THR A C   1 
ATOM   789 O O   . THR A 1 110 ? -4.627  -9.449  -10.842 1.00 32.62 ? 106 THR A O   1 
ATOM   790 C CB  . THR A 1 110 ? -1.799  -10.334 -12.117 1.00 21.73 ? 106 THR A CB  1 
ATOM   791 O OG1 . THR A 1 110 ? -1.736  -10.855 -10.782 1.00 26.20 ? 106 THR A OG1 1 
ATOM   792 C CG2 . THR A 1 110 ? -0.397  -10.088 -12.640 1.00 22.48 ? 106 THR A CG2 1 
ATOM   793 N N   . ASN A 1 111 ? -4.773  -9.657  -13.074 1.00 35.22 ? 107 ASN A N   1 
ATOM   794 C CA  . ASN A 1 111 ? -6.167  -10.079 -13.015 1.00 39.51 ? 107 ASN A CA  1 
ATOM   795 C C   . ASN A 1 111 ? -6.157  -11.494 -12.426 1.00 41.27 ? 107 ASN A C   1 
ATOM   796 O O   . ASN A 1 111 ? -7.086  -11.910 -11.726 1.00 42.90 ? 107 ASN A O   1 
ATOM   797 C CB  . ASN A 1 111 ? -6.762  -10.116 -14.422 1.00 46.27 ? 107 ASN A CB  1 
ATOM   798 C CG  . ASN A 1 111 ? -7.610  -8.908  -14.729 1.00 53.40 ? 107 ASN A CG  1 
ATOM   799 O OD1 . ASN A 1 111 ? -7.205  -8.027  -15.498 1.00 57.25 ? 107 ASN A OD1 1 
ATOM   800 N ND2 . ASN A 1 111 ? -8.818  -8.877  -14.167 1.00 60.23 ? 107 ASN A ND2 1 
ATOM   801 N N   . GLU A 1 112 ? -5.089  -12.222 -12.739 1.00 41.51 ? 108 GLU A N   1 
ATOM   802 C CA  . GLU A 1 112 ? -4.909  -13.589 -12.271 1.00 43.98 ? 108 GLU A CA  1 
ATOM   803 C C   . GLU A 1 112 ? -4.691  -13.661 -10.771 1.00 45.13 ? 108 GLU A C   1 
ATOM   804 O O   . GLU A 1 112 ? -3.921  -12.884 -10.190 1.00 42.21 ? 108 GLU A O   1 
ATOM   805 C CB  . GLU A 1 112 ? -3.761  -14.288 -13.019 1.00 47.79 ? 108 GLU A CB  1 
ATOM   806 C CG  . GLU A 1 112 ? -2.958  -13.382 -13.953 1.00 49.90 ? 108 GLU A CG  1 
ATOM   807 C CD  . GLU A 1 112 ? -2.742  -13.978 -15.330 0.00 50.29 ? 108 GLU A CD  1 
ATOM   808 O OE1 . GLU A 1 112 ? -3.566  -14.811 -15.768 0.00 50.56 ? 108 GLU A OE1 1 
ATOM   809 O OE2 . GLU A 1 112 ? -1.757  -13.585 -15.991 0.00 50.56 ? 108 GLU A OE2 1 
ATOM   810 N N   . THR A 1 113 ? -5.428  -14.581 -10.163 1.00 47.08 ? 109 THR A N   1 
ATOM   811 C CA  . THR A 1 113 ? -5.394  -14.836 -8.736  1.00 50.89 ? 109 THR A CA  1 
ATOM   812 C C   . THR A 1 113 ? -4.452  -16.028 -8.520  1.00 54.67 ? 109 THR A C   1 
ATOM   813 O O   . THR A 1 113 ? -3.881  -16.177 -7.411  1.00 57.08 ? 109 THR A O   1 
ATOM   814 C CB  . THR A 1 113 ? -6.810  -15.209 -8.257  1.00 52.60 ? 109 THR A CB  1 
ATOM   815 O OG1 . THR A 1 113 ? -7.752  -14.276 -8.804  1.00 50.11 ? 109 THR A OG1 1 
ATOM   816 C CG2 . THR A 1 113 ? -6.911  -15.188 -6.727  1.00 58.61 ? 109 THR A CG2 1 
ATOM   817 N N   . THR A 1 118 ? 10.418  6.862   -11.517 0.00 35.89 ? 114 THR A N   1 
ATOM   818 C CA  . THR A 1 118 ? 10.311  6.131   -10.230 0.00 35.80 ? 114 THR A CA  1 
ATOM   819 C C   . THR A 1 118 ? 9.873   7.121   -9.152  1.00 36.39 ? 114 THR A C   1 
ATOM   820 O O   . THR A 1 118 ? 10.049  8.334   -9.316  1.00 36.75 ? 114 THR A O   1 
ATOM   821 C CB  . THR A 1 118 ? 11.659  5.461   -9.859  0.00 34.96 ? 114 THR A CB  1 
ATOM   822 O OG1 . THR A 1 118 ? 11.486  4.577   -8.750  0.00 34.03 ? 114 THR A OG1 1 
ATOM   823 C CG2 . THR A 1 118 ? 12.711  6.519   -9.528  0.00 34.03 ? 114 THR A CG2 1 
ATOM   824 N N   . LEU A 1 119 ? 9.263   6.596   -8.088  1.00 35.37 ? 115 LEU A N   1 
ATOM   825 C CA  . LEU A 1 119 ? 8.758   7.389   -6.967  1.00 32.08 ? 115 LEU A CA  1 
ATOM   826 C C   . LEU A 1 119 ? 9.751   7.391   -5.802  1.00 32.05 ? 115 LEU A C   1 
ATOM   827 O O   . LEU A 1 119 ? 9.631   8.249   -4.895  1.00 28.08 ? 115 LEU A O   1 
ATOM   828 C CB  . LEU A 1 119 ? 7.423   6.814   -6.490  1.00 26.86 ? 115 LEU A CB  1 
ATOM   829 C CG  . LEU A 1 119 ? 6.320   6.700   -7.557  1.00 22.73 ? 115 LEU A CG  1 
ATOM   830 C CD1 . LEU A 1 119 ? 5.383   5.547   -7.230  1.00 21.04 ? 115 LEU A CD1 1 
ATOM   831 C CD2 . LEU A 1 119 ? 5.585   8.027   -7.692  1.00 19.66 ? 115 LEU A CD2 1 
ATOM   832 O OXT . LEU A 1 119 ? 10.670  6.536   -5.800  1.00 33.11 ? 115 LEU A OXT 1 
HETATM 833 C C1  . NAG B 2 .   ? 6.412   -10.202 -10.510 1.00 53.57 ? 201 NAG A C1  1 
HETATM 834 C C2  . NAG B 2 .   ? 7.307   -11.391 -10.832 1.00 64.33 ? 201 NAG A C2  1 
HETATM 835 C C3  . NAG B 2 .   ? 8.745   -10.889 -10.786 1.00 70.29 ? 201 NAG A C3  1 
HETATM 836 C C4  . NAG B 2 .   ? 8.893   -9.864  -11.919 1.00 68.15 ? 201 NAG A C4  1 
HETATM 837 C C5  . NAG B 2 .   ? 7.826   -8.733  -11.826 1.00 63.31 ? 201 NAG A C5  1 
HETATM 838 C C6  . NAG B 2 .   ? 7.710   -7.913  -13.120 1.00 66.31 ? 201 NAG A C6  1 
HETATM 839 C C7  . NAG B 2 .   ? 7.336   -12.605 -8.692  1.00 65.67 ? 201 NAG A C7  1 
HETATM 840 C C8  . NAG B 2 .   ? 6.942   -13.891 -7.994  1.00 60.88 ? 201 NAG A C8  1 
HETATM 841 N N2  . NAG B 2 .   ? 7.031   -12.554 -9.984  1.00 65.55 ? 201 NAG A N2  1 
HETATM 842 O O3  . NAG B 2 .   ? 9.663   -11.963 -10.965 1.00 79.19 ? 201 NAG A O3  1 
HETATM 843 O O4  . NAG B 2 .   ? 10.206  -9.305  -11.884 1.00 74.74 ? 201 NAG A O4  1 
HETATM 844 O O5  . NAG B 2 .   ? 6.494   -9.255  -11.581 1.00 57.77 ? 201 NAG A O5  1 
HETATM 845 O O6  . NAG B 2 .   ? 8.774   -8.173  -14.027 1.00 72.11 ? 201 NAG A O6  1 
HETATM 846 O O7  . NAG B 2 .   ? 7.898   -11.698 -8.079  1.00 70.80 ? 201 NAG A O7  1 
HETATM 847 O O   . HOH C 3 .   ? -2.034  4.781   0.067   1.00 11.45 ? 301 HOH A O   1 
HETATM 848 O O   . HOH C 3 .   ? 6.654   5.235   7.906   1.00 9.45  ? 302 HOH A O   1 
HETATM 849 O O   . HOH C 3 .   ? 6.575   4.148   0.268   1.00 8.93  ? 303 HOH A O   1 
HETATM 850 O O   . HOH C 3 .   ? 0.601   9.909   1.672   1.00 11.67 ? 304 HOH A O   1 
HETATM 851 O O   . HOH C 3 .   ? 3.149   15.719  0.863   1.00 18.33 ? 305 HOH A O   1 
HETATM 852 O O   . HOH C 3 .   ? -9.255  6.456   3.212   1.00 24.45 ? 306 HOH A O   1 
HETATM 853 O O   . HOH C 3 .   ? -7.920  13.376  3.013   1.00 22.27 ? 307 HOH A O   1 
HETATM 854 O O   . HOH C 3 .   ? -4.322  6.528   -4.696  1.00 18.62 ? 308 HOH A O   1 
HETATM 855 O O   . HOH C 3 .   ? 7.890   10.108  -4.670  1.00 26.14 ? 309 HOH A O   1 
HETATM 856 O O   . HOH C 3 .   ? 2.990   -10.807 0.139   1.00 30.70 ? 310 HOH A O   1 
HETATM 857 O O   . HOH C 3 .   ? -6.967  15.435  1.709   1.00 29.06 ? 311 HOH A O   1 
HETATM 858 O O   . HOH C 3 .   ? -9.111  -5.366  -0.927  1.00 27.64 ? 312 HOH A O   1 
HETATM 859 O O   . HOH C 3 .   ? -11.455 3.683   2.314   1.00 30.98 ? 313 HOH A O   1 
HETATM 860 O O   . HOH C 3 .   ? 4.859   0.896   -11.960 1.00 30.11 ? 314 HOH A O   1 
HETATM 861 O O   . HOH C 3 .   ? -3.714  -8.229  3.729   1.00 33.44 ? 315 HOH A O   1 
HETATM 862 O O   . HOH C 3 .   ? 2.936   7.058   -10.441 1.00 27.06 ? 316 HOH A O   1 
HETATM 863 O O   . HOH C 3 .   ? 1.733   -13.402 0.361   1.00 40.33 ? 317 HOH A O   1 
HETATM 864 O O   . HOH C 3 .   ? -12.672 5.099   0.239   1.00 34.64 ? 318 HOH A O   1 
HETATM 865 O O   . HOH C 3 .   ? -2.994  16.097  0.524   1.00 46.68 ? 319 HOH A O   1 
HETATM 866 O O   . HOH C 3 .   ? -10.320 -0.942  -5.441  1.00 30.52 ? 320 HOH A O   1 
HETATM 867 O O   . HOH C 3 .   ? -0.997  9.813   -10.239 1.00 49.49 ? 321 HOH A O   1 
HETATM 868 O O   . HOH C 3 .   ? 12.491  2.195   -3.677  1.00 30.85 ? 322 HOH A O   1 
HETATM 869 O O   . HOH C 3 .   ? 10.851  -2.629  -7.965  1.00 54.28 ? 323 HOH A O   1 
HETATM 870 O O   . HOH C 3 .   ? 14.479  -11.317 0.936   1.00 34.58 ? 324 HOH A O   1 
HETATM 871 O O   . HOH C 3 .   ? -3.590  14.908  4.227   1.00 40.36 ? 325 HOH A O   1 
HETATM 872 O O   . HOH C 3 .   ? 9.525   -14.300 4.272   1.00 41.93 ? 326 HOH A O   1 
HETATM 873 O O   . HOH C 3 .   ? -2.201  18.250  5.861   1.00 50.64 ? 327 HOH A O   1 
HETATM 874 O O   . HOH C 3 .   ? 9.468   0.203   -9.645  1.00 27.21 ? 328 HOH A O   1 
HETATM 875 O O   . HOH C 3 .   ? 7.028   -1.254  8.132   1.00 41.26 ? 329 HOH A O   1 
HETATM 876 O O   . HOH C 3 .   ? 1.158   9.934   10.154  1.00 37.18 ? 330 HOH A O   1 
HETATM 877 O O   . HOH C 3 .   ? -1.683  6.118   -6.109  1.00 32.99 ? 331 HOH A O   1 
HETATM 878 O O   . HOH C 3 .   ? -13.450 0.866   -2.888  1.00 39.04 ? 332 HOH A O   1 
HETATM 879 O O   . HOH C 3 .   ? 1.149   -15.594 -2.271  1.00 48.73 ? 333 HOH A O   1 
HETATM 880 O O   . HOH C 3 .   ? 4.881   11.771  11.813  1.00 38.42 ? 334 HOH A O   1 
HETATM 881 O O   . HOH C 3 .   ? 5.120   -11.802 -1.668  1.00 36.02 ? 335 HOH A O   1 
HETATM 882 O O   . HOH C 3 .   ? -7.089  14.965  5.447   1.00 29.48 ? 336 HOH A O   1 
HETATM 883 O O   . HOH C 3 .   ? -12.003 -3.519  4.983   1.00 53.23 ? 337 HOH A O   1 
HETATM 884 O O   . HOH C 3 .   ? -1.506  -9.200  8.547   1.00 40.94 ? 338 HOH A O   1 
HETATM 885 O O   . HOH C 3 .   ? 6.224   -14.425 3.918   1.00 42.31 ? 339 HOH A O   1 
HETATM 886 O O   . HOH C 3 .   ? 1.616   12.971  8.043   1.00 59.90 ? 340 HOH A O   1 
HETATM 887 O O   . HOH C 3 .   ? -8.890  5.592   6.440   1.00 58.36 ? 341 HOH A O   1 
HETATM 888 O O   . HOH C 3 .   ? -12.127 -2.475  9.803   1.00 42.65 ? 342 HOH A O   1 
HETATM 889 O O   . HOH C 3 .   ? 6.517   -11.313 6.415   1.00 34.38 ? 343 HOH A O   1 
HETATM 890 O O   . HOH C 3 .   ? -10.626 9.948   -3.249  1.00 35.64 ? 344 HOH A O   1 
HETATM 891 O O   . HOH C 3 .   ? -5.123  1.282   -13.925 1.00 39.63 ? 345 HOH A O   1 
HETATM 892 O O   . HOH C 3 .   ? -3.018  3.605   14.620  1.00 39.30 ? 346 HOH A O   1 
HETATM 893 O O   . HOH C 3 .   ? 3.245   17.218  -1.738  1.00 44.49 ? 347 HOH A O   1 
HETATM 894 O O   . HOH C 3 .   ? -1.048  11.810  9.283   1.00 41.91 ? 348 HOH A O   1 
HETATM 895 O O   . HOH C 3 .   ? -9.563  -6.358  -3.315  1.00 53.50 ? 349 HOH A O   1 
HETATM 896 O O   . HOH C 3 .   ? 12.133  -5.238  4.280   1.00 49.49 ? 350 HOH A O   1 
HETATM 897 O O   . HOH C 3 .   ? -13.168 -6.553  -10.033 1.00 44.40 ? 351 HOH A O   1 
HETATM 898 O O   . HOH C 3 .   ? 11.850  -2.140  -2.311  1.00 38.16 ? 352 HOH A O   1 
HETATM 899 O O   . HOH C 3 .   ? -0.669  -15.380 -4.708  1.00 57.13 ? 353 HOH A O   1 
HETATM 900 O O   . HOH C 3 .   ? 8.653   3.406   -8.484  1.00 50.80 ? 354 HOH A O   1 
HETATM 901 O O   . HOH C 3 .   ? -13.863 1.532   -6.235  1.00 46.86 ? 355 HOH A O   1 
HETATM 902 O O   . HOH C 3 .   ? -13.126 -5.943  -12.809 1.00 47.37 ? 356 HOH A O   1 
HETATM 903 O O   . HOH C 3 .   ? 11.449  3.878   -6.159  1.00 52.70 ? 357 HOH A O   1 
# 
